data_6ZZ3
#
_entry.id   6ZZ3
#
_cell.length_a   57.000
_cell.length_b   61.890
_cell.length_c   177.260
_cell.angle_alpha   90.000
_cell.angle_beta   97.110
_cell.angle_gamma   90.000
#
_symmetry.space_group_name_H-M   'P 1 21 1'
#
loop_
_entity.id
_entity.type
_entity.pdbx_description
1 polymer Endoglucanase
2 branched beta-D-glucopyranose-(1-4)-beta-D-glucopyranose-(1-4)-alpha-D-glucopyranose
3 non-polymer 2-AMINO-2-HYDROXYMETHYL-PROPANE-1,3-DIOL
4 water water
#
_entity_poly.entity_id   1
_entity_poly.type   'polypeptide(L)'
_entity_poly.pdbx_seq_one_letter_code
;SVDLIGINVAGAEFTGGKLPGKHGTHYFFPPEGYFEYWSEQGIHTVRFPLKWERLQPSLNAELDDVYASLVDDMLDQAKE
NDIKVILDVHNYARYRKKVIGTEDVPVSAYQDLMERIAKRWQGHDALFAYDIMNEPYGSADKLWPAAAQAGIDGVRKYDK
KRPLLIEGASWSSAARWPRYADELLKLKDPADNMVFSAHVFIDEDASGSYKKGPGKDFEPMIGVKRVEPFVNWLKEHGKK
GHIGEFGIPNDDERWLDAMDKLLAYLNENCIPINYWAAGPSWGNYKLSIEPKDGEKRPQVALLKKYAAKDNCSDFGPAKA
;
_entity_poly.pdbx_strand_id   A,B,C,D
#
loop_
_chem_comp.id
_chem_comp.type
_chem_comp.name
_chem_comp.formula
BGC D-saccharide, beta linking beta-D-glucopyranose 'C6 H12 O6'
GLC D-saccharide, alpha linking alpha-D-glucopyranose 'C6 H12 O6'
TRS non-polymer 2-AMINO-2-HYDROXYMETHYL-PROPANE-1,3-DIOL 'C4 H12 N O3 1'
#
# COMPACT_ATOMS: atom_id res chain seq x y z
CA SER A 1 19.01 -20.12 41.53
C SER A 1 17.86 -21.01 41.05
N VAL A 2 17.00 -20.46 40.21
CA VAL A 2 15.92 -21.20 39.56
C VAL A 2 15.97 -20.88 38.07
N ASP A 3 16.10 -21.92 37.25
CA ASP A 3 15.99 -21.75 35.81
C ASP A 3 14.54 -21.56 35.42
N LEU A 4 14.25 -20.52 34.64
CA LEU A 4 12.90 -20.33 34.14
C LEU A 4 12.53 -21.32 33.04
N ILE A 5 13.53 -21.91 32.37
CA ILE A 5 13.30 -22.77 31.21
C ILE A 5 13.79 -24.17 31.53
N GLY A 6 12.91 -25.15 31.37
CA GLY A 6 13.22 -26.55 31.63
C GLY A 6 12.35 -27.43 30.75
N ILE A 7 12.62 -28.72 30.82
CA ILE A 7 11.93 -29.70 30.01
C ILE A 7 11.58 -30.91 30.87
N ASN A 8 10.45 -31.52 30.55
CA ASN A 8 10.15 -32.87 31.01
C ASN A 8 10.97 -33.86 30.19
N VAL A 9 11.53 -34.86 30.86
CA VAL A 9 12.13 -36.02 30.20
C VAL A 9 11.28 -37.23 30.56
N ALA A 10 10.40 -37.62 29.65
CA ALA A 10 9.39 -38.65 29.95
C ALA A 10 9.85 -40.02 29.44
N GLY A 11 9.27 -41.07 30.04
CA GLY A 11 9.64 -42.41 29.64
C GLY A 11 9.63 -43.41 30.77
N ALA A 12 10.09 -43.02 31.95
CA ALA A 12 10.14 -43.99 33.04
C ALA A 12 8.74 -44.37 33.52
N GLU A 13 7.72 -43.61 33.14
CA GLU A 13 6.35 -43.84 33.57
C GLU A 13 5.47 -44.49 32.50
N PHE A 14 6.00 -44.79 31.33
CA PHE A 14 5.21 -45.27 30.21
C PHE A 14 4.59 -46.64 30.50
N THR A 15 3.54 -46.96 29.73
CA THR A 15 2.85 -48.25 29.73
C THR A 15 2.42 -48.64 31.15
N GLY A 16 1.49 -47.85 31.69
CA GLY A 16 0.99 -48.09 33.03
C GLY A 16 0.36 -49.46 33.22
N GLY A 17 -0.08 -50.10 32.15
CA GLY A 17 -0.70 -51.41 32.25
C GLY A 17 0.26 -52.55 32.53
N LYS A 18 1.56 -52.33 32.30
CA LYS A 18 2.57 -53.36 32.51
C LYS A 18 3.32 -53.04 33.79
N LEU A 19 2.93 -53.72 34.87
CA LEU A 19 3.54 -53.58 36.17
C LEU A 19 4.05 -54.94 36.63
N PRO A 20 5.33 -55.07 36.99
CA PRO A 20 6.31 -53.98 37.09
C PRO A 20 6.81 -53.53 35.73
N GLY A 21 6.70 -54.39 34.73
CA GLY A 21 7.20 -54.10 33.40
C GLY A 21 8.69 -54.26 33.31
N LYS A 22 9.18 -54.22 32.07
CA LYS A 22 10.59 -54.43 31.78
C LYS A 22 11.18 -53.17 31.16
N HIS A 23 12.31 -52.72 31.70
CA HIS A 23 13.01 -51.59 31.13
C HIS A 23 13.48 -51.92 29.71
N GLY A 24 13.27 -50.97 28.80
CA GLY A 24 13.57 -51.18 27.40
C GLY A 24 12.43 -51.72 26.58
N THR A 25 11.37 -52.20 27.23
CA THR A 25 10.20 -52.71 26.52
C THR A 25 8.96 -51.87 26.77
N HIS A 26 8.64 -51.61 28.04
CA HIS A 26 7.45 -50.84 28.38
C HIS A 26 7.75 -49.44 28.87
N TYR A 27 8.91 -49.23 29.50
CA TYR A 27 9.31 -47.91 29.98
C TYR A 27 10.79 -47.72 29.67
N PHE A 28 11.23 -46.47 29.71
CA PHE A 28 12.54 -46.13 29.17
C PHE A 28 13.16 -45.03 30.00
N PHE A 29 14.42 -45.25 30.44
CA PHE A 29 15.26 -44.24 31.06
C PHE A 29 16.26 -43.67 30.06
N PRO A 30 16.79 -42.47 30.29
CA PRO A 30 17.74 -41.89 29.32
C PRO A 30 18.99 -42.75 29.18
N PRO A 31 19.37 -43.06 27.95
CA PRO A 31 20.61 -43.82 27.74
C PRO A 31 21.84 -42.96 28.02
N GLU A 32 23.03 -43.55 27.92
CA GLU A 32 24.25 -42.78 28.11
C GLU A 32 24.39 -41.72 27.03
N GLY A 33 24.78 -40.53 27.44
CA GLY A 33 24.92 -39.40 26.54
C GLY A 33 23.65 -38.64 26.27
N TYR A 34 22.51 -39.04 26.85
CA TYR A 34 21.25 -38.35 26.60
C TYR A 34 21.29 -36.90 27.10
N PHE A 35 21.74 -36.70 28.35
CA PHE A 35 21.66 -35.37 28.94
C PHE A 35 22.69 -34.42 28.33
N GLU A 36 23.73 -34.96 27.69
CA GLU A 36 24.74 -34.12 27.07
C GLU A 36 24.14 -33.24 25.97
N TYR A 37 23.22 -33.80 25.19
CA TYR A 37 22.61 -33.03 24.10
C TYR A 37 21.85 -31.84 24.65
N TRP A 38 21.04 -32.07 25.70
CA TRP A 38 20.21 -31.01 26.23
C TRP A 38 21.04 -29.97 26.97
N SER A 39 22.07 -30.42 27.69
CA SER A 39 22.98 -29.48 28.32
C SER A 39 23.60 -28.54 27.29
N GLU A 40 24.08 -29.10 26.18
CA GLU A 40 24.69 -28.28 25.13
C GLU A 40 23.67 -27.43 24.41
N GLN A 41 22.37 -27.77 24.50
CA GLN A 41 21.35 -26.87 23.99
C GLN A 41 21.08 -25.69 24.91
N GLY A 42 21.68 -25.66 26.11
CA GLY A 42 21.43 -24.60 27.05
C GLY A 42 20.29 -24.85 28.02
N ILE A 43 19.80 -26.09 28.12
CA ILE A 43 18.74 -26.48 29.05
C ILE A 43 19.38 -27.16 30.25
N HIS A 44 19.08 -26.69 31.46
CA HIS A 44 19.75 -27.20 32.65
C HIS A 44 18.82 -27.70 33.75
N THR A 45 17.51 -27.70 33.53
CA THR A 45 16.55 -28.20 34.51
C THR A 45 15.63 -29.18 33.80
N VAL A 46 15.43 -30.34 34.44
CA VAL A 46 14.66 -31.45 33.87
C VAL A 46 13.62 -31.89 34.91
N ARG A 47 12.37 -32.05 34.46
CA ARG A 47 11.34 -32.71 35.25
C ARG A 47 11.24 -34.17 34.79
N PHE A 48 11.30 -35.10 35.75
CA PHE A 48 11.42 -36.52 35.44
C PHE A 48 10.28 -37.35 36.03
N PRO A 49 9.31 -37.76 35.21
CA PRO A 49 8.21 -38.60 35.72
C PRO A 49 8.71 -39.97 36.16
N LEU A 50 8.15 -40.45 37.27
CA LEU A 50 8.35 -41.81 37.75
C LEU A 50 7.01 -42.43 38.07
N LYS A 51 6.93 -43.77 37.99
CA LYS A 51 5.72 -44.50 38.29
C LYS A 51 5.80 -45.08 39.70
N TRP A 52 4.86 -44.68 40.55
CA TRP A 52 4.84 -45.11 41.95
C TRP A 52 4.82 -46.64 42.05
N GLU A 53 4.01 -47.30 41.22
CA GLU A 53 3.88 -48.75 41.30
C GLU A 53 5.20 -49.46 41.01
N ARG A 54 6.04 -48.87 40.16
CA ARG A 54 7.35 -49.47 39.87
C ARG A 54 8.38 -49.12 40.94
N LEU A 55 8.33 -47.90 41.50
CA LEU A 55 9.27 -47.57 42.59
C LEU A 55 8.95 -48.34 43.87
N GLN A 56 7.67 -48.53 44.16
CA GLN A 56 7.24 -49.18 45.40
C GLN A 56 6.18 -50.21 45.04
N PRO A 57 6.58 -51.42 44.63
CA PRO A 57 5.58 -52.44 44.26
C PRO A 57 4.73 -52.92 45.42
N SER A 58 5.12 -52.66 46.66
CA SER A 58 4.24 -52.96 47.78
C SER A 58 4.17 -51.75 48.69
N LEU A 59 2.96 -51.43 49.13
CA LEU A 59 2.78 -50.28 50.01
C LEU A 59 3.53 -50.51 51.33
N ASN A 60 4.14 -49.45 51.85
CA ASN A 60 4.87 -49.39 53.12
C ASN A 60 6.15 -50.21 53.14
N ALA A 61 6.57 -50.81 52.03
CA ALA A 61 7.78 -51.61 51.94
C ALA A 61 8.88 -50.83 51.24
N GLU A 62 10.08 -51.40 51.20
CA GLU A 62 11.17 -50.62 50.62
C GLU A 62 11.02 -50.51 49.10
N LEU A 63 11.73 -49.53 48.56
CA LEU A 63 11.70 -49.26 47.14
C LEU A 63 12.31 -50.42 46.35
N ASP A 64 11.76 -50.65 45.17
CA ASP A 64 12.31 -51.68 44.30
C ASP A 64 13.75 -51.33 43.90
N ASP A 65 14.66 -52.28 44.08
CA ASP A 65 16.07 -51.97 43.86
C ASP A 65 16.36 -51.69 42.39
N VAL A 66 15.74 -52.47 41.49
CA VAL A 66 16.00 -52.32 40.05
C VAL A 66 15.53 -50.94 39.57
N TYR A 67 14.26 -50.61 39.83
CA TYR A 67 13.71 -49.35 39.35
C TYR A 67 14.43 -48.16 40.00
N ALA A 68 14.64 -48.23 41.32
CA ALA A 68 15.32 -47.14 42.01
C ALA A 68 16.76 -46.97 41.54
N SER A 69 17.45 -48.05 41.18
CA SER A 69 18.82 -47.90 40.68
C SER A 69 18.85 -47.19 39.34
N LEU A 70 17.84 -47.43 38.49
CA LEU A 70 17.73 -46.66 37.25
C LEU A 70 17.58 -45.17 37.54
N VAL A 71 16.84 -44.81 38.60
CA VAL A 71 16.77 -43.40 39.00
C VAL A 71 18.14 -42.92 39.49
N ASP A 72 18.83 -43.73 40.31
CA ASP A 72 20.20 -43.42 40.75
C ASP A 72 21.08 -43.06 39.55
N ASP A 73 21.10 -43.94 38.53
CA ASP A 73 21.95 -43.74 37.35
C ASP A 73 21.55 -42.47 36.60
N MET A 74 20.25 -42.25 36.42
CA MET A 74 19.79 -41.05 35.74
C MET A 74 20.30 -39.80 36.46
N LEU A 75 20.17 -39.79 37.79
CA LEU A 75 20.64 -38.65 38.57
C LEU A 75 22.16 -38.48 38.45
N ASP A 76 22.89 -39.60 38.38
CA ASP A 76 24.33 -39.55 38.15
C ASP A 76 24.65 -38.90 36.81
N GLN A 77 23.97 -39.32 35.73
CA GLN A 77 24.20 -38.71 34.43
C GLN A 77 23.86 -37.23 34.46
N ALA A 78 22.73 -36.88 35.09
CA ALA A 78 22.36 -35.48 35.22
C ALA A 78 23.44 -34.68 35.94
N LYS A 79 24.00 -35.23 37.02
CA LYS A 79 25.04 -34.51 37.73
C LYS A 79 26.25 -34.26 36.82
N GLU A 80 26.66 -35.28 36.06
CA GLU A 80 27.82 -35.14 35.19
CA GLU A 80 27.81 -35.16 35.17
C GLU A 80 27.61 -34.05 34.13
N ASN A 81 26.36 -33.78 33.75
CA ASN A 81 26.06 -32.82 32.69
C ASN A 81 25.40 -31.54 33.21
N ASP A 82 25.54 -31.26 34.51
CA ASP A 82 25.02 -30.03 35.12
C ASP A 82 23.51 -29.86 34.90
N ILE A 83 22.76 -30.93 35.10
CA ILE A 83 21.31 -30.92 34.96
C ILE A 83 20.69 -31.00 36.36
N LYS A 84 19.77 -30.09 36.65
CA LYS A 84 19.00 -30.15 37.88
C LYS A 84 17.68 -30.89 37.63
N VAL A 85 17.33 -31.81 38.52
CA VAL A 85 16.24 -32.76 38.28
C VAL A 85 15.14 -32.55 39.31
N ILE A 86 13.91 -32.36 38.81
CA ILE A 86 12.70 -32.41 39.62
C ILE A 86 12.11 -33.81 39.47
N LEU A 87 12.11 -34.58 40.55
CA LEU A 87 11.46 -35.90 40.52
C LEU A 87 9.95 -35.70 40.61
N ASP A 88 9.21 -36.36 39.70
CA ASP A 88 7.76 -36.24 39.58
C ASP A 88 7.16 -37.62 39.78
N VAL A 89 6.34 -37.76 40.82
CA VAL A 89 5.57 -38.99 41.05
C VAL A 89 4.31 -38.88 40.19
N HIS A 90 4.32 -39.57 39.05
CA HIS A 90 3.39 -39.29 37.95
C HIS A 90 2.13 -40.17 38.08
N ASN A 91 1.35 -39.97 39.15
CA ASN A 91 0.36 -41.00 39.48
C ASN A 91 -1.07 -40.52 39.69
N TYR A 92 -1.37 -39.24 39.43
CA TYR A 92 -2.75 -38.76 39.42
C TYR A 92 -3.45 -39.02 40.75
N ALA A 93 -2.66 -38.99 41.83
CA ALA A 93 -3.14 -39.19 43.20
C ALA A 93 -3.76 -40.57 43.41
N ARG A 94 -3.29 -41.57 42.66
CA ARG A 94 -3.78 -42.94 42.73
C ARG A 94 -2.63 -43.94 42.81
N TYR A 95 -2.89 -45.08 43.45
CA TYR A 95 -1.95 -46.19 43.48
C TYR A 95 -2.69 -47.46 43.07
N ARG A 96 -2.24 -48.09 41.98
CA ARG A 96 -2.98 -49.18 41.35
C ARG A 96 -4.45 -48.80 41.18
N LYS A 97 -4.66 -47.60 40.63
CA LYS A 97 -5.96 -47.03 40.26
C LYS A 97 -6.84 -46.63 41.43
N LYS A 98 -6.35 -46.68 42.66
CA LYS A 98 -7.15 -46.32 43.83
C LYS A 98 -6.65 -45.02 44.44
N VAL A 99 -7.60 -44.18 44.84
CA VAL A 99 -7.28 -42.81 45.25
C VAL A 99 -6.60 -42.79 46.62
N ILE A 100 -5.62 -41.89 46.77
CA ILE A 100 -4.97 -41.71 48.07
C ILE A 100 -5.99 -41.17 49.07
N GLY A 101 -6.11 -41.84 50.21
CA GLY A 101 -7.11 -41.52 51.20
C GLY A 101 -8.25 -42.51 51.28
N THR A 102 -8.38 -43.41 50.30
CA THR A 102 -9.35 -44.49 50.42
C THR A 102 -8.78 -45.57 51.34
N GLU A 103 -9.58 -46.60 51.63
CA GLU A 103 -9.13 -47.60 52.59
C GLU A 103 -7.94 -48.38 52.05
N ASP A 104 -7.91 -48.63 50.73
CA ASP A 104 -6.83 -49.38 50.14
CA ASP A 104 -6.83 -49.38 50.14
C ASP A 104 -5.55 -48.56 50.00
N VAL A 105 -5.63 -47.23 49.96
CA VAL A 105 -4.42 -46.42 49.88
C VAL A 105 -4.55 -45.26 50.85
N PRO A 106 -4.31 -45.49 52.15
CA PRO A 106 -4.38 -44.41 53.12
C PRO A 106 -3.23 -43.42 52.94
N VAL A 107 -3.43 -42.21 53.46
CA VAL A 107 -2.40 -41.16 53.30
C VAL A 107 -1.08 -41.59 53.94
N SER A 108 -1.12 -42.46 54.95
CA SER A 108 0.13 -42.88 55.60
C SER A 108 1.00 -43.69 54.64
N ALA A 109 0.40 -44.45 53.73
CA ALA A 109 1.18 -45.11 52.69
C ALA A 109 1.80 -44.09 51.74
N TYR A 110 1.07 -43.02 51.39
CA TYR A 110 1.65 -42.01 50.53
C TYR A 110 2.76 -41.27 51.26
N GLN A 111 2.55 -40.97 52.54
CA GLN A 111 3.61 -40.37 53.33
C GLN A 111 4.85 -41.26 53.33
N ASP A 112 4.64 -42.58 53.44
CA ASP A 112 5.77 -43.51 53.46
C ASP A 112 6.55 -43.47 52.15
N LEU A 113 5.85 -43.37 51.02
CA LEU A 113 6.54 -43.25 49.73
C LEU A 113 7.45 -42.03 49.72
N MET A 114 6.92 -40.89 50.14
CA MET A 114 7.68 -39.65 50.05
C MET A 114 8.86 -39.63 51.02
N GLU A 115 8.71 -40.26 52.19
CA GLU A 115 9.83 -40.43 53.12
C GLU A 115 10.99 -41.18 52.47
N ARG A 116 10.69 -42.32 51.85
CA ARG A 116 11.73 -43.15 51.24
C ARG A 116 12.37 -42.44 50.05
N ILE A 117 11.58 -41.68 49.28
CA ILE A 117 12.14 -40.96 48.14
C ILE A 117 13.16 -39.95 48.62
N ALA A 118 12.76 -39.13 49.61
CA ALA A 118 13.64 -38.12 50.14
C ALA A 118 14.83 -38.75 50.84
N LYS A 119 14.59 -39.81 51.62
CA LYS A 119 15.72 -40.46 52.29
C LYS A 119 16.74 -40.94 51.29
N ARG A 120 16.28 -41.53 50.18
CA ARG A 120 17.22 -42.09 49.23
C ARG A 120 17.97 -41.03 48.42
N TRP A 121 17.35 -39.89 48.11
CA TRP A 121 17.96 -38.97 47.18
C TRP A 121 18.20 -37.56 47.71
N GLN A 122 17.91 -37.30 48.99
CA GLN A 122 18.20 -35.98 49.58
C GLN A 122 19.67 -35.60 49.41
N GLY A 123 20.58 -36.58 49.38
CA GLY A 123 21.99 -36.31 49.26
C GLY A 123 22.52 -36.19 47.85
N HIS A 124 21.69 -36.41 46.82
CA HIS A 124 22.20 -36.35 45.46
C HIS A 124 22.18 -34.91 44.97
N ASP A 125 23.35 -34.41 44.53
CA ASP A 125 23.45 -33.01 44.13
C ASP A 125 22.60 -32.70 42.91
N ALA A 126 22.33 -33.69 42.06
CA ALA A 126 21.51 -33.44 40.87
C ALA A 126 20.04 -33.20 41.22
N LEU A 127 19.59 -33.65 42.38
CA LEU A 127 18.18 -33.48 42.77
C LEU A 127 17.92 -32.01 43.10
N PHE A 128 16.93 -31.44 42.43
CA PHE A 128 16.59 -30.04 42.64
C PHE A 128 15.32 -29.84 43.45
N ALA A 129 14.24 -30.60 43.17
CA ALA A 129 12.97 -30.43 43.86
C ALA A 129 12.15 -31.71 43.74
N TYR A 130 11.05 -31.74 44.50
CA TYR A 130 10.10 -32.87 44.47
C TYR A 130 8.74 -32.38 44.00
N ASP A 131 8.30 -32.88 42.84
CA ASP A 131 6.93 -32.69 42.38
C ASP A 131 6.13 -33.87 42.93
N ILE A 132 5.46 -33.66 44.06
CA ILE A 132 5.08 -34.82 44.87
C ILE A 132 3.95 -35.66 44.24
N MET A 133 3.18 -35.10 43.30
CA MET A 133 2.12 -35.84 42.62
C MET A 133 1.72 -35.13 41.32
N ASN A 134 1.68 -35.88 40.23
CA ASN A 134 1.23 -35.33 38.96
C ASN A 134 -0.29 -35.44 38.86
N GLU A 135 -0.96 -34.28 38.71
CA GLU A 135 -2.34 -34.15 38.28
C GLU A 135 -3.35 -35.00 39.04
N PRO A 136 -3.66 -34.66 40.29
CA PRO A 136 -4.88 -35.23 40.89
C PRO A 136 -6.09 -34.77 40.09
N TYR A 137 -7.07 -35.66 39.97
CA TYR A 137 -8.29 -35.34 39.23
C TYR A 137 -9.45 -36.21 39.72
N GLY A 138 -10.67 -35.76 39.37
CA GLY A 138 -11.85 -36.58 39.60
C GLY A 138 -12.10 -36.83 41.07
N SER A 139 -12.35 -38.09 41.41
CA SER A 139 -12.65 -38.46 42.79
C SER A 139 -11.48 -38.22 43.73
N ALA A 140 -10.27 -37.93 43.22
CA ALA A 140 -9.15 -37.59 44.08
C ALA A 140 -9.17 -36.15 44.56
N ASP A 141 -9.97 -35.30 43.91
CA ASP A 141 -9.92 -33.86 44.13
C ASP A 141 -10.17 -33.50 45.60
N LYS A 142 -11.26 -34.00 46.20
CA LYS A 142 -11.61 -33.61 47.56
C LYS A 142 -10.63 -34.16 48.58
N LEU A 143 -10.04 -35.31 48.31
CA LEU A 143 -9.09 -35.94 49.21
C LEU A 143 -7.67 -35.45 48.99
N TRP A 144 -7.39 -34.70 47.92
CA TRP A 144 -6.01 -34.35 47.60
C TRP A 144 -5.33 -33.45 48.63
N PRO A 145 -5.98 -32.39 49.15
CA PRO A 145 -5.26 -31.55 50.13
C PRO A 145 -4.77 -32.31 51.35
N ALA A 146 -5.53 -33.30 51.83
CA ALA A 146 -5.03 -34.12 52.94
C ALA A 146 -3.88 -35.00 52.49
N ALA A 147 -3.97 -35.56 51.29
CA ALA A 147 -2.86 -36.34 50.76
C ALA A 147 -1.62 -35.48 50.58
N ALA A 148 -1.80 -34.24 50.09
CA ALA A 148 -0.66 -33.37 49.84
C ALA A 148 0.09 -33.08 51.14
N GLN A 149 -0.62 -32.80 52.23
CA GLN A 149 0.05 -32.56 53.51
C GLN A 149 0.85 -33.77 53.95
N ALA A 150 0.31 -34.98 53.73
CA ALA A 150 1.06 -36.19 54.05
C ALA A 150 2.33 -36.30 53.22
N GLY A 151 2.24 -36.01 51.91
CA GLY A 151 3.43 -36.02 51.08
C GLY A 151 4.48 -35.01 51.53
N ILE A 152 4.02 -33.80 51.86
CA ILE A 152 4.91 -32.78 52.41
C ILE A 152 5.59 -33.30 53.67
N ASP A 153 4.81 -33.83 54.60
CA ASP A 153 5.37 -34.38 55.84
C ASP A 153 6.37 -35.48 55.54
N GLY A 154 6.11 -36.30 54.53
CA GLY A 154 7.03 -37.38 54.19
C GLY A 154 8.40 -36.88 53.76
N VAL A 155 8.44 -35.94 52.82
CA VAL A 155 9.72 -35.40 52.36
C VAL A 155 10.42 -34.66 53.49
N ARG A 156 9.68 -33.84 54.24
CA ARG A 156 10.30 -32.95 55.20
C ARG A 156 10.91 -33.74 56.36
N LYS A 157 10.56 -35.00 56.53
CA LYS A 157 11.24 -35.81 57.54
C LYS A 157 12.72 -35.96 57.21
N TYR A 158 13.07 -35.99 55.91
CA TYR A 158 14.46 -36.20 55.52
C TYR A 158 15.08 -35.08 54.68
N ASP A 159 14.28 -34.21 54.08
CA ASP A 159 14.81 -33.12 53.26
C ASP A 159 14.14 -31.83 53.72
N LYS A 160 14.87 -31.02 54.47
CA LYS A 160 14.34 -29.80 55.06
C LYS A 160 14.66 -28.55 54.24
N LYS A 161 15.24 -28.71 53.05
CA LYS A 161 15.70 -27.56 52.29
C LYS A 161 15.01 -27.42 50.94
N ARG A 162 14.88 -28.51 50.19
CA ARG A 162 14.52 -28.42 48.77
C ARG A 162 13.07 -27.97 48.57
N PRO A 163 12.78 -27.28 47.47
CA PRO A 163 11.39 -26.88 47.20
C PRO A 163 10.49 -28.08 46.96
N LEU A 164 9.22 -27.92 47.33
CA LEU A 164 8.18 -28.91 47.10
C LEU A 164 7.24 -28.33 46.05
N LEU A 165 7.08 -29.02 44.93
CA LEU A 165 6.17 -28.57 43.90
C LEU A 165 4.82 -29.19 44.19
N ILE A 166 3.83 -28.36 44.51
CA ILE A 166 2.50 -28.80 44.93
C ILE A 166 1.53 -28.56 43.79
N GLU A 167 1.03 -29.63 43.19
CA GLU A 167 0.05 -29.50 42.12
C GLU A 167 -1.35 -29.40 42.73
N GLY A 168 -2.29 -28.96 41.88
CA GLY A 168 -3.66 -28.75 42.29
C GLY A 168 -4.62 -29.81 41.75
N ALA A 169 -5.86 -29.71 42.22
CA ALA A 169 -6.94 -30.55 41.78
C ALA A 169 -7.29 -30.25 40.32
N SER A 170 -8.11 -31.13 39.73
CA SER A 170 -8.58 -31.00 38.35
C SER A 170 -7.40 -30.94 37.37
N TRP A 171 -6.57 -31.98 37.40
CA TRP A 171 -5.36 -32.09 36.55
C TRP A 171 -4.45 -30.88 36.71
N SER A 172 -4.48 -30.27 37.89
CA SER A 172 -3.67 -29.09 38.22
C SER A 172 -3.83 -28.02 37.15
N SER A 173 -5.07 -27.86 36.67
CA SER A 173 -5.39 -26.92 35.61
C SER A 173 -5.10 -25.50 36.05
N ALA A 174 -4.29 -24.80 35.25
CA ALA A 174 -4.02 -23.38 35.51
C ALA A 174 -5.27 -22.53 35.26
N ALA A 175 -6.05 -22.88 34.22
CA ALA A 175 -7.23 -22.10 33.86
C ALA A 175 -8.31 -22.18 34.93
N ARG A 176 -8.52 -23.35 35.52
CA ARG A 176 -9.55 -23.52 36.54
C ARG A 176 -9.02 -23.39 37.94
N TRP A 177 -7.74 -23.02 38.08
CA TRP A 177 -7.05 -23.08 39.37
C TRP A 177 -7.81 -22.41 40.51
N PRO A 178 -8.26 -21.15 40.40
CA PRO A 178 -8.87 -20.49 41.57
C PRO A 178 -10.13 -21.17 42.06
N ARG A 179 -10.78 -21.99 41.23
CA ARG A 179 -12.00 -22.65 41.65
C ARG A 179 -11.74 -23.84 42.56
N TYR A 180 -10.47 -24.22 42.76
CA TYR A 180 -10.13 -25.35 43.62
C TYR A 180 -9.01 -25.08 44.60
N ALA A 181 -8.19 -24.06 44.39
CA ALA A 181 -6.90 -23.98 45.04
C ALA A 181 -7.00 -23.44 46.47
N ASP A 182 -8.16 -22.91 46.86
CA ASP A 182 -8.26 -22.32 48.18
C ASP A 182 -8.08 -23.38 49.27
N GLU A 183 -8.41 -24.64 48.97
CA GLU A 183 -8.19 -25.69 49.95
C GLU A 183 -6.72 -26.01 50.16
N LEU A 184 -5.84 -25.52 49.26
CA LEU A 184 -4.40 -25.69 49.42
C LEU A 184 -3.80 -24.63 50.33
N LEU A 185 -4.57 -23.59 50.69
CA LEU A 185 -4.03 -22.54 51.56
C LEU A 185 -3.73 -23.06 52.96
N LYS A 186 -4.39 -24.14 53.40
CA LYS A 186 -4.09 -24.72 54.70
C LYS A 186 -2.87 -25.63 54.72
N LEU A 187 -2.22 -25.86 53.58
CA LEU A 187 -1.02 -26.68 53.57
C LEU A 187 0.10 -25.98 54.32
N LYS A 188 0.89 -26.76 55.07
CA LYS A 188 1.96 -26.26 55.91
C LYS A 188 3.29 -26.91 55.54
N ASP A 189 4.34 -26.09 55.48
CA ASP A 189 5.71 -26.56 55.26
C ASP A 189 6.62 -25.84 56.23
N PRO A 190 7.21 -26.54 57.20
CA PRO A 190 8.09 -25.87 58.18
C PRO A 190 9.25 -25.14 57.54
N ALA A 191 9.68 -25.59 56.36
CA ALA A 191 10.80 -24.98 55.66
C ALA A 191 10.37 -23.80 54.78
N ASP A 192 9.06 -23.55 54.66
CA ASP A 192 8.54 -22.46 53.84
C ASP A 192 9.17 -22.46 52.44
N ASN A 193 9.19 -23.63 51.80
CA ASN A 193 9.71 -23.77 50.45
C ASN A 193 8.73 -24.56 49.58
N MET A 194 7.49 -24.08 49.54
CA MET A 194 6.43 -24.67 48.72
C MET A 194 6.22 -23.85 47.47
N VAL A 195 6.10 -24.54 46.33
CA VAL A 195 5.81 -23.93 45.03
C VAL A 195 4.61 -24.64 44.41
N PHE A 196 3.59 -23.88 44.02
CA PHE A 196 2.45 -24.46 43.34
C PHE A 196 2.72 -24.57 41.86
N SER A 197 2.38 -25.73 41.28
CA SER A 197 2.71 -26.03 39.89
C SER A 197 1.44 -26.42 39.14
N ALA A 198 1.05 -25.60 38.17
CA ALA A 198 -0.12 -25.80 37.34
C ALA A 198 0.28 -26.18 35.91
N HIS A 199 -0.68 -26.73 35.18
CA HIS A 199 -0.47 -27.27 33.85
C HIS A 199 -1.40 -26.59 32.86
N VAL A 200 -0.95 -26.48 31.62
CA VAL A 200 -1.73 -25.76 30.61
C VAL A 200 -1.35 -26.28 29.23
N PHE A 201 -2.37 -26.48 28.39
CA PHE A 201 -2.21 -26.68 26.97
C PHE A 201 -3.13 -25.70 26.26
N ILE A 202 -2.86 -25.45 24.98
CA ILE A 202 -3.60 -24.41 24.27
C ILE A 202 -4.38 -24.98 23.10
N ASP A 203 -4.65 -26.28 23.07
CA ASP A 203 -5.64 -26.76 22.12
C ASP A 203 -7.06 -26.43 22.61
N GLU A 204 -8.04 -26.68 21.74
CA GLU A 204 -9.41 -26.24 22.03
C GLU A 204 -9.90 -26.82 23.36
N ASP A 205 -9.82 -28.14 23.50
CA ASP A 205 -10.33 -28.78 24.70
C ASP A 205 -9.32 -28.79 25.85
N ALA A 206 -8.18 -28.12 25.68
CA ALA A 206 -7.14 -27.96 26.69
C ALA A 206 -6.57 -29.31 27.19
N SER A 207 -6.78 -30.39 26.45
CA SER A 207 -6.27 -31.69 26.87
C SER A 207 -4.83 -31.94 26.41
N GLY A 208 -4.29 -31.12 25.52
CA GLY A 208 -2.97 -31.39 25.01
C GLY A 208 -2.92 -32.51 24.00
N SER A 209 -4.08 -32.99 23.54
CA SER A 209 -4.09 -33.96 22.45
C SER A 209 -4.05 -33.29 21.10
N TYR A 210 -4.43 -32.01 21.01
CA TYR A 210 -4.32 -31.21 19.78
C TYR A 210 -4.94 -31.97 18.61
N LYS A 211 -6.19 -32.39 18.78
CA LYS A 211 -6.89 -33.11 17.73
C LYS A 211 -7.26 -32.20 16.57
N LYS A 212 -7.23 -30.88 16.79
CA LYS A 212 -7.54 -29.87 15.79
C LYS A 212 -6.37 -28.91 15.63
N GLY A 213 -6.40 -28.14 14.54
CA GLY A 213 -5.46 -27.06 14.38
C GLY A 213 -5.85 -25.85 15.19
N PRO A 214 -5.06 -24.78 15.06
CA PRO A 214 -5.36 -23.54 15.82
C PRO A 214 -6.75 -23.00 15.55
N GLY A 215 -7.24 -23.12 14.32
CA GLY A 215 -8.57 -22.63 14.08
C GLY A 215 -8.55 -21.22 13.54
N LYS A 216 -9.67 -20.87 12.91
CA LYS A 216 -9.81 -19.66 12.13
C LYS A 216 -9.64 -18.40 12.97
N ASP A 217 -10.27 -18.35 14.14
CA ASP A 217 -10.23 -17.19 15.02
C ASP A 217 -9.29 -17.41 16.20
N PHE A 218 -8.23 -18.18 15.99
CA PHE A 218 -7.26 -18.48 17.05
C PHE A 218 -6.71 -17.20 17.66
N GLU A 219 -6.68 -17.14 18.99
CA GLU A 219 -6.17 -15.99 19.71
C GLU A 219 -4.75 -16.24 20.18
N PRO A 220 -3.78 -15.43 19.75
CA PRO A 220 -2.39 -15.65 20.18
C PRO A 220 -2.15 -15.58 21.69
N MET A 221 -3.00 -14.90 22.46
CA MET A 221 -2.82 -14.80 23.89
CA MET A 221 -2.83 -14.79 23.89
C MET A 221 -3.48 -15.93 24.66
N ILE A 222 -3.96 -16.98 23.96
CA ILE A 222 -4.69 -18.07 24.61
C ILE A 222 -3.88 -18.67 25.76
N GLY A 223 -2.55 -18.78 25.60
CA GLY A 223 -1.75 -19.36 26.67
C GLY A 223 -1.69 -18.47 27.90
N VAL A 224 -1.46 -17.17 27.68
CA VAL A 224 -1.49 -16.20 28.77
C VAL A 224 -2.86 -16.16 29.43
N LYS A 225 -3.92 -16.19 28.61
CA LYS A 225 -5.27 -16.11 29.18
CA LYS A 225 -5.28 -16.13 29.13
C LYS A 225 -5.59 -17.32 30.05
N ARG A 226 -5.08 -18.50 29.69
CA ARG A 226 -5.34 -19.69 30.48
C ARG A 226 -4.46 -19.80 31.73
N VAL A 227 -3.36 -19.05 31.83
CA VAL A 227 -2.58 -19.08 33.06
C VAL A 227 -2.86 -17.86 33.93
N GLU A 228 -3.50 -16.84 33.39
CA GLU A 228 -3.87 -15.69 34.21
C GLU A 228 -4.64 -16.07 35.47
N PRO A 229 -5.64 -16.96 35.44
CA PRO A 229 -6.31 -17.31 36.71
C PRO A 229 -5.34 -17.83 37.76
N PHE A 230 -4.37 -18.64 37.35
CA PHE A 230 -3.34 -19.18 38.25
C PHE A 230 -2.43 -18.07 38.77
N VAL A 231 -1.89 -17.23 37.88
CA VAL A 231 -0.92 -16.24 38.34
C VAL A 231 -1.58 -15.23 39.27
N ASN A 232 -2.81 -14.79 38.94
CA ASN A 232 -3.49 -13.83 39.81
C ASN A 232 -3.75 -14.40 41.20
N TRP A 233 -4.10 -15.69 41.28
CA TRP A 233 -4.26 -16.36 42.56
C TRP A 233 -2.95 -16.38 43.33
N LEU A 234 -1.84 -16.57 42.62
CA LEU A 234 -0.54 -16.55 43.29
C LEU A 234 -0.27 -15.17 43.89
N LYS A 235 -0.53 -14.10 43.12
CA LYS A 235 -0.28 -12.74 43.62
C LYS A 235 -1.23 -12.41 44.77
N GLU A 236 -2.50 -12.80 44.63
CA GLU A 236 -3.49 -12.46 45.65
C GLU A 236 -3.16 -13.12 46.98
N HIS A 237 -2.61 -14.33 46.97
CA HIS A 237 -2.35 -15.07 48.19
C HIS A 237 -0.88 -15.12 48.56
N GLY A 238 -0.03 -14.36 47.88
CA GLY A 238 1.40 -14.33 48.18
C GLY A 238 2.12 -15.66 48.08
N LYS A 239 1.83 -16.44 47.02
CA LYS A 239 2.43 -17.74 46.83
C LYS A 239 3.33 -17.74 45.61
N LYS A 240 4.20 -18.74 45.54
CA LYS A 240 5.10 -18.95 44.41
C LYS A 240 4.54 -20.02 43.48
N GLY A 241 4.83 -19.87 42.19
CA GLY A 241 4.22 -20.69 41.16
C GLY A 241 5.22 -21.23 40.17
N HIS A 242 4.70 -22.05 39.25
CA HIS A 242 5.48 -22.92 38.39
C HIS A 242 4.51 -23.55 37.39
N ILE A 243 4.97 -23.73 36.17
CA ILE A 243 4.19 -24.41 35.14
C ILE A 243 4.88 -25.72 34.85
N GLY A 244 4.33 -26.83 35.36
CA GLY A 244 5.01 -28.11 35.21
C GLY A 244 4.80 -28.81 33.90
N GLU A 245 3.85 -28.35 33.07
CA GLU A 245 3.52 -29.06 31.85
C GLU A 245 2.89 -28.10 30.84
N PHE A 246 3.50 -27.99 29.66
CA PHE A 246 2.97 -27.24 28.52
C PHE A 246 3.71 -27.72 27.27
N GLY A 247 2.96 -27.93 26.18
CA GLY A 247 3.61 -28.29 24.93
C GLY A 247 2.72 -27.96 23.75
N ILE A 248 3.32 -27.94 22.55
CA ILE A 248 2.60 -27.64 21.31
C ILE A 248 3.13 -28.49 20.16
N PRO A 249 2.31 -28.66 19.12
CA PRO A 249 2.82 -29.34 17.90
C PRO A 249 3.84 -28.47 17.17
N ASN A 250 4.53 -29.10 16.23
CA ASN A 250 5.59 -28.42 15.48
C ASN A 250 5.14 -27.96 14.11
N ASP A 251 3.84 -28.06 13.81
CA ASP A 251 3.34 -27.93 12.44
C ASP A 251 2.53 -26.66 12.19
N ASP A 252 2.64 -25.65 13.04
CA ASP A 252 1.91 -24.41 12.77
C ASP A 252 2.59 -23.26 13.49
N GLU A 253 2.86 -22.19 12.74
CA GLU A 253 3.50 -21.01 13.32
CA GLU A 253 3.51 -21.03 13.34
C GLU A 253 2.64 -20.35 14.38
N ARG A 254 1.32 -20.48 14.29
CA ARG A 254 0.45 -19.85 15.27
C ARG A 254 0.66 -20.45 16.67
N TRP A 255 0.90 -21.77 16.76
CA TRP A 255 1.26 -22.37 18.04
C TRP A 255 2.52 -21.73 18.61
N LEU A 256 3.54 -21.56 17.78
CA LEU A 256 4.80 -21.01 18.26
C LEU A 256 4.61 -19.58 18.76
N ASP A 257 3.83 -18.78 18.04
CA ASP A 257 3.58 -17.42 18.47
C ASP A 257 2.89 -17.39 19.84
N ALA A 258 1.88 -18.25 20.01
CA ALA A 258 1.20 -18.34 21.29
C ALA A 258 2.15 -18.80 22.39
N MET A 259 3.05 -19.73 22.07
CA MET A 259 4.05 -20.16 23.03
C MET A 259 5.00 -19.01 23.37
N ASP A 260 5.41 -18.24 22.37
CA ASP A 260 6.25 -17.08 22.64
C ASP A 260 5.56 -16.10 23.60
N LYS A 261 4.27 -15.83 23.35
CA LYS A 261 3.52 -14.92 24.21
C LYS A 261 3.44 -15.47 25.62
N LEU A 262 3.27 -16.79 25.77
CA LEU A 262 3.20 -17.36 27.12
C LEU A 262 4.53 -17.23 27.84
N LEU A 263 5.63 -17.56 27.17
CA LEU A 263 6.94 -17.53 27.81
C LEU A 263 7.31 -16.13 28.28
N ALA A 264 6.94 -15.10 27.52
CA ALA A 264 7.15 -13.71 27.94
C ALA A 264 6.34 -13.39 29.19
N TYR A 265 5.07 -13.78 29.21
CA TYR A 265 4.24 -13.55 30.39
C TYR A 265 4.81 -14.27 31.60
N LEU A 266 5.29 -15.49 31.41
CA LEU A 266 5.91 -16.21 32.52
C LEU A 266 7.22 -15.57 32.93
N ASN A 267 7.98 -15.06 31.95
CA ASN A 267 9.24 -14.38 32.27
C ASN A 267 8.97 -13.15 33.12
N GLU A 268 7.98 -12.36 32.71
CA GLU A 268 7.64 -11.14 33.44
CA GLU A 268 7.66 -11.13 33.44
C GLU A 268 7.24 -11.42 34.88
N ASN A 269 6.71 -12.61 35.15
CA ASN A 269 6.26 -12.97 36.48
C ASN A 269 7.21 -13.93 37.17
N CYS A 270 8.35 -14.26 36.54
CA CYS A 270 9.34 -15.14 37.13
C CYS A 270 8.78 -16.53 37.43
N ILE A 271 7.94 -17.05 36.54
CA ILE A 271 7.35 -18.38 36.69
C ILE A 271 8.14 -19.34 35.80
N PRO A 272 8.85 -20.32 36.36
CA PRO A 272 9.50 -21.32 35.51
C PRO A 272 8.49 -22.24 34.83
N ILE A 273 8.95 -22.88 33.74
CA ILE A 273 8.14 -23.80 32.95
C ILE A 273 8.94 -25.07 32.66
N ASN A 274 8.24 -26.18 32.54
CA ASN A 274 8.84 -27.45 32.10
C ASN A 274 8.09 -27.87 30.85
N TYR A 275 8.76 -27.76 29.69
CA TYR A 275 8.13 -28.10 28.42
C TYR A 275 7.79 -29.59 28.36
N TRP A 276 6.59 -29.89 27.83
CA TRP A 276 6.13 -31.26 27.64
C TRP A 276 6.07 -31.59 26.14
N ALA A 277 6.96 -32.46 25.66
CA ALA A 277 8.00 -33.13 26.44
C ALA A 277 9.20 -33.53 25.57
N ALA A 278 10.31 -33.79 26.23
CA ALA A 278 11.41 -34.55 25.65
C ALA A 278 11.37 -35.96 26.23
N GLY A 279 12.28 -36.80 25.76
CA GLY A 279 12.37 -38.15 26.28
C GLY A 279 12.99 -39.11 25.28
N PRO A 280 13.54 -40.22 25.79
CA PRO A 280 14.36 -41.10 24.92
C PRO A 280 13.56 -41.93 23.92
N SER A 281 12.26 -42.16 24.11
CA SER A 281 11.55 -43.02 23.17
C SER A 281 10.11 -42.53 23.01
N TRP A 282 9.98 -41.35 22.43
CA TRP A 282 8.68 -40.77 22.14
C TRP A 282 8.17 -41.14 20.75
N GLY A 283 9.06 -41.52 19.83
CA GLY A 283 8.62 -41.87 18.49
C GLY A 283 7.97 -40.68 17.81
N ASN A 284 6.79 -40.91 17.26
CA ASN A 284 6.08 -39.90 16.49
C ASN A 284 5.21 -38.98 17.34
N TYR A 285 5.38 -39.01 18.66
CA TYR A 285 4.58 -38.16 19.53
C TYR A 285 4.64 -36.71 19.08
N LYS A 286 3.46 -36.11 18.88
CA LYS A 286 3.35 -34.82 18.21
C LYS A 286 3.90 -33.66 19.02
N LEU A 287 3.96 -33.77 20.35
CA LEU A 287 4.48 -32.70 21.19
C LEU A 287 5.96 -32.89 21.52
N SER A 288 6.55 -34.00 21.08
CA SER A 288 7.93 -34.30 21.40
C SER A 288 8.88 -33.25 20.83
N ILE A 289 9.86 -32.85 21.64
CA ILE A 289 10.98 -32.05 21.17
C ILE A 289 12.29 -32.83 21.19
N GLU A 290 12.22 -34.14 21.41
CA GLU A 290 13.42 -34.95 21.29
C GLU A 290 13.86 -34.95 19.82
N PRO A 291 15.17 -34.86 19.55
CA PRO A 291 15.65 -34.97 18.16
C PRO A 291 15.18 -36.28 17.52
N LYS A 292 14.66 -36.17 16.31
CA LYS A 292 14.26 -37.31 15.50
C LYS A 292 14.54 -36.97 14.05
N ASP A 293 15.03 -37.95 13.29
CA ASP A 293 15.50 -37.68 11.94
C ASP A 293 14.36 -37.20 11.05
N GLY A 294 14.59 -36.08 10.36
CA GLY A 294 13.59 -35.53 9.48
C GLY A 294 12.49 -34.75 10.16
N GLU A 295 12.65 -34.43 11.45
CA GLU A 295 11.63 -33.70 12.19
C GLU A 295 12.23 -32.39 12.69
N LYS A 296 11.49 -31.32 12.50
CA LYS A 296 11.90 -30.03 13.01
C LYS A 296 11.26 -29.80 14.37
N ARG A 297 12.04 -29.25 15.31
CA ARG A 297 11.57 -28.90 16.64
C ARG A 297 11.76 -27.40 16.84
N PRO A 298 10.92 -26.56 16.21
CA PRO A 298 11.07 -25.11 16.39
C PRO A 298 10.77 -24.65 17.81
N GLN A 299 10.07 -25.45 18.60
CA GLN A 299 9.85 -25.10 19.99
C GLN A 299 11.18 -24.92 20.73
N VAL A 300 12.21 -25.67 20.34
CA VAL A 300 13.47 -25.63 21.08
C VAL A 300 14.14 -24.26 20.93
N ALA A 301 14.07 -23.67 19.73
CA ALA A 301 14.63 -22.33 19.54
C ALA A 301 13.95 -21.32 20.47
N LEU A 302 12.63 -21.41 20.59
CA LEU A 302 11.91 -20.55 21.52
C LEU A 302 12.38 -20.78 22.95
N LEU A 303 12.54 -22.06 23.35
CA LEU A 303 13.02 -22.36 24.70
C LEU A 303 14.41 -21.75 24.92
N LYS A 304 15.30 -21.84 23.93
CA LYS A 304 16.65 -21.31 24.09
C LYS A 304 16.64 -19.79 24.21
N LYS A 305 15.81 -19.12 23.40
CA LYS A 305 15.72 -17.67 23.49
C LYS A 305 15.32 -17.20 24.88
N TYR A 306 14.35 -17.89 25.50
CA TYR A 306 13.92 -17.45 26.82
C TYR A 306 14.82 -17.98 27.92
N ALA A 307 15.54 -19.07 27.68
CA ALA A 307 16.54 -19.52 28.64
C ALA A 307 17.67 -18.51 28.77
N ALA A 308 17.94 -17.74 27.72
CA ALA A 308 18.97 -16.70 27.77
C ALA A 308 18.56 -15.51 28.64
N LYS A 309 17.27 -15.37 28.93
CA LYS A 309 16.85 -14.26 29.78
C LYS A 309 17.26 -14.54 31.22
N ASP A 310 17.81 -13.50 31.85
CA ASP A 310 18.23 -13.51 33.25
C ASP A 310 17.31 -14.32 34.13
N ASN A 311 17.76 -15.49 34.57
CA ASN A 311 16.95 -16.31 35.46
C ASN A 311 16.53 -15.50 36.67
N CYS A 312 15.30 -15.74 37.09
CA CYS A 312 14.74 -14.98 38.17
C CYS A 312 15.26 -15.50 39.49
N SER A 313 15.28 -14.58 40.45
CA SER A 313 16.18 -14.78 41.56
C SER A 313 15.57 -15.85 42.48
N ASP A 314 14.24 -15.93 42.51
CA ASP A 314 13.41 -16.94 43.19
C ASP A 314 12.21 -17.26 42.28
N PHE A 315 11.39 -18.23 42.68
CA PHE A 315 10.12 -18.43 42.00
C PHE A 315 9.26 -17.16 42.13
N GLY A 316 8.68 -16.69 41.03
CA GLY A 316 7.72 -15.60 41.11
C GLY A 316 6.34 -16.11 41.45
N PRO A 317 5.32 -15.22 41.41
CA PRO A 317 5.53 -13.80 41.10
C PRO A 317 6.01 -13.05 42.33
N ALA A 318 6.58 -11.86 42.14
CA ALA A 318 7.09 -11.10 43.27
C ALA A 318 5.95 -10.53 44.12
N LYS A 319 6.21 -10.42 45.42
CA LYS A 319 5.25 -9.85 46.34
C LYS A 319 5.62 -8.40 46.68
N SER B 1 14.99 25.49 -19.27
CA SER B 1 13.70 25.44 -18.59
C SER B 1 12.59 26.09 -19.43
N VAL B 2 11.67 25.26 -19.89
CA VAL B 2 10.50 25.71 -20.65
C VAL B 2 9.27 25.10 -20.01
N ASP B 3 8.32 25.96 -19.66
CA ASP B 3 7.03 25.48 -19.22
C ASP B 3 6.24 25.01 -20.43
N LEU B 4 5.68 23.81 -20.35
CA LEU B 4 4.84 23.34 -21.44
C LEU B 4 3.53 24.10 -21.50
N ILE B 5 3.15 24.77 -20.41
CA ILE B 5 1.85 25.44 -20.30
C ILE B 5 2.08 26.94 -20.15
N GLY B 6 1.44 27.71 -21.03
CA GLY B 6 1.51 29.17 -21.04
C GLY B 6 0.23 29.75 -21.61
N ILE B 7 0.13 31.07 -21.57
CA ILE B 7 -1.04 31.79 -22.06
C ILE B 7 -0.63 33.01 -22.87
N ASN B 8 -1.44 33.34 -23.87
CA ASN B 8 -1.37 34.64 -24.51
C ASN B 8 -2.04 35.67 -23.62
N VAL B 9 -1.42 36.85 -23.50
CA VAL B 9 -2.03 37.99 -22.83
C VAL B 9 -2.20 39.06 -23.89
N ALA B 10 -3.40 39.13 -24.45
CA ALA B 10 -3.73 39.96 -25.61
C ALA B 10 -4.40 41.26 -25.18
N GLY B 11 -4.34 42.25 -26.07
CA GLY B 11 -4.97 43.53 -25.81
C GLY B 11 -4.20 44.70 -26.38
N ALA B 12 -2.87 44.67 -26.26
CA ALA B 12 -2.05 45.78 -26.72
C ALA B 12 -2.07 45.94 -28.23
N GLU B 13 -2.55 44.92 -28.96
CA GLU B 13 -2.58 44.92 -30.41
C GLU B 13 -3.97 45.18 -30.96
N PHE B 14 -4.93 45.45 -30.10
CA PHE B 14 -6.32 45.62 -30.52
C PHE B 14 -6.49 46.88 -31.39
N THR B 15 -7.59 46.88 -32.14
CA THR B 15 -8.02 48.05 -32.92
C THR B 15 -6.93 48.52 -33.89
N GLY B 16 -6.61 47.64 -34.85
CA GLY B 16 -5.59 47.98 -35.83
C GLY B 16 -5.91 49.18 -36.68
N GLY B 17 -7.20 49.52 -36.81
CA GLY B 17 -7.59 50.66 -37.63
C GLY B 17 -7.30 52.01 -36.99
N LYS B 18 -7.09 52.05 -35.68
CA LYS B 18 -6.82 53.29 -34.96
C LYS B 18 -5.33 53.34 -34.65
N LEU B 19 -4.58 54.07 -35.47
CA LEU B 19 -3.13 54.20 -35.32
C LEU B 19 -2.76 55.67 -35.15
N PRO B 20 -2.05 56.05 -34.07
CA PRO B 20 -1.48 55.19 -33.03
C PRO B 20 -2.52 54.64 -32.05
N GLY B 21 -3.68 55.29 -32.01
CA GLY B 21 -4.72 54.93 -31.06
C GLY B 21 -4.38 55.43 -29.68
N LYS B 22 -5.36 55.31 -28.79
CA LYS B 22 -5.25 55.80 -27.42
C LYS B 22 -5.28 54.62 -26.47
N HIS B 23 -4.32 54.56 -25.56
CA HIS B 23 -4.33 53.52 -24.54
C HIS B 23 -5.55 53.68 -23.65
N GLY B 24 -6.23 52.56 -23.37
CA GLY B 24 -7.48 52.58 -22.63
C GLY B 24 -8.71 52.71 -23.49
N THR B 25 -8.55 53.04 -24.77
CA THR B 25 -9.67 53.16 -25.70
C THR B 25 -9.59 52.14 -26.82
N HIS B 26 -8.46 52.06 -27.51
CA HIS B 26 -8.26 51.16 -28.63
C HIS B 26 -7.36 49.97 -28.32
N TYR B 27 -6.43 50.12 -27.39
CA TYR B 27 -5.58 49.02 -26.96
C TYR B 27 -5.40 49.09 -25.46
N PHE B 28 -4.97 47.97 -24.88
CA PHE B 28 -4.97 47.79 -23.44
C PHE B 28 -3.78 46.95 -23.02
N PHE B 29 -2.99 47.48 -22.09
CA PHE B 29 -1.92 46.77 -21.40
C PHE B 29 -2.39 46.27 -20.05
N PRO B 30 -1.73 45.28 -19.47
CA PRO B 30 -2.14 44.75 -18.17
C PRO B 30 -2.03 45.80 -17.08
N PRO B 31 -3.09 46.01 -16.30
CA PRO B 31 -3.00 46.92 -15.14
C PRO B 31 -2.19 46.31 -14.01
N GLU B 32 -1.96 47.08 -12.94
CA GLU B 32 -1.23 46.58 -11.79
C GLU B 32 -1.97 45.41 -11.14
N GLY B 33 -1.21 44.39 -10.76
CA GLY B 33 -1.76 43.20 -10.15
C GLY B 33 -2.30 42.17 -11.12
N TYR B 34 -2.27 42.43 -12.43
CA TYR B 34 -2.82 41.48 -13.40
C TYR B 34 -2.07 40.15 -13.35
N PHE B 35 -0.73 40.20 -13.31
CA PHE B 35 0.05 38.97 -13.38
C PHE B 35 0.00 38.16 -12.10
N GLU B 36 -0.36 38.78 -10.97
CA GLU B 36 -0.41 38.05 -9.71
CA GLU B 36 -0.40 38.05 -9.70
C GLU B 36 -1.39 36.89 -9.77
N TYR B 37 -2.60 37.16 -10.28
CA TYR B 37 -3.58 36.09 -10.40
C TYR B 37 -3.06 34.94 -11.24
N TRP B 38 -2.43 35.26 -12.38
CA TRP B 38 -1.95 34.20 -13.25
C TRP B 38 -0.79 33.45 -12.63
N SER B 39 0.10 34.16 -11.94
CA SER B 39 1.16 33.49 -11.20
C SER B 39 0.58 32.53 -10.16
N GLU B 40 -0.41 32.98 -9.39
CA GLU B 40 -0.98 32.14 -8.35
C GLU B 40 -1.74 30.96 -8.92
N GLN B 41 -2.18 31.05 -10.18
CA GLN B 41 -2.78 29.89 -10.83
C GLN B 41 -1.74 28.88 -11.27
N GLY B 42 -0.45 29.21 -11.18
CA GLY B 42 0.59 28.31 -11.61
C GLY B 42 1.04 28.46 -13.05
N ILE B 43 0.71 29.57 -13.70
CA ILE B 43 1.14 29.85 -15.07
C ILE B 43 2.31 30.81 -15.01
N HIS B 44 3.42 30.46 -15.68
CA HIS B 44 4.65 31.23 -15.56
C HIS B 44 5.22 31.73 -16.88
N THR B 45 4.55 31.47 -18.00
CA THR B 45 4.99 31.93 -19.31
C THR B 45 3.84 32.64 -20.01
N VAL B 46 4.12 33.82 -20.57
CA VAL B 46 3.12 34.64 -21.23
C VAL B 46 3.63 35.02 -22.61
N ARG B 47 2.79 34.84 -23.64
CA ARG B 47 3.04 35.39 -24.96
C ARG B 47 2.28 36.71 -25.06
N PHE B 48 2.98 37.78 -25.46
CA PHE B 48 2.43 39.14 -25.39
C PHE B 48 2.41 39.80 -26.77
N PRO B 49 1.25 39.87 -27.42
CA PRO B 49 1.16 40.56 -28.71
C PRO B 49 1.44 42.05 -28.62
N LEU B 50 2.16 42.55 -29.62
CA LEU B 50 2.41 43.98 -29.81
C LEU B 50 2.12 44.36 -31.26
N LYS B 51 1.78 45.63 -31.47
CA LYS B 51 1.52 46.14 -32.82
C LYS B 51 2.74 46.88 -33.33
N TRP B 52 3.25 46.45 -34.49
CA TRP B 52 4.43 47.06 -35.09
C TRP B 52 4.21 48.55 -35.35
N GLU B 53 3.04 48.93 -35.87
CA GLU B 53 2.79 50.33 -36.21
C GLU B 53 2.79 51.23 -34.99
N ARG B 54 2.40 50.70 -33.82
CA ARG B 54 2.47 51.49 -32.59
C ARG B 54 3.90 51.51 -32.03
N LEU B 55 4.63 50.41 -32.20
CA LEU B 55 6.03 50.38 -31.77
C LEU B 55 6.87 51.29 -32.64
N GLN B 56 6.57 51.36 -33.92
CA GLN B 56 7.37 52.12 -34.87
C GLN B 56 6.41 52.89 -35.78
N PRO B 57 6.04 54.11 -35.39
CA PRO B 57 5.11 54.89 -36.23
C PRO B 57 5.69 55.26 -37.58
N SER B 58 7.01 55.26 -37.74
CA SER B 58 7.66 55.40 -39.03
C SER B 58 8.81 54.39 -39.12
N LEU B 59 8.98 53.84 -40.32
CA LEU B 59 10.00 52.84 -40.56
C LEU B 59 11.41 53.40 -40.31
N ASN B 60 12.30 52.53 -39.83
CA ASN B 60 13.71 52.84 -39.59
C ASN B 60 13.91 53.92 -38.53
N ALA B 61 12.85 54.31 -37.83
CA ALA B 61 12.91 55.36 -36.83
C ALA B 61 13.04 54.74 -35.44
N GLU B 62 13.31 55.61 -34.46
CA GLU B 62 13.32 55.18 -33.08
C GLU B 62 11.94 54.68 -32.66
N LEU B 63 11.94 53.77 -31.68
CA LEU B 63 10.68 53.26 -31.16
C LEU B 63 9.90 54.38 -30.48
N ASP B 64 8.58 54.34 -30.61
CA ASP B 64 7.75 55.30 -29.90
C ASP B 64 7.97 55.14 -28.40
N ASP B 65 8.25 56.24 -27.72
CA ASP B 65 8.59 56.16 -26.30
C ASP B 65 7.38 55.74 -25.47
N VAL B 66 6.19 56.22 -25.83
CA VAL B 66 4.99 55.95 -25.04
C VAL B 66 4.70 54.44 -25.06
N TYR B 67 4.56 53.88 -26.27
CA TYR B 67 4.18 52.47 -26.39
C TYR B 67 5.27 51.57 -25.82
N ALA B 68 6.54 51.86 -26.12
CA ALA B 68 7.62 51.04 -25.59
C ALA B 68 7.69 51.10 -24.07
N SER B 69 7.39 52.26 -23.48
CA SER B 69 7.41 52.36 -22.02
C SER B 69 6.33 51.47 -21.41
N LEU B 70 5.20 51.34 -22.10
CA LEU B 70 4.17 50.40 -21.65
C LEU B 70 4.70 48.98 -21.65
N VAL B 71 5.53 48.63 -22.65
CA VAL B 71 6.15 47.31 -22.65
C VAL B 71 7.15 47.19 -21.51
N ASP B 72 7.93 48.25 -21.25
CA ASP B 72 8.82 48.27 -20.08
C ASP B 72 8.07 47.91 -18.81
N ASP B 73 6.97 48.62 -18.54
CA ASP B 73 6.20 48.41 -17.32
C ASP B 73 5.64 47.00 -17.25
N MET B 74 5.11 46.49 -18.37
CA MET B 74 4.60 45.12 -18.41
C MET B 74 5.70 44.13 -18.07
N LEU B 75 6.90 44.31 -18.64
CA LEU B 75 7.99 43.40 -18.32
C LEU B 75 8.38 43.51 -16.85
N ASP B 76 8.35 44.74 -16.31
CA ASP B 76 8.61 44.93 -14.89
C ASP B 76 7.63 44.15 -14.04
N GLN B 77 6.33 44.34 -14.29
CA GLN B 77 5.31 43.62 -13.54
C GLN B 77 5.49 42.11 -13.69
N ALA B 78 5.87 41.65 -14.88
CA ALA B 78 6.08 40.23 -15.12
C ALA B 78 7.25 39.69 -14.31
N LYS B 79 8.34 40.46 -14.25
CA LYS B 79 9.49 40.06 -13.44
C LYS B 79 9.12 39.95 -11.97
N GLU B 80 8.35 40.92 -11.47
CA GLU B 80 7.96 40.89 -10.06
C GLU B 80 7.18 39.63 -9.73
N ASN B 81 6.32 39.16 -10.65
CA ASN B 81 5.46 38.02 -10.40
C ASN B 81 5.98 36.73 -11.03
N ASP B 82 7.28 36.66 -11.35
CA ASP B 82 7.91 35.45 -11.90
C ASP B 82 7.25 35.01 -13.22
N ILE B 83 6.98 35.95 -14.11
CA ILE B 83 6.41 35.66 -15.42
C ILE B 83 7.50 35.85 -16.45
N LYS B 84 7.73 34.84 -17.29
CA LYS B 84 8.60 34.96 -18.45
C LYS B 84 7.76 35.27 -19.69
N VAL B 85 8.22 36.21 -20.49
CA VAL B 85 7.44 36.85 -21.54
C VAL B 85 8.04 36.54 -22.91
N ILE B 86 7.20 36.04 -23.81
CA ILE B 86 7.54 35.94 -25.22
C ILE B 86 6.92 37.16 -25.89
N LEU B 87 7.75 38.08 -26.36
CA LEU B 87 7.24 39.21 -27.11
C LEU B 87 6.89 38.76 -28.53
N ASP B 88 5.68 39.13 -28.97
CA ASP B 88 5.11 38.73 -30.25
C ASP B 88 4.81 39.99 -31.06
N VAL B 89 5.44 40.11 -32.23
CA VAL B 89 5.12 41.16 -33.19
C VAL B 89 3.92 40.68 -34.01
N HIS B 90 2.74 41.19 -33.69
CA HIS B 90 1.49 40.58 -34.12
C HIS B 90 0.98 41.23 -35.41
N ASN B 91 1.75 41.08 -36.50
CA ASN B 91 1.50 41.94 -37.67
C ASN B 91 1.33 41.23 -39.00
N TYR B 92 1.24 39.90 -39.03
CA TYR B 92 0.89 39.16 -40.25
C TYR B 92 1.86 39.42 -41.40
N ALA B 93 3.12 39.72 -41.05
CA ALA B 93 4.19 40.00 -42.03
C ALA B 93 3.86 41.23 -42.88
N ARG B 94 3.12 42.17 -42.31
CA ARG B 94 2.71 43.39 -42.98
C ARG B 94 2.95 44.59 -42.08
N TYR B 95 3.22 45.73 -42.71
CA TYR B 95 3.31 47.01 -42.02
C TYR B 95 2.43 48.00 -42.75
N ARG B 96 1.42 48.54 -42.07
CA ARG B 96 0.39 49.38 -42.67
C ARG B 96 -0.18 48.71 -43.92
N LYS B 97 -0.48 47.41 -43.77
CA LYS B 97 -1.11 46.55 -44.76
C LYS B 97 -0.21 46.20 -45.94
N LYS B 98 1.08 46.52 -45.88
CA LYS B 98 2.00 46.20 -46.98
C LYS B 98 2.99 45.12 -46.56
N VAL B 99 3.19 44.13 -47.44
CA VAL B 99 3.95 42.93 -47.11
C VAL B 99 5.44 43.23 -47.02
N ILE B 100 6.11 42.59 -46.05
CA ILE B 100 7.56 42.74 -45.92
C ILE B 100 8.26 42.14 -47.14
N GLY B 101 9.12 42.92 -47.76
CA GLY B 101 9.77 42.53 -49.01
C GLY B 101 9.27 43.27 -50.23
N THR B 102 8.13 43.95 -50.13
CA THR B 102 7.66 44.81 -51.21
C THR B 102 8.42 46.13 -51.19
N GLU B 103 8.09 47.04 -52.11
CA GLU B 103 8.80 48.30 -52.23
C GLU B 103 8.62 49.17 -50.99
N ASP B 104 7.39 49.24 -50.45
CA ASP B 104 7.12 50.17 -49.36
C ASP B 104 7.63 49.67 -48.02
N VAL B 105 7.76 48.36 -47.84
CA VAL B 105 8.26 47.81 -46.57
C VAL B 105 9.43 46.89 -46.91
N PRO B 106 10.62 47.43 -47.14
CA PRO B 106 11.76 46.58 -47.47
C PRO B 106 12.15 45.69 -46.31
N VAL B 107 12.80 44.58 -46.66
CA VAL B 107 13.21 43.60 -45.67
C VAL B 107 14.14 44.22 -44.64
N SER B 108 14.93 45.22 -45.05
CA SER B 108 15.82 45.88 -44.10
C SER B 108 15.06 46.68 -43.05
N ALA B 109 13.86 47.17 -43.39
CA ALA B 109 13.04 47.86 -42.39
C ALA B 109 12.59 46.92 -41.28
N TYR B 110 12.23 45.67 -41.64
CA TYR B 110 11.84 44.71 -40.62
C TYR B 110 13.04 44.34 -39.74
N GLN B 111 14.22 44.20 -40.34
CA GLN B 111 15.42 43.97 -39.55
C GLN B 111 15.65 45.10 -38.56
N ASP B 112 15.39 46.34 -38.96
CA ASP B 112 15.58 47.48 -38.07
C ASP B 112 14.64 47.38 -36.86
N LEU B 113 13.40 46.95 -37.08
CA LEU B 113 12.47 46.75 -35.98
C LEU B 113 13.01 45.74 -34.97
N MET B 114 13.46 44.58 -35.46
CA MET B 114 13.91 43.54 -34.55
C MET B 114 15.21 43.93 -33.85
N GLU B 115 16.03 44.77 -34.47
CA GLU B 115 17.24 45.24 -33.81
CA GLU B 115 17.25 45.21 -33.79
C GLU B 115 16.91 46.14 -32.62
N ARG B 116 15.97 47.06 -32.81
CA ARG B 116 15.60 47.96 -31.73
C ARG B 116 14.89 47.19 -30.62
N ILE B 117 14.10 46.18 -30.97
CA ILE B 117 13.41 45.38 -29.97
C ILE B 117 14.41 44.66 -29.07
N ALA B 118 15.36 43.96 -29.67
CA ALA B 118 16.34 43.23 -28.87
C ALA B 118 17.23 44.17 -28.08
N LYS B 119 17.66 45.26 -28.70
CA LYS B 119 18.54 46.21 -28.01
C LYS B 119 17.86 46.75 -26.76
N ARG B 120 16.58 47.08 -26.85
CA ARG B 120 15.93 47.74 -25.72
C ARG B 120 15.66 46.78 -24.57
N TRP B 121 15.40 45.51 -24.84
CA TRP B 121 14.91 44.60 -23.81
C TRP B 121 15.79 43.36 -23.62
N GLN B 122 16.95 43.27 -24.30
CA GLN B 122 17.84 42.14 -24.11
C GLN B 122 18.25 41.95 -22.64
N GLY B 123 18.36 43.04 -21.89
CA GLY B 123 18.79 42.91 -20.52
C GLY B 123 17.70 42.59 -19.52
N HIS B 124 16.45 42.56 -19.95
CA HIS B 124 15.35 42.37 -19.01
C HIS B 124 15.18 40.89 -18.70
N ASP B 125 15.19 40.56 -17.40
CA ASP B 125 15.13 39.17 -16.96
C ASP B 125 13.79 38.53 -17.32
N ALA B 126 12.73 39.33 -17.37
CA ALA B 126 11.43 38.77 -17.69
C ALA B 126 11.33 38.34 -19.15
N LEU B 127 12.15 38.92 -20.02
CA LEU B 127 12.09 38.57 -21.43
C LEU B 127 12.62 37.16 -21.63
N PHE B 128 11.81 36.29 -22.21
CA PHE B 128 12.17 34.90 -22.42
C PHE B 128 12.53 34.58 -23.87
N ALA B 129 11.77 35.09 -24.84
CA ALA B 129 12.00 34.75 -26.24
C ALA B 129 11.35 35.83 -27.12
N TYR B 130 11.67 35.77 -28.41
CA TYR B 130 11.09 36.67 -29.41
C TYR B 130 10.30 35.85 -30.41
N ASP B 131 8.98 36.08 -30.48
CA ASP B 131 8.13 35.58 -31.55
C ASP B 131 8.10 36.67 -32.61
N ILE B 132 8.95 36.54 -33.64
CA ILE B 132 9.30 37.70 -34.45
C ILE B 132 8.17 38.16 -35.37
N MET B 133 7.18 37.29 -35.65
CA MET B 133 6.05 37.72 -36.47
C MET B 133 4.91 36.74 -36.28
N ASN B 134 3.72 37.28 -36.02
CA ASN B 134 2.52 36.47 -35.94
C ASN B 134 1.92 36.27 -37.32
N GLU B 135 1.81 35.01 -37.73
CA GLU B 135 0.96 34.55 -38.83
C GLU B 135 1.15 35.30 -40.15
N PRO B 136 2.27 35.12 -40.85
CA PRO B 136 2.30 35.50 -42.25
C PRO B 136 1.29 34.69 -43.05
N TYR B 137 0.66 35.33 -44.03
CA TYR B 137 -0.35 34.67 -44.87
C TYR B 137 -0.46 35.38 -46.22
N GLY B 138 -1.07 34.67 -47.17
CA GLY B 138 -1.41 35.28 -48.45
C GLY B 138 -0.20 35.71 -49.24
N SER B 139 -0.25 36.93 -49.75
CA SER B 139 0.84 37.47 -50.56
C SER B 139 2.14 37.62 -49.78
N ALA B 140 2.10 37.45 -48.45
CA ALA B 140 3.32 37.42 -47.64
C ALA B 140 4.01 36.07 -47.65
N ASP B 141 3.31 35.00 -48.04
CA ASP B 141 3.82 33.65 -47.91
C ASP B 141 5.15 33.45 -48.64
N LYS B 142 5.20 33.82 -49.92
CA LYS B 142 6.43 33.57 -50.68
C LYS B 142 7.56 34.45 -50.18
N LEU B 143 7.26 35.64 -49.69
CA LEU B 143 8.27 36.57 -49.23
C LEU B 143 8.67 36.36 -47.77
N TRP B 144 7.94 35.55 -47.00
CA TRP B 144 8.21 35.47 -45.56
C TRP B 144 9.58 34.90 -45.21
N PRO B 145 10.07 33.81 -45.82
CA PRO B 145 11.39 33.29 -45.42
C PRO B 145 12.52 34.31 -45.52
N ALA B 146 12.47 35.20 -46.51
CA ALA B 146 13.47 36.25 -46.60
C ALA B 146 13.29 37.26 -45.48
N ALA B 147 12.05 37.62 -45.17
CA ALA B 147 11.79 38.48 -44.02
C ALA B 147 12.23 37.82 -42.72
N ALA B 148 11.99 36.51 -42.59
CA ALA B 148 12.34 35.81 -41.36
C ALA B 148 13.85 35.87 -41.11
N GLN B 149 14.65 35.65 -42.16
CA GLN B 149 16.10 35.73 -41.99
C GLN B 149 16.53 37.12 -41.53
N ALA B 150 15.91 38.17 -42.07
CA ALA B 150 16.21 39.52 -41.63
C ALA B 150 15.83 39.74 -40.18
N GLY B 151 14.65 39.23 -39.79
CA GLY B 151 14.27 39.34 -38.39
C GLY B 151 15.26 38.64 -37.47
N ILE B 152 15.70 37.44 -37.88
CA ILE B 152 16.72 36.71 -37.14
C ILE B 152 18.01 37.53 -37.05
N ASP B 153 18.47 38.05 -38.20
CA ASP B 153 19.67 38.87 -38.21
C ASP B 153 19.50 40.09 -37.31
N GLY B 154 18.29 40.67 -37.31
CA GLY B 154 18.04 41.85 -36.48
C GLY B 154 18.20 41.57 -35.00
N VAL B 155 17.52 40.53 -34.51
CA VAL B 155 17.62 40.19 -33.09
C VAL B 155 19.05 39.81 -32.70
N ARG B 156 19.70 38.98 -33.52
CA ARG B 156 20.98 38.36 -33.11
C ARG B 156 22.10 39.39 -32.99
N LYS B 157 21.93 40.58 -33.55
CA LYS B 157 22.91 41.65 -33.34
C LYS B 157 23.02 42.03 -31.87
N TYR B 158 21.93 41.91 -31.11
CA TYR B 158 21.94 42.32 -29.71
C TYR B 158 21.59 41.23 -28.72
N ASP B 159 21.01 40.11 -29.16
CA ASP B 159 20.68 39.01 -28.26
C ASP B 159 21.15 37.72 -28.92
N LYS B 160 22.26 37.18 -28.42
CA LYS B 160 22.85 35.97 -28.98
C LYS B 160 22.45 34.72 -28.21
N LYS B 161 21.51 34.82 -27.27
CA LYS B 161 21.18 33.70 -26.42
C LYS B 161 19.72 33.25 -26.55
N ARG B 162 18.77 34.19 -26.52
CA ARG B 162 17.37 33.82 -26.30
C ARG B 162 16.80 33.09 -27.51
N PRO B 163 15.86 32.19 -27.30
CA PRO B 163 15.26 31.48 -28.44
C PRO B 163 14.51 32.42 -29.36
N LEU B 164 14.48 32.07 -30.63
CA LEU B 164 13.72 32.79 -31.64
C LEU B 164 12.57 31.89 -32.07
N LEU B 165 11.34 32.36 -31.92
CA LEU B 165 10.17 31.60 -32.33
C LEU B 165 9.81 32.00 -33.76
N ILE B 166 9.93 31.04 -34.69
CA ILE B 166 9.78 31.28 -36.12
C ILE B 166 8.46 30.67 -36.56
N GLU B 167 7.51 31.52 -36.94
CA GLU B 167 6.25 31.04 -37.45
C GLU B 167 6.36 30.78 -38.95
N GLY B 168 5.40 30.04 -39.48
CA GLY B 168 5.38 29.65 -40.87
C GLY B 168 4.33 30.42 -41.66
N ALA B 169 4.36 30.19 -42.97
CA ALA B 169 3.40 30.80 -43.88
C ALA B 169 2.00 30.21 -43.66
N SER B 170 1.01 30.84 -44.28
CA SER B 170 -0.38 30.40 -44.19
C SER B 170 -0.86 30.39 -42.74
N TRP B 171 -0.78 31.56 -42.10
CA TRP B 171 -1.18 31.77 -40.70
C TRP B 171 -0.50 30.80 -39.77
N SER B 172 0.72 30.38 -40.15
CA SER B 172 1.53 29.43 -39.38
C SER B 172 0.69 28.20 -39.04
N SER B 173 -0.13 27.77 -40.00
CA SER B 173 -1.03 26.65 -39.79
C SER B 173 -0.26 25.37 -39.50
N ALA B 174 -0.62 24.71 -38.40
CA ALA B 174 -0.03 23.41 -38.13
C ALA B 174 -0.54 22.36 -39.10
N ALA B 175 -1.83 22.42 -39.46
CA ALA B 175 -2.39 21.39 -40.32
C ALA B 175 -1.77 21.41 -41.72
N ARG B 176 -1.53 22.61 -42.26
CA ARG B 176 -0.97 22.73 -43.61
C ARG B 176 0.53 22.90 -43.60
N TRP B 177 1.18 22.76 -42.44
CA TRP B 177 2.59 23.12 -42.28
C TRP B 177 3.54 22.51 -43.31
N PRO B 178 3.51 21.20 -43.59
CA PRO B 178 4.55 20.65 -44.49
C PRO B 178 4.51 21.20 -45.91
N ARG B 179 3.38 21.72 -46.37
CA ARG B 179 3.30 22.25 -47.72
C ARG B 179 3.91 23.64 -47.84
N TYR B 180 4.39 24.21 -46.74
CA TYR B 180 5.03 25.53 -46.78
C TYR B 180 6.36 25.59 -46.05
N ALA B 181 6.67 24.63 -45.18
CA ALA B 181 7.74 24.85 -44.21
C ALA B 181 9.12 24.53 -44.75
N ASP B 182 9.23 23.85 -45.89
CA ASP B 182 10.54 23.43 -46.37
C ASP B 182 11.40 24.63 -46.72
N GLU B 183 10.78 25.76 -47.06
CA GLU B 183 11.53 26.98 -47.33
C GLU B 183 12.14 27.59 -46.07
N LEU B 184 11.70 27.16 -44.89
CA LEU B 184 12.30 27.64 -43.64
C LEU B 184 13.55 26.87 -43.27
N LEU B 185 13.80 25.73 -43.92
CA LEU B 185 14.99 24.94 -43.61
C LEU B 185 16.27 25.68 -43.95
N LYS B 186 16.22 26.63 -44.87
CA LYS B 186 17.39 27.41 -45.21
C LYS B 186 17.66 28.54 -44.21
N LEU B 187 16.80 28.74 -43.21
CA LEU B 187 17.04 29.78 -42.22
C LEU B 187 18.25 29.42 -41.37
N LYS B 188 19.05 30.45 -41.07
CA LYS B 188 20.28 30.27 -40.31
C LYS B 188 20.25 31.13 -39.07
N ASP B 189 20.69 30.55 -37.96
CA ASP B 189 20.80 31.26 -36.68
C ASP B 189 22.16 30.92 -36.08
N PRO B 190 23.06 31.89 -35.95
CA PRO B 190 24.38 31.57 -35.37
C PRO B 190 24.30 30.92 -33.99
N ALA B 191 23.25 31.20 -33.22
CA ALA B 191 23.10 30.66 -31.88
C ALA B 191 22.42 29.29 -31.87
N ASP B 192 21.93 28.81 -33.01
CA ASP B 192 21.22 27.53 -33.11
C ASP B 192 20.16 27.42 -32.01
N ASN B 193 19.34 28.47 -31.90
CA ASN B 193 18.26 28.52 -30.91
C ASN B 193 16.97 29.01 -31.57
N MET B 194 16.55 28.30 -32.61
CA MET B 194 15.32 28.57 -33.34
C MET B 194 14.24 27.56 -32.96
N VAL B 195 13.03 28.05 -32.69
CA VAL B 195 11.90 27.19 -32.39
C VAL B 195 10.77 27.57 -33.32
N PHE B 196 10.24 26.58 -34.04
CA PHE B 196 9.12 26.85 -34.93
C PHE B 196 7.82 26.79 -34.15
N SER B 197 6.94 27.74 -34.40
CA SER B 197 5.70 27.88 -33.65
C SER B 197 4.52 27.86 -34.62
N ALA B 198 3.70 26.83 -34.52
CA ALA B 198 2.51 26.69 -35.34
C ALA B 198 1.26 27.01 -34.52
N HIS B 199 0.17 27.23 -35.23
CA HIS B 199 -1.10 27.61 -34.64
C HIS B 199 -2.17 26.62 -35.07
N VAL B 200 -3.20 26.44 -34.22
CA VAL B 200 -4.25 25.46 -34.49
C VAL B 200 -5.52 25.81 -33.74
N PHE B 201 -6.65 25.73 -34.42
CA PHE B 201 -7.97 25.78 -33.80
C PHE B 201 -8.77 24.58 -34.31
N ILE B 202 -9.81 24.21 -33.58
CA ILE B 202 -10.51 22.97 -33.87
C ILE B 202 -11.96 23.18 -34.24
N ASP B 203 -12.33 24.40 -34.65
CA ASP B 203 -13.63 24.60 -35.26
C ASP B 203 -13.61 24.09 -36.70
N GLU B 204 -14.77 24.13 -37.36
CA GLU B 204 -14.90 23.51 -38.68
C GLU B 204 -13.91 24.09 -39.68
N ASP B 205 -13.77 25.42 -39.70
CA ASP B 205 -12.90 26.09 -40.65
C ASP B 205 -11.50 26.35 -40.10
N ALA B 206 -11.19 25.87 -38.89
CA ALA B 206 -9.89 26.01 -38.24
C ALA B 206 -9.46 27.45 -38.06
N SER B 207 -10.36 28.41 -38.22
CA SER B 207 -10.02 29.81 -38.05
C SER B 207 -10.12 30.27 -36.61
N GLY B 208 -10.74 29.47 -35.73
CA GLY B 208 -10.93 29.87 -34.35
C GLY B 208 -12.05 30.85 -34.12
N SER B 209 -12.92 31.08 -35.10
CA SER B 209 -14.09 31.91 -34.89
C SER B 209 -15.22 31.13 -34.25
N TYR B 210 -15.21 29.79 -34.38
CA TYR B 210 -16.20 28.93 -33.71
C TYR B 210 -17.63 29.38 -33.97
N LYS B 211 -17.97 29.51 -35.26
CA LYS B 211 -19.31 29.93 -35.62
C LYS B 211 -20.33 28.81 -35.41
N LYS B 212 -19.88 27.57 -35.35
CA LYS B 212 -20.74 26.43 -35.10
C LYS B 212 -20.22 25.64 -33.89
N GLY B 213 -21.07 24.76 -33.37
CA GLY B 213 -20.63 23.84 -32.36
C GLY B 213 -19.81 22.72 -32.96
N PRO B 214 -19.46 21.75 -32.12
CA PRO B 214 -18.65 20.62 -32.62
C PRO B 214 -19.23 19.89 -33.86
N GLY B 215 -20.55 19.74 -34.00
CA GLY B 215 -21.22 18.92 -34.99
C GLY B 215 -21.44 17.53 -34.40
N LYS B 216 -22.45 16.78 -34.88
CA LYS B 216 -22.76 15.57 -34.07
C LYS B 216 -21.69 14.52 -34.26
N ASP B 217 -21.07 14.51 -35.42
CA ASP B 217 -20.07 13.50 -35.75
C ASP B 217 -18.70 14.06 -35.45
N PHE B 218 -18.64 14.98 -34.50
CA PHE B 218 -17.39 15.59 -34.08
C PHE B 218 -16.40 14.52 -33.64
N GLU B 219 -15.24 14.50 -34.29
CA GLU B 219 -14.16 13.60 -33.89
C GLU B 219 -13.35 14.25 -32.76
N PRO B 220 -13.40 13.68 -31.55
CA PRO B 220 -12.67 14.29 -30.42
C PRO B 220 -11.17 14.46 -30.63
N MET B 221 -10.54 13.72 -31.55
CA MET B 221 -9.10 13.83 -31.75
C MET B 221 -8.73 14.89 -32.78
N ILE B 222 -9.67 15.76 -33.16
CA ILE B 222 -9.46 16.72 -34.24
C ILE B 222 -8.22 17.57 -34.01
N GLY B 223 -7.93 17.92 -32.75
CA GLY B 223 -6.78 18.75 -32.46
C GLY B 223 -5.46 18.06 -32.70
N VAL B 224 -5.35 16.82 -32.24
CA VAL B 224 -4.15 16.02 -32.49
C VAL B 224 -3.93 15.83 -33.99
N LYS B 225 -5.00 15.46 -34.71
CA LYS B 225 -4.86 15.21 -36.13
C LYS B 225 -4.49 16.47 -36.93
N ARG B 226 -4.80 17.66 -36.41
CA ARG B 226 -4.42 18.90 -37.08
C ARG B 226 -3.00 19.36 -36.72
N VAL B 227 -2.41 18.83 -35.65
CA VAL B 227 -1.03 19.14 -35.29
C VAL B 227 -0.05 18.05 -35.71
N GLU B 228 -0.54 16.85 -36.07
CA GLU B 228 0.34 15.79 -36.58
C GLU B 228 1.20 16.21 -37.76
N PRO B 229 0.68 16.85 -38.81
CA PRO B 229 1.58 17.26 -39.91
C PRO B 229 2.72 18.13 -39.43
N PHE B 230 2.45 19.05 -38.50
CA PHE B 230 3.49 19.92 -37.96
C PHE B 230 4.54 19.12 -37.20
N VAL B 231 4.10 18.27 -36.27
CA VAL B 231 5.04 17.53 -35.43
C VAL B 231 5.81 16.51 -36.26
N ASN B 232 5.15 15.86 -37.22
CA ASN B 232 5.85 14.91 -38.07
C ASN B 232 6.93 15.60 -38.89
N TRP B 233 6.64 16.82 -39.36
CA TRP B 233 7.66 17.60 -40.06
C TRP B 233 8.83 17.94 -39.14
N LEU B 234 8.54 18.24 -37.87
CA LEU B 234 9.61 18.50 -36.92
C LEU B 234 10.47 17.26 -36.71
N LYS B 235 9.84 16.10 -36.58
CA LYS B 235 10.58 14.85 -36.40
C LYS B 235 11.43 14.53 -37.63
N GLU B 236 10.86 14.72 -38.82
CA GLU B 236 11.55 14.38 -40.05
C GLU B 236 12.81 15.22 -40.25
N HIS B 237 12.78 16.50 -39.85
CA HIS B 237 13.92 17.40 -40.06
C HIS B 237 14.68 17.72 -38.78
N GLY B 238 14.40 17.03 -37.68
CA GLY B 238 15.12 17.28 -36.44
C GLY B 238 15.04 18.69 -35.90
N LYS B 239 13.85 19.28 -35.91
CA LYS B 239 13.65 20.66 -35.45
C LYS B 239 12.83 20.70 -34.17
N LYS B 240 12.89 21.85 -33.50
CA LYS B 240 12.13 22.09 -32.28
C LYS B 240 10.85 22.83 -32.60
N GLY B 241 9.82 22.57 -31.78
CA GLY B 241 8.49 23.04 -32.07
C GLY B 241 7.85 23.68 -30.86
N HIS B 242 6.66 24.24 -31.11
CA HIS B 242 5.97 25.12 -30.18
C HIS B 242 4.62 25.45 -30.78
N ILE B 243 3.56 25.54 -29.97
CA ILE B 243 2.24 25.94 -30.45
C ILE B 243 1.92 27.29 -29.80
N GLY B 244 1.98 28.35 -30.60
CA GLY B 244 1.81 29.68 -30.04
C GLY B 244 0.39 30.13 -29.85
N GLU B 245 -0.58 29.41 -30.42
CA GLU B 245 -1.97 29.86 -30.40
C GLU B 245 -2.92 28.68 -30.51
N PHE B 246 -3.78 28.52 -29.51
CA PHE B 246 -4.85 27.53 -29.52
C PHE B 246 -5.87 27.88 -28.44
N GLY B 247 -7.15 27.76 -28.78
CA GLY B 247 -8.19 28.01 -27.78
C GLY B 247 -9.49 27.35 -28.15
N ILE B 248 -10.39 27.31 -27.17
CA ILE B 248 -11.74 26.74 -27.36
C ILE B 248 -12.74 27.57 -26.57
N PRO B 249 -13.99 27.56 -27.01
CA PRO B 249 -15.05 28.19 -26.20
C PRO B 249 -15.32 27.36 -24.96
N ASN B 250 -16.06 27.94 -24.02
CA ASN B 250 -16.30 27.31 -22.72
C ASN B 250 -17.67 26.65 -22.62
N ASP B 251 -18.42 26.53 -23.72
CA ASP B 251 -19.82 26.14 -23.67
C ASP B 251 -20.09 24.73 -24.19
N ASP B 252 -19.08 23.89 -24.27
CA ASP B 252 -19.29 22.51 -24.73
C ASP B 252 -18.19 21.62 -24.19
N GLU B 253 -18.57 20.59 -23.44
CA GLU B 253 -17.61 19.63 -22.91
C GLU B 253 -16.82 18.94 -24.01
N ARG B 254 -17.40 18.82 -25.21
CA ARG B 254 -16.69 18.15 -26.29
C ARG B 254 -15.42 18.91 -26.67
N TRP B 255 -15.49 20.25 -26.67
CA TRP B 255 -14.29 21.05 -26.90
C TRP B 255 -13.22 20.73 -25.88
N LEU B 256 -13.61 20.67 -24.60
CA LEU B 256 -12.63 20.42 -23.54
C LEU B 256 -11.98 19.06 -23.72
N ASP B 257 -12.76 18.05 -24.10
CA ASP B 257 -12.18 16.72 -24.32
C ASP B 257 -11.16 16.75 -25.45
N ALA B 258 -11.49 17.43 -26.55
CA ALA B 258 -10.53 17.57 -27.64
C ALA B 258 -9.27 18.30 -27.17
N MET B 259 -9.45 19.36 -26.36
CA MET B 259 -8.31 20.08 -25.81
C MET B 259 -7.46 19.18 -24.91
N ASP B 260 -8.13 18.38 -24.07
CA ASP B 260 -7.41 17.46 -23.19
C ASP B 260 -6.57 16.48 -24.00
N LYS B 261 -7.15 15.90 -25.06
CA LYS B 261 -6.41 14.97 -25.91
C LYS B 261 -5.25 15.66 -26.62
N LEU B 262 -5.44 16.92 -27.05
CA LEU B 262 -4.35 17.65 -27.69
C LEU B 262 -3.21 17.91 -26.72
N LEU B 263 -3.53 18.35 -25.50
CA LEU B 263 -2.49 18.62 -24.51
C LEU B 263 -1.69 17.35 -24.19
N ALA B 264 -2.35 16.20 -24.16
CA ALA B 264 -1.62 14.96 -23.95
C ALA B 264 -0.63 14.71 -25.08
N TYR B 265 -1.09 14.87 -26.33
CA TYR B 265 -0.22 14.65 -27.48
C TYR B 265 0.98 15.60 -27.47
N LEU B 266 0.76 16.87 -27.08
CA LEU B 266 1.86 17.82 -26.99
C LEU B 266 2.79 17.47 -25.85
N ASN B 267 2.22 16.97 -24.74
CA ASN B 267 3.03 16.55 -23.61
C ASN B 267 3.95 15.40 -23.99
N GLU B 268 3.43 14.42 -24.74
CA GLU B 268 4.26 13.30 -25.15
CA GLU B 268 4.25 13.30 -25.17
C GLU B 268 5.42 13.77 -26.03
N ASN B 269 5.17 14.74 -26.90
CA ASN B 269 6.21 15.24 -27.79
C ASN B 269 6.97 16.45 -27.24
N CYS B 270 6.70 16.86 -25.99
CA CYS B 270 7.45 17.97 -25.36
C CYS B 270 7.29 19.30 -26.11
N ILE B 271 6.09 19.58 -26.60
CA ILE B 271 5.81 20.81 -27.33
C ILE B 271 5.09 21.78 -26.40
N PRO B 272 5.70 22.92 -26.03
CA PRO B 272 4.98 23.90 -25.21
C PRO B 272 3.79 24.50 -25.95
N ILE B 273 2.86 25.07 -25.18
CA ILE B 273 1.67 25.70 -25.74
C ILE B 273 1.44 27.06 -25.09
N ASN B 274 0.86 27.98 -25.85
CA ASN B 274 0.38 29.27 -25.36
C ASN B 274 -1.12 29.34 -25.65
N TYR B 275 -1.93 29.20 -24.61
CA TYR B 275 -3.37 29.24 -24.80
C TYR B 275 -3.82 30.61 -25.31
N TRP B 276 -4.76 30.61 -26.27
CA TRP B 276 -5.36 31.82 -26.81
C TRP B 276 -6.82 31.90 -26.37
N ALA B 277 -7.15 32.84 -25.48
CA ALA B 277 -6.23 33.80 -24.88
C ALA B 277 -6.73 34.30 -23.54
N ALA B 278 -5.80 34.89 -22.80
CA ALA B 278 -6.10 35.78 -21.70
C ALA B 278 -5.93 37.22 -22.20
N GLY B 279 -6.19 38.18 -21.33
CA GLY B 279 -6.02 39.57 -21.67
C GLY B 279 -6.89 40.47 -20.81
N PRO B 280 -6.47 41.74 -20.63
CA PRO B 280 -7.17 42.61 -19.68
C PRO B 280 -8.52 43.11 -20.14
N SER B 281 -8.81 43.09 -21.44
CA SER B 281 -10.03 43.69 -21.96
C SER B 281 -10.63 42.87 -23.10
N TRP B 282 -11.00 41.61 -22.80
CA TRP B 282 -11.60 40.73 -23.80
C TRP B 282 -13.13 40.76 -23.81
N GLY B 283 -13.75 41.14 -22.70
CA GLY B 283 -15.21 41.21 -22.67
C GLY B 283 -15.83 39.84 -22.90
N ASN B 284 -16.75 39.79 -23.85
CA ASN B 284 -17.52 38.58 -24.11
C ASN B 284 -16.83 37.63 -25.09
N TYR B 285 -15.54 37.83 -25.37
CA TYR B 285 -14.81 36.97 -26.29
C TYR B 285 -14.91 35.52 -25.87
N LYS B 286 -15.35 34.67 -26.81
CA LYS B 286 -15.74 33.31 -26.50
C LYS B 286 -14.57 32.42 -26.09
N LEU B 287 -13.34 32.76 -26.51
CA LEU B 287 -12.18 31.93 -26.16
C LEU B 287 -11.47 32.44 -24.91
N SER B 288 -11.90 33.57 -24.37
CA SER B 288 -11.20 34.18 -23.25
C SER B 288 -11.19 33.25 -22.04
N ILE B 289 -10.03 33.14 -21.42
CA ILE B 289 -9.94 32.50 -20.11
C ILE B 289 -9.66 33.53 -19.02
N GLU B 290 -9.74 34.82 -19.34
CA GLU B 290 -9.64 35.82 -18.31
C GLU B 290 -10.83 35.71 -17.36
N PRO B 291 -10.63 35.82 -16.06
CA PRO B 291 -11.77 35.83 -15.13
C PRO B 291 -12.76 36.92 -15.47
N LYS B 292 -14.04 36.55 -15.49
CA LYS B 292 -15.12 37.49 -15.73
C LYS B 292 -16.29 37.05 -14.87
N ASP B 293 -16.92 38.01 -14.19
CA ASP B 293 -17.91 37.66 -13.18
C ASP B 293 -19.07 36.90 -13.82
N GLY B 294 -19.36 35.73 -13.28
CA GLY B 294 -20.43 34.89 -13.78
C GLY B 294 -20.07 34.01 -14.95
N GLU B 295 -18.79 33.91 -15.29
CA GLU B 295 -18.34 33.07 -16.40
C GLU B 295 -17.43 32.00 -15.85
N LYS B 296 -17.65 30.76 -16.30
CA LYS B 296 -16.78 29.66 -15.92
C LYS B 296 -15.71 29.49 -16.99
N ARG B 297 -14.47 29.24 -16.55
CA ARG B 297 -13.34 29.02 -17.43
C ARG B 297 -12.78 27.62 -17.17
N PRO B 298 -13.47 26.58 -17.64
CA PRO B 298 -12.96 25.22 -17.42
C PRO B 298 -11.65 24.94 -18.13
N GLN B 299 -11.31 25.70 -19.18
CA GLN B 299 -10.02 25.51 -19.81
C GLN B 299 -8.88 25.71 -18.83
N VAL B 300 -9.07 26.57 -17.82
CA VAL B 300 -7.99 26.88 -16.89
C VAL B 300 -7.61 25.65 -16.07
N ALA B 301 -8.61 24.89 -15.63
CA ALA B 301 -8.33 23.66 -14.91
C ALA B 301 -7.55 22.66 -15.77
N LEU B 302 -7.91 22.55 -17.06
CA LEU B 302 -7.14 21.68 -17.94
C LEU B 302 -5.69 22.13 -18.03
N LEU B 303 -5.46 23.45 -18.16
CA LEU B 303 -4.09 23.97 -18.21
C LEU B 303 -3.32 23.69 -16.92
N LYS B 304 -3.98 23.84 -15.76
CA LYS B 304 -3.32 23.60 -14.48
C LYS B 304 -2.97 22.13 -14.31
N LYS B 305 -3.87 21.24 -14.73
CA LYS B 305 -3.59 19.81 -14.67
C LYS B 305 -2.30 19.46 -15.42
N TYR B 306 -2.13 20.01 -16.63
CA TYR B 306 -0.95 19.70 -17.43
C TYR B 306 0.27 20.52 -17.05
N ALA B 307 0.07 21.69 -16.42
CA ALA B 307 1.21 22.42 -15.88
C ALA B 307 1.91 21.64 -14.77
N ALA B 308 1.15 20.77 -14.08
CA ALA B 308 1.69 19.92 -13.03
C ALA B 308 2.63 18.83 -13.56
N LYS B 309 2.56 18.46 -14.85
CA LYS B 309 3.44 17.44 -15.42
C LYS B 309 4.89 17.86 -15.41
N ASP B 310 5.75 16.92 -15.01
CA ASP B 310 7.17 17.15 -15.10
C ASP B 310 7.46 17.65 -16.51
N ASN B 311 7.75 18.94 -16.65
CA ASN B 311 7.85 19.47 -18.00
C ASN B 311 9.16 19.07 -18.65
N CYS B 312 9.20 19.23 -19.97
CA CYS B 312 10.35 18.82 -20.73
C CYS B 312 11.39 19.91 -20.54
N SER B 313 12.62 19.50 -20.29
CA SER B 313 13.70 20.43 -19.97
C SER B 313 14.14 21.25 -21.18
N ASP B 314 13.86 20.78 -22.39
CA ASP B 314 14.12 21.57 -23.58
C ASP B 314 12.92 21.40 -24.52
N PHE B 315 12.89 22.22 -25.56
CA PHE B 315 11.85 22.10 -26.58
C PHE B 315 11.92 20.73 -27.24
N GLY B 316 10.78 20.07 -27.36
CA GLY B 316 10.71 18.84 -28.11
C GLY B 316 10.48 19.07 -29.59
N PRO B 317 10.37 17.96 -30.35
CA PRO B 317 10.56 16.64 -29.74
C PRO B 317 12.06 16.37 -29.55
N ALA B 318 12.40 15.37 -28.74
CA ALA B 318 13.80 15.05 -28.49
C ALA B 318 14.45 14.42 -29.70
N LYS B 319 15.76 14.66 -29.84
CA LYS B 319 16.54 14.12 -30.95
C LYS B 319 16.83 12.63 -30.80
N ALA B 320 16.24 11.82 -31.67
N SER C 1 -5.85 2.79 -1.47
CA SER C 1 -5.70 4.23 -1.68
C SER C 1 -4.63 4.83 -0.78
N VAL C 2 -3.73 5.61 -1.39
CA VAL C 2 -2.75 6.39 -0.67
C VAL C 2 -2.72 7.78 -1.31
N ASP C 3 -3.05 8.81 -0.54
CA ASP C 3 -2.76 10.18 -0.95
C ASP C 3 -1.33 10.54 -0.60
N LEU C 4 -0.58 11.07 -1.57
CA LEU C 4 0.78 11.50 -1.24
C LEU C 4 0.80 12.79 -0.45
N ILE C 5 -0.26 13.59 -0.52
CA ILE C 5 -0.32 14.92 0.07
C ILE C 5 -1.37 14.92 1.17
N GLY C 6 -0.96 15.30 2.37
CA GLY C 6 -1.85 15.37 3.52
C GLY C 6 -1.40 16.44 4.50
N ILE C 7 -2.22 16.66 5.52
CA ILE C 7 -1.96 17.71 6.51
C ILE C 7 -2.19 17.15 7.91
N ASN C 8 -1.43 17.69 8.87
CA ASN C 8 -1.80 17.55 10.27
C ASN C 8 -2.90 18.56 10.64
N VAL C 9 -3.88 18.10 11.40
CA VAL C 9 -4.87 18.94 12.06
C VAL C 9 -4.66 18.81 13.57
N ALA C 10 -3.95 19.77 14.14
CA ALA C 10 -3.53 19.75 15.52
C ALA C 10 -4.47 20.56 16.41
N GLY C 11 -4.49 20.21 17.69
CA GLY C 11 -5.32 20.92 18.63
C GLY C 11 -5.85 20.05 19.75
N ALA C 12 -6.23 18.80 19.43
CA ALA C 12 -6.79 17.90 20.42
C ALA C 12 -5.79 17.47 21.48
N GLU C 13 -4.50 17.69 21.25
CA GLU C 13 -3.43 17.33 22.17
C GLU C 13 -2.85 18.52 22.89
N PHE C 14 -3.37 19.72 22.65
CA PHE C 14 -2.80 20.93 23.21
C PHE C 14 -2.95 20.97 24.72
N THR C 15 -2.08 21.77 25.35
CA THR C 15 -2.08 22.06 26.79
C THR C 15 -2.07 20.76 27.59
N GLY C 16 -1.02 19.97 27.37
CA GLY C 16 -0.90 18.65 27.95
C GLY C 16 -0.92 18.63 29.47
N GLY C 17 -0.62 19.76 30.11
CA GLY C 17 -0.65 19.85 31.56
C GLY C 17 -2.03 19.87 32.17
N LYS C 18 -3.05 20.13 31.37
CA LYS C 18 -4.43 20.21 31.87
C LYS C 18 -5.15 18.92 31.49
N LEU C 19 -5.18 17.98 32.45
CA LEU C 19 -5.81 16.68 32.26
C LEU C 19 -6.89 16.49 33.31
N PRO C 20 -8.14 16.22 32.93
CA PRO C 20 -8.56 15.97 31.53
C PRO C 20 -8.63 17.22 30.65
N GLY C 21 -8.73 18.40 31.26
CA GLY C 21 -8.86 19.63 30.50
C GLY C 21 -10.26 19.83 29.97
N LYS C 22 -10.51 21.04 29.45
CA LYS C 22 -11.81 21.44 28.95
C LYS C 22 -11.73 21.73 27.46
N HIS C 23 -12.58 21.07 26.66
CA HIS C 23 -12.63 21.36 25.23
C HIS C 23 -13.08 22.78 24.99
N GLY C 24 -12.39 23.48 24.09
CA GLY C 24 -12.64 24.88 23.87
C GLY C 24 -11.80 25.81 24.72
N THR C 25 -11.15 25.30 25.76
CA THR C 25 -10.26 26.10 26.60
C THR C 25 -8.82 25.63 26.51
N HIS C 26 -8.58 24.33 26.74
CA HIS C 26 -7.22 23.80 26.72
C HIS C 26 -6.90 22.98 25.49
N TYR C 27 -7.90 22.33 24.89
CA TYR C 27 -7.69 21.57 23.67
C TYR C 27 -8.86 21.85 22.75
N PHE C 28 -8.67 21.52 21.47
CA PHE C 28 -9.58 21.96 20.42
C PHE C 28 -9.71 20.89 19.36
N PHE C 29 -10.95 20.48 19.07
CA PHE C 29 -11.31 19.64 17.95
C PHE C 29 -11.81 20.51 16.82
N PRO C 30 -11.85 20.03 15.57
CA PRO C 30 -12.29 20.89 14.46
C PRO C 30 -13.73 21.36 14.67
N PRO C 31 -13.96 22.65 14.54
CA PRO C 31 -15.32 23.16 14.67
C PRO C 31 -16.20 22.74 13.51
N GLU C 32 -17.49 23.07 13.58
CA GLU C 32 -18.41 22.73 12.50
C GLU C 32 -17.97 23.40 11.21
N GLY C 33 -17.96 22.64 10.12
CA GLY C 33 -17.54 23.17 8.86
C GLY C 33 -16.05 23.26 8.63
N TYR C 34 -15.25 22.80 9.61
CA TYR C 34 -13.80 22.95 9.51
C TYR C 34 -13.24 22.27 8.27
N PHE C 35 -13.67 21.04 7.99
CA PHE C 35 -13.06 20.28 6.90
C PHE C 35 -13.43 20.80 5.52
N GLU C 36 -14.43 21.68 5.42
CA GLU C 36 -14.93 22.11 4.11
C GLU C 36 -13.85 22.82 3.32
N TYR C 37 -13.11 23.73 3.96
CA TYR C 37 -12.06 24.45 3.26
C TYR C 37 -10.99 23.48 2.73
N TRP C 38 -10.56 22.53 3.56
CA TRP C 38 -9.48 21.64 3.15
C TRP C 38 -9.95 20.68 2.08
N SER C 39 -11.18 20.17 2.20
CA SER C 39 -11.77 19.37 1.12
C SER C 39 -11.78 20.17 -0.18
N GLU C 40 -12.11 21.46 -0.10
CA GLU C 40 -12.22 22.28 -1.29
C GLU C 40 -10.86 22.56 -1.92
N GLN C 41 -9.77 22.52 -1.13
CA GLN C 41 -8.44 22.65 -1.72
C GLN C 41 -7.94 21.36 -2.35
N GLY C 42 -8.65 20.25 -2.18
CA GLY C 42 -8.17 19.00 -2.73
C GLY C 42 -7.30 18.19 -1.80
N ILE C 43 -7.31 18.46 -0.51
CA ILE C 43 -6.56 17.68 0.47
C ILE C 43 -7.51 16.67 1.09
N HIS C 44 -7.13 15.40 1.04
CA HIS C 44 -8.03 14.34 1.46
C HIS C 44 -7.45 13.44 2.55
N THR C 45 -6.25 13.73 3.06
CA THR C 45 -5.72 12.93 4.14
C THR C 45 -5.29 13.86 5.28
N VAL C 46 -5.71 13.54 6.49
CA VAL C 46 -5.36 14.33 7.66
C VAL C 46 -4.78 13.41 8.73
N ARG C 47 -3.68 13.84 9.33
CA ARG C 47 -3.13 13.22 10.51
C ARG C 47 -3.68 13.97 11.72
N PHE C 48 -4.24 13.25 12.68
CA PHE C 48 -4.94 13.90 13.77
C PHE C 48 -4.34 13.56 15.13
N PRO C 49 -3.57 14.45 15.75
CA PRO C 49 -2.99 14.15 17.06
C PRO C 49 -4.05 13.98 18.14
N LEU C 50 -3.82 13.00 19.02
CA LEU C 50 -4.62 12.79 20.22
C LEU C 50 -3.72 12.60 21.42
N LYS C 51 -4.23 12.97 22.61
CA LYS C 51 -3.50 12.82 23.86
C LYS C 51 -3.98 11.57 24.58
N TRP C 52 -3.04 10.65 24.85
CA TRP C 52 -3.38 9.38 25.48
C TRP C 52 -4.06 9.59 26.83
N GLU C 53 -3.54 10.53 27.63
CA GLU C 53 -4.07 10.72 28.97
C GLU C 53 -5.52 11.15 28.97
N ARG C 54 -5.96 11.85 27.91
CA ARG C 54 -7.37 12.20 27.77
C ARG C 54 -8.20 11.02 27.27
N LEU C 55 -7.63 10.18 26.40
CA LEU C 55 -8.33 8.99 25.93
C LEU C 55 -8.55 7.99 27.07
N GLN C 56 -7.55 7.83 27.94
CA GLN C 56 -7.54 6.88 29.04
C GLN C 56 -7.02 7.57 30.29
N PRO C 57 -7.91 8.17 31.08
CA PRO C 57 -7.45 8.85 32.31
C PRO C 57 -6.78 7.91 33.30
N SER C 58 -6.97 6.60 33.19
CA SER C 58 -6.25 5.61 33.98
C SER C 58 -5.77 4.49 33.07
N LEU C 59 -4.59 3.96 33.36
CA LEU C 59 -4.09 2.84 32.56
C LEU C 59 -5.06 1.67 32.66
N ASN C 60 -5.22 0.95 31.56
CA ASN C 60 -6.07 -0.24 31.46
C ASN C 60 -7.55 0.05 31.65
N ALA C 61 -7.96 1.32 31.68
CA ALA C 61 -9.34 1.70 31.93
C ALA C 61 -10.10 1.99 30.63
N GLU C 62 -11.42 2.13 30.78
CA GLU C 62 -12.27 2.39 29.64
CA GLU C 62 -12.30 2.41 29.66
C GLU C 62 -11.96 3.77 29.05
N LEU C 63 -12.29 3.93 27.77
CA LEU C 63 -12.07 5.21 27.11
C LEU C 63 -12.98 6.27 27.70
N ASP C 64 -12.43 7.47 27.85
CA ASP C 64 -13.20 8.60 28.36
C ASP C 64 -14.33 8.92 27.40
N ASP C 65 -15.54 9.08 27.95
CA ASP C 65 -16.73 9.25 27.12
C ASP C 65 -16.69 10.57 26.35
N VAL C 66 -16.33 11.67 27.01
CA VAL C 66 -16.35 12.98 26.34
C VAL C 66 -15.32 13.04 25.23
N TYR C 67 -14.06 12.70 25.54
CA TYR C 67 -12.98 12.82 24.58
C TYR C 67 -13.18 11.88 23.39
N ALA C 68 -13.54 10.62 23.67
CA ALA C 68 -13.76 9.66 22.59
C ALA C 68 -14.94 10.08 21.73
N SER C 69 -15.94 10.73 22.33
CA SER C 69 -17.08 11.20 21.55
C SER C 69 -16.69 12.34 20.63
N LEU C 70 -15.77 13.20 21.07
CA LEU C 70 -15.21 14.21 20.17
C LEU C 70 -14.48 13.58 18.99
N VAL C 71 -13.79 12.45 19.23
CA VAL C 71 -13.17 11.75 18.12
C VAL C 71 -14.25 11.16 17.20
N ASP C 72 -15.28 10.55 17.79
CA ASP C 72 -16.42 10.04 17.00
C ASP C 72 -16.92 11.11 16.04
N ASP C 73 -17.19 12.31 16.57
CA ASP C 73 -17.70 13.42 15.76
C ASP C 73 -16.71 13.87 14.71
N MET C 74 -15.43 13.96 15.06
CA MET C 74 -14.44 14.38 14.07
C MET C 74 -14.42 13.43 12.88
N LEU C 75 -14.44 12.12 13.16
CA LEU C 75 -14.45 11.15 12.08
C LEU C 75 -15.71 11.27 11.24
N ASP C 76 -16.86 11.56 11.88
CA ASP C 76 -18.08 11.80 11.13
C ASP C 76 -17.93 13.00 10.20
N GLN C 77 -17.32 14.09 10.67
CA GLN C 77 -17.18 15.27 9.84
CA GLN C 77 -17.19 15.28 9.83
C GLN C 77 -16.14 15.07 8.75
N ALA C 78 -15.17 14.19 8.98
CA ALA C 78 -14.19 13.87 7.93
C ALA C 78 -14.84 13.06 6.82
N LYS C 79 -15.70 12.11 7.18
CA LYS C 79 -16.41 11.30 6.19
C LYS C 79 -17.26 12.18 5.27
N GLU C 80 -18.04 13.10 5.86
CA GLU C 80 -18.87 13.99 5.07
C GLU C 80 -18.07 14.81 4.06
N ASN C 81 -16.77 14.99 4.26
CA ASN C 81 -15.96 15.81 3.38
C ASN C 81 -14.92 15.02 2.61
N ASP C 82 -15.07 13.68 2.54
CA ASP C 82 -14.15 12.80 1.82
C ASP C 82 -12.72 12.93 2.34
N ILE C 83 -12.57 12.97 3.67
CA ILE C 83 -11.26 13.07 4.32
C ILE C 83 -10.92 11.73 4.96
N LYS C 84 -9.72 11.22 4.68
CA LYS C 84 -9.19 10.03 5.34
C LYS C 84 -8.29 10.44 6.51
N VAL C 85 -8.47 9.79 7.65
CA VAL C 85 -7.89 10.25 8.92
C VAL C 85 -6.89 9.24 9.45
N ILE C 86 -5.69 9.72 9.76
CA ILE C 86 -4.68 8.97 10.50
C ILE C 86 -4.77 9.42 11.95
N LEU C 87 -5.18 8.51 12.82
CA LEU C 87 -5.19 8.81 14.24
C LEU C 87 -3.77 8.69 14.79
N ASP C 88 -3.33 9.71 15.52
CA ASP C 88 -1.96 9.79 16.02
C ASP C 88 -2.01 9.88 17.53
N VAL C 89 -1.45 8.89 18.21
CA VAL C 89 -1.28 8.94 19.66
C VAL C 89 -0.02 9.75 19.93
N HIS C 90 -0.20 11.01 20.31
CA HIS C 90 0.87 12.02 20.29
C HIS C 90 1.58 12.10 21.63
N ASN C 91 2.24 11.01 22.05
CA ASN C 91 2.62 10.91 23.46
C ASN C 91 4.09 10.59 23.71
N TYR C 92 4.93 10.54 22.68
CA TYR C 92 6.38 10.42 22.86
C TYR C 92 6.76 9.16 23.64
N ALA C 93 5.98 8.10 23.45
CA ALA C 93 6.21 6.81 24.11
C ALA C 93 6.14 6.94 25.63
N ARG C 94 5.35 7.90 26.10
CA ARG C 94 5.23 8.13 27.52
C ARG C 94 3.75 8.25 27.89
N TYR C 95 3.43 7.82 29.11
CA TYR C 95 2.11 8.01 29.69
C TYR C 95 2.31 8.66 31.04
N ARG C 96 1.73 9.84 31.23
CA ARG C 96 1.96 10.64 32.42
C ARG C 96 3.46 10.77 32.69
N LYS C 97 4.20 11.05 31.62
CA LYS C 97 5.63 11.31 31.60
C LYS C 97 6.49 10.09 31.91
N LYS C 98 5.92 8.89 32.00
CA LYS C 98 6.68 7.69 32.27
C LYS C 98 6.74 6.82 31.02
N VAL C 99 7.92 6.28 30.75
CA VAL C 99 8.21 5.60 29.49
C VAL C 99 7.54 4.22 29.45
N ILE C 100 7.00 3.87 28.28
CA ILE C 100 6.43 2.56 28.08
C ILE C 100 7.51 1.50 28.19
N GLY C 101 7.29 0.51 29.03
CA GLY C 101 8.30 -0.49 29.33
C GLY C 101 8.88 -0.36 30.71
N THR C 102 8.64 0.75 31.41
CA THR C 102 9.02 0.89 32.80
C THR C 102 8.03 0.16 33.70
N GLU C 103 8.28 0.22 35.00
CA GLU C 103 7.41 -0.46 35.96
C GLU C 103 6.01 0.15 35.97
N ASP C 104 5.92 1.47 35.89
CA ASP C 104 4.63 2.12 36.01
C ASP C 104 3.83 2.13 34.70
N VAL C 105 4.48 1.91 33.56
CA VAL C 105 3.75 1.86 32.29
C VAL C 105 4.17 0.59 31.57
N PRO C 106 3.61 -0.57 31.95
CA PRO C 106 3.99 -1.82 31.27
C PRO C 106 3.50 -1.83 29.84
N VAL C 107 4.21 -2.60 29.00
CA VAL C 107 3.88 -2.64 27.58
C VAL C 107 2.44 -3.11 27.39
N SER C 108 1.96 -3.96 28.32
CA SER C 108 0.58 -4.45 28.24
C SER C 108 -0.43 -3.33 28.44
N ALA C 109 -0.07 -2.29 29.21
CA ALA C 109 -0.95 -1.13 29.32
C ALA C 109 -1.06 -0.39 27.99
N TYR C 110 0.05 -0.27 27.26
CA TYR C 110 0.02 0.36 25.94
C TYR C 110 -0.74 -0.50 24.94
N GLN C 111 -0.55 -1.82 25.01
CA GLN C 111 -1.33 -2.72 24.16
C GLN C 111 -2.83 -2.54 24.42
N ASP C 112 -3.20 -2.35 25.69
CA ASP C 112 -4.59 -2.14 26.03
C ASP C 112 -5.14 -0.89 25.37
N LEU C 113 -4.34 0.19 25.33
CA LEU C 113 -4.78 1.41 24.65
C LEU C 113 -5.08 1.13 23.18
N MET C 114 -4.14 0.48 22.48
CA MET C 114 -4.31 0.26 21.06
C MET C 114 -5.41 -0.76 20.78
N GLU C 115 -5.62 -1.70 21.69
CA GLU C 115 -6.79 -2.58 21.57
C GLU C 115 -8.08 -1.76 21.58
N ARG C 116 -8.24 -0.89 22.59
CA ARG C 116 -9.46 -0.09 22.72
C ARG C 116 -9.63 0.89 21.56
N ILE C 117 -8.53 1.45 21.04
CA ILE C 117 -8.64 2.40 19.93
C ILE C 117 -9.21 1.71 18.70
N ALA C 118 -8.61 0.60 18.29
CA ALA C 118 -9.06 -0.10 17.09
C ALA C 118 -10.47 -0.64 17.28
N LYS C 119 -10.76 -1.21 18.47
CA LYS C 119 -12.07 -1.75 18.76
C LYS C 119 -13.15 -0.70 18.58
N ARG C 120 -12.90 0.53 19.01
CA ARG C 120 -13.95 1.53 18.90
C ARG C 120 -14.11 2.08 17.48
N TRP C 121 -13.03 2.17 16.71
CA TRP C 121 -13.11 2.90 15.45
C TRP C 121 -12.77 2.11 14.20
N GLN C 122 -12.44 0.82 14.33
CA GLN C 122 -12.19 0.02 13.13
C GLN C 122 -13.38 0.01 12.19
N GLY C 123 -14.59 0.21 12.72
CA GLY C 123 -15.77 0.21 11.88
C GLY C 123 -16.06 1.53 11.17
N HIS C 124 -15.29 2.59 11.44
CA HIS C 124 -15.53 3.89 10.85
C HIS C 124 -14.85 4.04 9.50
N ASP C 125 -15.64 4.40 8.47
CA ASP C 125 -15.11 4.51 7.11
C ASP C 125 -14.08 5.61 6.95
N ALA C 126 -14.16 6.66 7.76
CA ALA C 126 -13.19 7.75 7.63
C ALA C 126 -11.82 7.38 8.17
N LEU C 127 -11.72 6.38 9.04
CA LEU C 127 -10.44 6.00 9.61
C LEU C 127 -9.55 5.39 8.54
N PHE C 128 -8.37 5.96 8.35
CA PHE C 128 -7.46 5.47 7.32
C PHE C 128 -6.32 4.64 7.89
N ALA C 129 -5.67 5.10 8.95
CA ALA C 129 -4.50 4.38 9.47
C ALA C 129 -4.32 4.75 10.93
N TYR C 130 -3.44 4.01 11.59
CA TYR C 130 -3.06 4.27 12.97
C TYR C 130 -1.58 4.64 13.02
N ASP C 131 -1.29 5.87 13.44
CA ASP C 131 0.07 6.27 13.82
C ASP C 131 0.22 5.99 15.32
N ILE C 132 0.80 4.83 15.66
CA ILE C 132 0.59 4.31 17.01
C ILE C 132 1.33 5.09 18.08
N MET C 133 2.36 5.89 17.74
CA MET C 133 3.03 6.71 18.74
C MET C 133 3.84 7.80 18.07
N ASN C 134 3.65 9.04 18.51
CA ASN C 134 4.41 10.16 17.98
C ASN C 134 5.74 10.28 18.72
N GLU C 135 6.85 10.14 18.00
CA GLU C 135 8.19 10.56 18.41
C GLU C 135 8.63 10.04 19.78
N PRO C 136 8.93 8.74 19.91
CA PRO C 136 9.72 8.30 21.07
C PRO C 136 11.07 8.99 21.03
N TYR C 137 11.61 9.29 22.21
CA TYR C 137 12.92 9.90 22.34
C TYR C 137 13.51 9.59 23.70
N GLY C 138 14.81 9.80 23.81
CA GLY C 138 15.49 9.72 25.09
C GLY C 138 15.45 8.34 25.68
N SER C 139 15.10 8.26 26.96
CA SER C 139 15.04 6.97 27.64
C SER C 139 13.97 6.05 27.06
N ALA C 140 13.10 6.54 26.16
CA ALA C 140 12.15 5.65 25.51
C ALA C 140 12.77 4.91 24.33
N ASP C 141 13.92 5.40 23.84
CA ASP C 141 14.49 4.88 22.59
C ASP C 141 14.76 3.39 22.69
N LYS C 142 15.47 2.96 23.73
CA LYS C 142 15.85 1.55 23.84
C LYS C 142 14.63 0.66 24.09
N LEU C 143 13.61 1.18 24.76
CA LEU C 143 12.42 0.42 25.08
C LEU C 143 11.37 0.44 23.97
N TRP C 144 11.51 1.33 22.99
CA TRP C 144 10.45 1.50 22.01
C TRP C 144 10.20 0.26 21.15
N PRO C 145 11.21 -0.42 20.60
CA PRO C 145 10.90 -1.55 19.71
C PRO C 145 10.00 -2.59 20.34
N ALA C 146 10.15 -2.85 21.64
CA ALA C 146 9.26 -3.77 22.33
C ALA C 146 7.87 -3.16 22.51
N ALA C 147 7.82 -1.85 22.79
CA ALA C 147 6.51 -1.18 22.89
C ALA C 147 5.79 -1.20 21.55
N ALA C 148 6.53 -0.98 20.46
CA ALA C 148 5.90 -0.94 19.14
C ALA C 148 5.21 -2.26 18.81
N GLN C 149 5.86 -3.39 19.09
CA GLN C 149 5.24 -4.69 18.83
C GLN C 149 3.95 -4.83 19.62
N ALA C 150 3.94 -4.39 20.88
CA ALA C 150 2.74 -4.44 21.69
C ALA C 150 1.63 -3.59 21.09
N GLY C 151 1.96 -2.40 20.60
CA GLY C 151 0.95 -1.59 19.91
C GLY C 151 0.44 -2.26 18.65
N ILE C 152 1.34 -2.85 17.88
CA ILE C 152 0.92 -3.58 16.68
C ILE C 152 -0.05 -4.70 17.07
N ASP C 153 0.32 -5.50 18.09
CA ASP C 153 -0.55 -6.57 18.55
C ASP C 153 -1.88 -6.05 19.05
N GLY C 154 -1.85 -4.92 19.76
CA GLY C 154 -3.10 -4.35 20.27
C GLY C 154 -4.05 -3.99 19.14
N VAL C 155 -3.55 -3.25 18.15
CA VAL C 155 -4.41 -2.87 17.03
C VAL C 155 -4.91 -4.10 16.28
N ARG C 156 -4.01 -5.06 16.02
CA ARG C 156 -4.34 -6.17 15.14
C ARG C 156 -5.37 -7.13 15.73
N LYS C 157 -5.58 -7.09 17.05
CA LYS C 157 -6.63 -7.92 17.64
C LYS C 157 -8.01 -7.54 17.11
N TYR C 158 -8.22 -6.28 16.74
CA TYR C 158 -9.52 -5.83 16.27
C TYR C 158 -9.52 -5.23 14.87
N ASP C 159 -8.36 -4.90 14.32
CA ASP C 159 -8.26 -4.35 12.97
C ASP C 159 -7.17 -5.10 12.24
N LYS C 160 -7.57 -5.98 11.33
CA LYS C 160 -6.66 -6.83 10.60
C LYS C 160 -6.25 -6.24 9.25
N LYS C 161 -6.74 -5.06 8.91
CA LYS C 161 -6.60 -4.54 7.55
C LYS C 161 -5.80 -3.25 7.46
N ARG C 162 -6.07 -2.27 8.31
CA ARG C 162 -5.58 -0.91 8.08
C ARG C 162 -4.07 -0.81 8.29
N PRO C 163 -3.41 0.07 7.55
CA PRO C 163 -1.96 0.25 7.74
C PRO C 163 -1.62 0.78 9.13
N LEU C 164 -0.45 0.38 9.60
CA LEU C 164 0.12 0.80 10.87
C LEU C 164 1.33 1.68 10.59
N LEU C 165 1.28 2.93 11.07
CA LEU C 165 2.40 3.86 10.91
C LEU C 165 3.29 3.73 12.13
N ILE C 166 4.51 3.25 11.92
CA ILE C 166 5.46 2.93 12.97
C ILE C 166 6.54 4.00 12.94
N GLU C 167 6.59 4.83 13.97
CA GLU C 167 7.64 5.82 14.07
C GLU C 167 8.89 5.23 14.72
N GLY C 168 10.00 5.95 14.56
CA GLY C 168 11.29 5.52 15.05
C GLY C 168 11.75 6.29 16.28
N ALA C 169 12.88 5.83 16.82
CA ALA C 169 13.53 6.45 17.95
C ALA C 169 14.12 7.81 17.57
N SER C 170 14.52 8.57 18.59
CA SER C 170 15.13 9.89 18.41
C SER C 170 14.18 10.82 17.66
N TRP C 171 12.97 10.96 18.23
CA TRP C 171 11.91 11.78 17.65
C TRP C 171 11.61 11.37 16.22
N SER C 172 11.79 10.09 15.92
CA SER C 172 11.55 9.52 14.60
C SER C 172 12.27 10.32 13.52
N SER C 173 13.50 10.75 13.83
CA SER C 173 14.26 11.57 12.89
C SER C 173 14.55 10.83 11.59
N ALA C 174 14.21 11.46 10.47
CA ALA C 174 14.54 10.89 9.17
C ALA C 174 16.04 10.93 8.92
N ALA C 175 16.72 12.01 9.33
CA ALA C 175 18.15 12.14 9.06
C ALA C 175 18.95 11.10 9.82
N ARG C 176 18.56 10.81 11.06
CA ARG C 176 19.26 9.87 11.90
C ARG C 176 18.71 8.44 11.82
N TRP C 177 17.77 8.19 10.89
CA TRP C 177 17.05 6.92 10.86
C TRP C 177 17.97 5.69 10.82
N PRO C 178 18.97 5.59 9.91
CA PRO C 178 19.80 4.36 9.88
C PRO C 178 20.56 4.12 11.17
N ARG C 179 20.73 5.15 12.00
CA ARG C 179 21.42 5.01 13.27
C ARG C 179 20.61 4.34 14.36
N TYR C 180 19.32 4.10 14.13
CA TYR C 180 18.52 3.43 15.15
C TYR C 180 17.56 2.39 14.60
N ALA C 181 17.29 2.37 13.30
CA ALA C 181 16.10 1.71 12.80
C ALA C 181 16.23 0.20 12.66
N ASP C 182 17.45 -0.35 12.73
CA ASP C 182 17.62 -1.78 12.54
C ASP C 182 16.91 -2.58 13.64
N GLU C 183 16.68 -1.99 14.81
CA GLU C 183 15.93 -2.69 15.84
C GLU C 183 14.45 -2.82 15.51
N LEU C 184 13.94 -2.05 14.55
CA LEU C 184 12.56 -2.22 14.12
C LEU C 184 12.38 -3.36 13.13
N LEU C 185 13.47 -3.90 12.60
CA LEU C 185 13.37 -4.99 11.63
C LEU C 185 12.75 -6.24 12.25
N LYS C 186 12.82 -6.40 13.57
CA LYS C 186 12.21 -7.55 14.22
C LYS C 186 10.71 -7.41 14.40
N LEU C 187 10.11 -6.31 13.97
CA LEU C 187 8.67 -6.11 14.09
C LEU C 187 7.91 -7.05 13.15
N LYS C 188 6.81 -7.59 13.66
CA LYS C 188 5.99 -8.54 12.92
C LYS C 188 4.58 -7.98 12.77
N ASP C 189 4.02 -8.16 11.59
CA ASP C 189 2.63 -7.78 11.37
C ASP C 189 1.95 -8.87 10.58
N PRO C 190 0.99 -9.59 11.18
CA PRO C 190 0.26 -10.63 10.43
C PRO C 190 -0.38 -10.11 9.16
N ALA C 191 -0.72 -8.83 9.10
CA ALA C 191 -1.31 -8.26 7.90
C ALA C 191 -0.27 -7.74 6.92
N ASP C 192 0.99 -7.69 7.33
CA ASP C 192 2.07 -7.16 6.49
C ASP C 192 1.66 -5.82 5.86
N ASN C 193 1.14 -4.93 6.71
CA ASN C 193 0.73 -3.58 6.31
C ASN C 193 1.29 -2.57 7.31
N MET C 194 2.62 -2.62 7.48
CA MET C 194 3.35 -1.70 8.34
C MET C 194 4.05 -0.66 7.48
N VAL C 195 3.95 0.60 7.89
CA VAL C 195 4.63 1.70 7.21
C VAL C 195 5.43 2.49 8.24
N PHE C 196 6.72 2.67 7.99
CA PHE C 196 7.55 3.47 8.87
C PHE C 196 7.37 4.93 8.52
N SER C 197 7.25 5.76 9.55
CA SER C 197 6.98 7.19 9.37
C SER C 197 8.05 7.99 10.11
N ALA C 198 8.83 8.75 9.36
CA ALA C 198 9.87 9.61 9.90
C ALA C 198 9.41 11.06 9.82
N HIS C 199 10.11 11.92 10.56
CA HIS C 199 9.80 13.34 10.65
C HIS C 199 11.04 14.13 10.26
N VAL C 200 10.81 15.33 9.72
CA VAL C 200 11.92 16.13 9.19
C VAL C 200 11.53 17.61 9.24
N PHE C 201 12.47 18.42 9.71
CA PHE C 201 12.41 19.88 9.59
C PHE C 201 13.71 20.35 8.97
N ILE C 202 13.71 21.56 8.45
CA ILE C 202 14.89 22.00 7.71
C ILE C 202 15.52 23.26 8.32
N ASP C 203 15.23 23.57 9.59
CA ASP C 203 16.03 24.58 10.27
C ASP C 203 17.38 23.95 10.68
N GLU C 204 18.22 24.74 11.35
CA GLU C 204 19.59 24.30 11.58
CA GLU C 204 19.60 24.31 11.60
C GLU C 204 19.63 23.12 12.55
N ASP C 205 18.94 23.22 13.69
CA ASP C 205 18.92 22.09 14.63
C ASP C 205 17.86 21.06 14.29
N ALA C 206 17.15 21.23 13.17
CA ALA C 206 16.13 20.28 12.71
C ALA C 206 15.00 20.10 13.72
N SER C 207 14.86 21.02 14.68
CA SER C 207 13.78 20.89 15.67
C SER C 207 12.45 21.45 15.18
N GLY C 208 12.44 22.21 14.09
CA GLY C 208 11.20 22.83 13.67
C GLY C 208 10.77 24.06 14.45
N SER C 209 11.64 24.65 15.26
CA SER C 209 11.29 25.92 15.88
C SER C 209 11.62 27.12 14.99
N TYR C 210 12.56 26.95 14.06
CA TYR C 210 12.93 27.99 13.10
C TYR C 210 13.26 29.31 13.79
N LYS C 211 14.22 29.24 14.72
CA LYS C 211 14.65 30.43 15.45
C LYS C 211 15.50 31.36 14.60
N LYS C 212 16.06 30.87 13.50
CA LYS C 212 16.83 31.68 12.57
C LYS C 212 16.22 31.56 11.17
N GLY C 213 16.64 32.45 10.30
CA GLY C 213 16.24 32.38 8.91
C GLY C 213 17.04 31.33 8.18
N PRO C 214 16.84 31.21 6.87
CA PRO C 214 17.57 30.19 6.09
C PRO C 214 19.08 30.31 6.25
N GLY C 215 19.61 31.53 6.33
CA GLY C 215 21.03 31.68 6.52
C GLY C 215 21.78 31.89 5.21
N LYS C 216 23.00 32.40 5.34
CA LYS C 216 23.79 32.75 4.17
C LYS C 216 24.13 31.52 3.36
N ASP C 217 24.47 30.42 4.02
CA ASP C 217 24.88 29.21 3.33
C ASP C 217 23.75 28.18 3.28
N PHE C 218 22.49 28.61 3.30
CA PHE C 218 21.36 27.69 3.19
C PHE C 218 21.43 26.90 1.89
N GLU C 219 20.98 25.64 1.95
CA GLU C 219 20.98 24.79 0.78
CA GLU C 219 21.00 24.75 0.80
C GLU C 219 19.57 24.35 0.43
N PRO C 220 19.13 24.55 -0.81
CA PRO C 220 17.80 24.08 -1.21
C PRO C 220 17.56 22.59 -1.02
N MET C 221 18.53 21.74 -1.34
CA MET C 221 18.36 20.28 -1.29
CA MET C 221 18.30 20.29 -1.29
C MET C 221 18.39 19.72 0.13
N ILE C 222 18.38 20.56 1.16
CA ILE C 222 18.54 20.08 2.54
C ILE C 222 17.43 19.11 2.92
N GLY C 223 16.21 19.34 2.45
CA GLY C 223 15.11 18.46 2.79
C GLY C 223 15.28 17.08 2.19
N VAL C 224 15.66 17.02 0.91
CA VAL C 224 15.94 15.74 0.27
C VAL C 224 17.09 15.03 0.99
N LYS C 225 18.14 15.78 1.33
CA LYS C 225 19.31 15.19 1.97
CA LYS C 225 19.31 15.19 1.97
C LYS C 225 18.97 14.64 3.36
N ARG C 226 18.04 15.27 4.06
CA ARG C 226 17.71 14.77 5.39
C ARG C 226 16.75 13.60 5.37
N VAL C 227 16.06 13.33 4.25
CA VAL C 227 15.21 12.14 4.17
C VAL C 227 15.86 11.02 3.38
N GLU C 228 16.91 11.29 2.62
CA GLU C 228 17.64 10.23 1.90
C GLU C 228 18.06 9.08 2.81
N PRO C 229 18.64 9.30 3.99
CA PRO C 229 18.96 8.14 4.85
C PRO C 229 17.73 7.30 5.20
N PHE C 230 16.58 7.95 5.43
CA PHE C 230 15.36 7.22 5.70
C PHE C 230 14.94 6.39 4.48
N VAL C 231 14.85 7.02 3.31
CA VAL C 231 14.35 6.35 2.11
C VAL C 231 15.34 5.27 1.63
N ASN C 232 16.64 5.55 1.69
CA ASN C 232 17.64 4.54 1.32
C ASN C 232 17.58 3.34 2.25
N TRP C 233 17.36 3.57 3.54
CA TRP C 233 17.17 2.45 4.46
C TRP C 233 15.91 1.66 4.09
N LEU C 234 14.87 2.36 3.65
CA LEU C 234 13.64 1.68 3.25
C LEU C 234 13.88 0.79 2.04
N LYS C 235 14.59 1.32 1.04
CA LYS C 235 14.88 0.52 -0.15
C LYS C 235 15.78 -0.66 0.19
N GLU C 236 16.78 -0.43 1.04
CA GLU C 236 17.74 -1.48 1.37
C GLU C 236 17.05 -2.66 2.05
N HIS C 237 16.02 -2.40 2.86
CA HIS C 237 15.33 -3.45 3.59
C HIS C 237 13.95 -3.75 3.04
N GLY C 238 13.59 -3.24 1.87
CA GLY C 238 12.28 -3.52 1.28
C GLY C 238 11.09 -3.15 2.13
N LYS C 239 11.12 -1.96 2.73
CA LYS C 239 10.07 -1.48 3.62
C LYS C 239 9.36 -0.27 3.02
N LYS C 240 8.21 0.06 3.59
CA LYS C 240 7.40 1.17 3.15
C LYS C 240 7.64 2.39 4.04
N GLY C 241 7.50 3.58 3.47
CA GLY C 241 7.81 4.81 4.18
C GLY C 241 6.72 5.85 4.04
N HIS C 242 6.90 6.93 4.80
CA HIS C 242 5.89 7.94 5.07
C HIS C 242 6.57 9.02 5.89
N ILE C 243 6.24 10.28 5.63
CA ILE C 243 6.74 11.40 6.42
C ILE C 243 5.56 12.04 7.13
N GLY C 244 5.47 11.84 8.45
CA GLY C 244 4.32 12.30 9.21
C GLY C 244 4.36 13.75 9.67
N GLU C 245 5.50 14.41 9.57
CA GLU C 245 5.64 15.74 10.14
C GLU C 245 6.73 16.50 9.39
N PHE C 246 6.33 17.60 8.76
CA PHE C 246 7.25 18.52 8.11
C PHE C 246 6.54 19.85 7.90
N GLY C 247 7.25 20.95 8.14
CA GLY C 247 6.68 22.26 7.89
C GLY C 247 7.76 23.32 7.75
N ILE C 248 7.34 24.48 7.23
CA ILE C 248 8.23 25.62 7.04
C ILE C 248 7.46 26.91 7.32
N PRO C 249 8.17 27.96 7.72
CA PRO C 249 7.52 29.28 7.84
C PRO C 249 7.24 29.87 6.46
N ASN C 250 6.41 30.91 6.45
CA ASN C 250 5.91 31.48 5.20
C ASN C 250 6.63 32.77 4.77
N ASP C 251 7.71 33.16 5.46
CA ASP C 251 8.28 34.49 5.26
C ASP C 251 9.62 34.47 4.52
N ASP C 252 9.92 33.40 3.78
CA ASP C 252 11.17 33.34 3.02
C ASP C 252 11.00 32.34 1.89
N GLU C 253 11.25 32.80 0.65
CA GLU C 253 11.04 31.96 -0.52
C GLU C 253 12.01 30.79 -0.59
N ARG C 254 13.16 30.88 0.11
CA ARG C 254 14.11 29.77 0.12
C ARG C 254 13.51 28.54 0.79
N TRP C 255 12.73 28.75 1.85
CA TRP C 255 12.02 27.64 2.49
C TRP C 255 11.13 26.92 1.47
N LEU C 256 10.39 27.69 0.67
CA LEU C 256 9.48 27.11 -0.32
C LEU C 256 10.24 26.28 -1.35
N ASP C 257 11.39 26.77 -1.80
CA ASP C 257 12.17 26.03 -2.78
C ASP C 257 12.62 24.68 -2.22
N ALA C 258 13.09 24.66 -0.97
CA ALA C 258 13.48 23.40 -0.34
C ALA C 258 12.28 22.47 -0.21
N MET C 259 11.13 23.01 0.19
CA MET C 259 9.92 22.20 0.28
C MET C 259 9.53 21.64 -1.08
N ASP C 260 9.64 22.48 -2.12
CA ASP C 260 9.35 22.03 -3.49
C ASP C 260 10.25 20.87 -3.86
N LYS C 261 11.54 20.97 -3.55
CA LYS C 261 12.48 19.90 -3.85
C LYS C 261 12.15 18.63 -3.08
N LEU C 262 11.73 18.77 -1.82
CA LEU C 262 11.43 17.60 -1.00
C LEU C 262 10.21 16.84 -1.53
N LEU C 263 9.13 17.55 -1.83
CA LEU C 263 7.93 16.91 -2.35
C LEU C 263 8.22 16.20 -3.66
N ALA C 264 9.13 16.76 -4.48
CA ALA C 264 9.52 16.09 -5.71
C ALA C 264 10.16 14.75 -5.42
N TYR C 265 11.11 14.72 -4.50
CA TYR C 265 11.78 13.47 -4.12
C TYR C 265 10.81 12.48 -3.50
N LEU C 266 9.87 12.98 -2.68
CA LEU C 266 8.88 12.07 -2.10
C LEU C 266 7.93 11.53 -3.18
N ASN C 267 7.58 12.38 -4.15
CA ASN C 267 6.72 11.91 -5.25
C ASN C 267 7.40 10.83 -6.07
N GLU C 268 8.71 10.98 -6.34
CA GLU C 268 9.46 9.97 -7.08
CA GLU C 268 9.42 9.96 -7.11
C GLU C 268 9.44 8.63 -6.37
N ASN C 269 9.36 8.65 -5.04
CA ASN C 269 9.44 7.42 -4.26
C ASN C 269 8.11 7.02 -3.65
N CYS C 270 7.03 7.72 -3.98
CA CYS C 270 5.70 7.40 -3.47
C CYS C 270 5.66 7.44 -1.94
N ILE C 271 6.34 8.44 -1.36
CA ILE C 271 6.35 8.62 0.09
C ILE C 271 5.35 9.71 0.42
N PRO C 272 4.23 9.40 1.08
CA PRO C 272 3.28 10.45 1.49
C PRO C 272 3.89 11.37 2.54
N ILE C 273 3.28 12.55 2.66
CA ILE C 273 3.69 13.55 3.64
C ILE C 273 2.46 14.05 4.37
N ASN C 274 2.66 14.44 5.64
CA ASN C 274 1.64 15.13 6.42
C ASN C 274 2.23 16.46 6.86
N TYR C 275 1.78 17.55 6.23
CA TYR C 275 2.33 18.86 6.58
C TYR C 275 1.99 19.23 8.03
N TRP C 276 2.97 19.82 8.72
CA TRP C 276 2.83 20.29 10.10
C TRP C 276 2.90 21.81 10.10
N ALA C 277 1.78 22.48 10.39
CA ALA C 277 0.49 21.85 10.72
C ALA C 277 -0.66 22.78 10.34
N ALA C 278 -1.86 22.21 10.21
CA ALA C 278 -3.09 22.96 10.24
C ALA C 278 -3.79 22.71 11.57
N GLY C 279 -4.91 23.40 11.78
CA GLY C 279 -5.68 23.22 12.98
C GLY C 279 -6.51 24.44 13.34
N PRO C 280 -7.56 24.22 14.13
CA PRO C 280 -8.51 25.31 14.40
C PRO C 280 -7.99 26.41 15.32
N SER C 281 -6.93 26.17 16.10
CA SER C 281 -6.52 27.13 17.13
C SER C 281 -5.01 27.25 17.22
N TRP C 282 -4.38 27.66 16.11
CA TRP C 282 -2.93 27.85 16.08
C TRP C 282 -2.51 29.28 16.35
N GLY C 283 -3.37 30.25 16.06
CA GLY C 283 -2.99 31.64 16.27
C GLY C 283 -1.80 32.02 15.40
N ASN C 284 -0.78 32.61 16.01
CA ASN C 284 0.40 33.13 15.30
C ASN C 284 1.47 32.07 15.05
N TYR C 285 1.15 30.78 15.20
CA TYR C 285 2.14 29.74 15.02
C TYR C 285 2.81 29.85 13.66
N LYS C 286 4.15 29.89 13.66
CA LYS C 286 4.90 30.23 12.46
C LYS C 286 4.74 29.20 11.35
N LEU C 287 4.43 27.96 11.68
CA LEU C 287 4.31 26.90 10.69
C LEU C 287 2.88 26.67 10.23
N SER C 288 1.90 27.37 10.81
CA SER C 288 0.51 27.11 10.49
C SER C 288 0.22 27.39 9.02
N ILE C 289 -0.53 26.48 8.41
CA ILE C 289 -1.14 26.70 7.10
C ILE C 289 -2.64 26.86 7.22
N GLU C 290 -3.16 27.00 8.43
CA GLU C 290 -4.56 27.34 8.58
C GLU C 290 -4.80 28.76 8.07
N PRO C 291 -5.90 29.01 7.36
CA PRO C 291 -6.19 30.37 6.93
C PRO C 291 -6.31 31.34 8.10
N LYS C 292 -5.65 32.48 7.97
CA LYS C 292 -5.77 33.54 8.97
C LYS C 292 -5.64 34.88 8.25
N ASP C 293 -6.52 35.82 8.62
CA ASP C 293 -6.66 37.08 7.88
C ASP C 293 -5.35 37.84 7.82
N GLY C 294 -5.04 38.38 6.64
CA GLY C 294 -3.83 39.14 6.44
C GLY C 294 -2.57 38.31 6.43
N GLU C 295 -2.70 36.98 6.43
CA GLU C 295 -1.55 36.09 6.40
C GLU C 295 -1.64 35.21 5.17
N LYS C 296 -0.54 35.11 4.45
CA LYS C 296 -0.43 34.26 3.27
C LYS C 296 0.15 32.89 3.63
N ARG C 297 -0.38 31.84 2.99
CA ARG C 297 0.07 30.47 3.17
C ARG C 297 0.57 29.93 1.83
N PRO C 298 1.76 30.35 1.39
CA PRO C 298 2.27 29.86 0.11
C PRO C 298 2.54 28.36 0.06
N GLN C 299 2.72 27.71 1.21
CA GLN C 299 2.90 26.26 1.22
C GLN C 299 1.69 25.52 0.66
N VAL C 300 0.49 26.09 0.81
CA VAL C 300 -0.70 25.37 0.39
C VAL C 300 -0.69 25.16 -1.12
N ALA C 301 -0.22 26.15 -1.86
CA ALA C 301 -0.12 25.99 -3.32
C ALA C 301 0.83 24.86 -3.67
N LEU C 302 1.98 24.79 -2.98
CA LEU C 302 2.93 23.71 -3.24
C LEU C 302 2.29 22.36 -2.98
N LEU C 303 1.53 22.24 -1.90
CA LEU C 303 0.85 20.97 -1.62
C LEU C 303 -0.12 20.63 -2.74
N LYS C 304 -0.87 21.64 -3.24
CA LYS C 304 -1.85 21.38 -4.29
C LYS C 304 -1.18 21.00 -5.60
N LYS C 305 -0.06 21.65 -5.94
CA LYS C 305 0.69 21.29 -7.14
C LYS C 305 1.06 19.82 -7.11
N TYR C 306 1.56 19.33 -5.98
CA TYR C 306 1.99 17.95 -5.91
C TYR C 306 0.85 16.97 -5.66
N ALA C 307 -0.27 17.42 -5.11
CA ALA C 307 -1.43 16.53 -5.07
C ALA C 307 -1.90 16.16 -6.48
N ALA C 308 -1.73 17.08 -7.44
CA ALA C 308 -2.09 16.75 -8.82
C ALA C 308 -1.08 15.80 -9.44
N LYS C 309 0.16 15.81 -8.97
CA LYS C 309 1.20 14.91 -9.45
C LYS C 309 1.15 13.53 -8.79
N ASP C 310 0.22 13.29 -7.87
CA ASP C 310 0.12 12.02 -7.15
C ASP C 310 -0.43 10.93 -8.06
N ASN C 311 0.47 10.03 -8.48
CA ASN C 311 0.12 8.89 -9.30
C ASN C 311 0.33 7.56 -8.57
N CYS C 312 0.56 7.57 -7.25
CA CYS C 312 0.88 6.34 -6.54
C CYS C 312 -0.35 5.65 -5.97
N SER C 313 -0.40 4.33 -6.16
CA SER C 313 -1.46 3.47 -5.65
C SER C 313 -1.17 2.92 -4.25
N ASP C 314 0.11 2.78 -3.88
CA ASP C 314 0.49 2.23 -2.58
C ASP C 314 1.66 3.04 -2.02
N PHE C 315 1.96 2.79 -0.75
CA PHE C 315 3.16 3.38 -0.15
C PHE C 315 4.40 2.89 -0.89
N GLY C 316 5.26 3.83 -1.27
CA GLY C 316 6.56 3.50 -1.80
C GLY C 316 7.54 3.33 -0.66
N PRO C 317 8.86 3.19 -0.96
CA PRO C 317 9.47 3.15 -2.30
C PRO C 317 9.43 1.78 -2.97
N ALA C 318 9.72 1.75 -4.27
CA ALA C 318 9.78 0.49 -5.02
C ALA C 318 10.87 -0.44 -4.51
N LYS C 319 10.63 -1.75 -4.63
N SER D 1 -28.18 -9.25 -19.31
CA SER D 1 -27.33 -9.75 -20.39
C SER D 1 -25.97 -10.16 -19.82
N VAL D 2 -25.95 -10.72 -18.61
CA VAL D 2 -24.72 -11.24 -18.01
C VAL D 2 -24.97 -12.61 -17.39
N ASP D 3 -24.27 -13.64 -17.87
CA ASP D 3 -24.24 -14.92 -17.17
C ASP D 3 -23.26 -14.84 -16.01
N LEU D 4 -23.70 -15.26 -14.82
CA LEU D 4 -22.81 -15.30 -13.67
C LEU D 4 -21.78 -16.43 -13.77
N ILE D 5 -22.07 -17.46 -14.53
CA ILE D 5 -21.23 -18.65 -14.59
C ILE D 5 -20.69 -18.81 -16.01
N GLY D 6 -19.37 -18.90 -16.12
CA GLY D 6 -18.73 -19.07 -17.41
C GLY D 6 -17.43 -19.83 -17.29
N ILE D 7 -16.82 -20.11 -18.44
CA ILE D 7 -15.59 -20.89 -18.48
C ILE D 7 -14.59 -20.28 -19.44
N ASN D 8 -13.32 -20.41 -19.10
CA ASN D 8 -12.27 -20.24 -20.09
C ASN D 8 -12.17 -21.51 -20.93
N VAL D 9 -12.02 -21.36 -22.24
CA VAL D 9 -11.62 -22.46 -23.10
C VAL D 9 -10.24 -22.09 -23.65
N ALA D 10 -9.21 -22.66 -23.04
CA ALA D 10 -7.84 -22.29 -23.32
C ALA D 10 -7.23 -23.24 -24.34
N GLY D 11 -6.19 -22.77 -25.02
CA GLY D 11 -5.55 -23.60 -26.02
C GLY D 11 -4.91 -22.83 -27.15
N ALA D 12 -5.58 -21.76 -27.62
CA ALA D 12 -5.06 -20.99 -28.74
C ALA D 12 -3.81 -20.21 -28.39
N GLU D 13 -3.50 -20.09 -27.10
CA GLU D 13 -2.34 -19.35 -26.62
C GLU D 13 -1.20 -20.26 -26.16
N PHE D 14 -1.35 -21.58 -26.30
CA PHE D 14 -0.37 -22.54 -25.78
C PHE D 14 0.96 -22.43 -26.53
N THR D 15 2.02 -22.93 -25.87
CA THR D 15 3.36 -23.04 -26.46
C THR D 15 3.80 -21.70 -27.03
N GLY D 16 3.93 -20.71 -26.14
CA GLY D 16 4.28 -19.37 -26.55
C GLY D 16 5.61 -19.28 -27.27
N GLY D 17 6.48 -20.27 -27.08
CA GLY D 17 7.78 -20.25 -27.72
C GLY D 17 7.74 -20.53 -29.22
N LYS D 18 6.64 -21.07 -29.73
CA LYS D 18 6.52 -21.41 -31.14
C LYS D 18 5.67 -20.34 -31.81
N LEU D 19 6.36 -19.40 -32.47
CA LEU D 19 5.69 -18.33 -33.18
C LEU D 19 6.14 -18.40 -34.63
N PRO D 20 5.22 -18.54 -35.60
CA PRO D 20 3.77 -18.56 -35.34
C PRO D 20 3.26 -19.88 -34.76
N GLY D 21 4.02 -20.95 -34.95
CA GLY D 21 3.59 -22.27 -34.52
C GLY D 21 2.57 -22.86 -35.48
N LYS D 22 2.28 -24.14 -35.26
CA LYS D 22 1.38 -24.90 -36.10
C LYS D 22 0.15 -25.31 -35.31
N HIS D 23 -1.02 -25.00 -35.85
CA HIS D 23 -2.27 -25.42 -35.23
C HIS D 23 -2.36 -26.95 -35.21
N GLY D 24 -2.78 -27.50 -34.07
CA GLY D 24 -2.79 -28.93 -33.90
C GLY D 24 -1.53 -29.51 -33.31
N THR D 25 -0.45 -28.74 -33.27
CA THR D 25 0.81 -29.17 -32.67
C THR D 25 1.19 -28.34 -31.46
N HIS D 26 1.21 -27.01 -31.59
CA HIS D 26 1.61 -26.12 -30.52
C HIS D 26 0.44 -25.37 -29.88
N TYR D 27 -0.62 -25.10 -30.65
CA TYR D 27 -1.78 -24.43 -30.11
C TYR D 27 -3.03 -25.09 -30.70
N PHE D 28 -4.17 -24.87 -30.04
CA PHE D 28 -5.36 -25.65 -30.35
C PHE D 28 -6.61 -24.80 -30.22
N PHE D 29 -7.41 -24.78 -31.28
CA PHE D 29 -8.74 -24.22 -31.26
C PHE D 29 -9.75 -25.35 -31.06
N PRO D 30 -10.94 -25.06 -30.58
CA PRO D 30 -11.93 -26.11 -30.36
C PRO D 30 -12.29 -26.77 -31.68
N PRO D 31 -12.32 -28.10 -31.73
CA PRO D 31 -12.78 -28.78 -32.95
C PRO D 31 -14.27 -28.59 -33.12
N GLU D 32 -14.77 -29.07 -34.27
CA GLU D 32 -16.19 -28.96 -34.55
C GLU D 32 -17.02 -29.71 -33.51
N GLY D 33 -18.09 -29.07 -33.05
CA GLY D 33 -18.93 -29.66 -32.03
C GLY D 33 -18.45 -29.48 -30.61
N TYR D 34 -17.35 -28.75 -30.40
CA TYR D 34 -16.77 -28.61 -29.06
C TYR D 34 -17.77 -27.98 -28.09
N PHE D 35 -18.43 -26.91 -28.50
CA PHE D 35 -19.28 -26.15 -27.58
C PHE D 35 -20.57 -26.87 -27.22
N GLU D 36 -20.94 -27.95 -27.93
CA GLU D 36 -22.21 -28.61 -27.68
C GLU D 36 -22.28 -29.18 -26.26
N TYR D 37 -21.20 -29.84 -25.80
CA TYR D 37 -21.20 -30.38 -24.45
C TYR D 37 -21.43 -29.28 -23.42
N TRP D 38 -20.74 -28.14 -23.57
CA TRP D 38 -20.85 -27.08 -22.56
C TRP D 38 -22.22 -26.42 -22.60
N SER D 39 -22.75 -26.17 -23.81
CA SER D 39 -24.12 -25.68 -23.95
C SER D 39 -25.11 -26.62 -23.26
N GLU D 40 -24.95 -27.93 -23.45
CA GLU D 40 -25.87 -28.86 -22.84
C GLU D 40 -25.73 -28.90 -21.32
N GLN D 41 -24.57 -28.52 -20.79
CA GLN D 41 -24.41 -28.42 -19.35
C GLN D 41 -25.04 -27.15 -18.80
N GLY D 42 -25.49 -26.25 -19.67
CA GLY D 42 -26.07 -25.00 -19.26
C GLY D 42 -25.08 -23.87 -19.08
N ILE D 43 -23.85 -24.02 -19.58
CA ILE D 43 -22.82 -22.98 -19.51
C ILE D 43 -22.83 -22.27 -20.86
N HIS D 44 -22.99 -20.94 -20.86
CA HIS D 44 -23.18 -20.20 -22.11
C HIS D 44 -22.22 -19.02 -22.30
N THR D 45 -21.24 -18.83 -21.43
CA THR D 45 -20.27 -17.77 -21.61
C THR D 45 -18.87 -18.37 -21.54
N VAL D 46 -18.05 -18.00 -22.52
CA VAL D 46 -16.72 -18.55 -22.69
C VAL D 46 -15.73 -17.39 -22.77
N ARG D 47 -14.65 -17.47 -22.01
CA ARG D 47 -13.51 -16.58 -22.14
C ARG D 47 -12.45 -17.29 -22.98
N PHE D 48 -11.98 -16.64 -24.03
CA PHE D 48 -11.14 -17.30 -25.04
C PHE D 48 -9.79 -16.62 -25.16
N PRO D 49 -8.73 -17.19 -24.57
CA PRO D 49 -7.40 -16.59 -24.71
C PRO D 49 -6.87 -16.65 -26.14
N LEU D 50 -6.21 -15.56 -26.54
CA LEU D 50 -5.52 -15.45 -27.81
C LEU D 50 -4.10 -14.97 -27.56
N LYS D 51 -3.20 -15.33 -28.46
CA LYS D 51 -1.81 -14.91 -28.39
C LYS D 51 -1.61 -13.72 -29.33
N TRP D 52 -1.19 -12.58 -28.76
CA TRP D 52 -1.00 -11.36 -29.54
C TRP D 52 -0.02 -11.59 -30.69
N GLU D 53 1.08 -12.29 -30.41
CA GLU D 53 2.12 -12.50 -31.43
C GLU D 53 1.61 -13.33 -32.61
N ARG D 54 0.67 -14.24 -32.37
CA ARG D 54 0.09 -15.00 -33.49
C ARG D 54 -0.93 -14.18 -34.25
N LEU D 55 -1.66 -13.32 -33.54
CA LEU D 55 -2.62 -12.42 -34.16
C LEU D 55 -1.90 -11.37 -35.00
N GLN D 56 -0.76 -10.89 -34.50
CA GLN D 56 0.02 -9.83 -35.14
C GLN D 56 1.50 -10.22 -35.11
N PRO D 57 1.99 -10.92 -36.13
CA PRO D 57 3.39 -11.33 -36.14
C PRO D 57 4.39 -10.17 -36.19
N SER D 58 3.96 -8.98 -36.58
CA SER D 58 4.74 -7.76 -36.47
C SER D 58 3.83 -6.66 -35.94
N LEU D 59 4.40 -5.70 -35.22
CA LEU D 59 3.60 -4.60 -34.69
C LEU D 59 2.92 -3.81 -35.81
N ASN D 60 1.71 -3.34 -35.52
CA ASN D 60 0.91 -2.50 -36.41
C ASN D 60 0.48 -3.21 -37.69
N ALA D 61 0.66 -4.52 -37.78
CA ALA D 61 0.35 -5.24 -39.01
C ALA D 61 -1.07 -5.80 -38.96
N GLU D 62 -1.64 -5.99 -40.15
CA GLU D 62 -2.97 -6.57 -40.21
CA GLU D 62 -2.96 -6.60 -40.28
C GLU D 62 -2.94 -8.01 -39.71
N LEU D 63 -4.08 -8.44 -39.19
CA LEU D 63 -4.15 -9.74 -38.53
C LEU D 63 -3.74 -10.88 -39.47
N ASP D 64 -3.06 -11.86 -38.89
CA ASP D 64 -2.64 -13.06 -39.62
C ASP D 64 -3.83 -13.84 -40.15
N ASP D 65 -3.76 -14.24 -41.43
CA ASP D 65 -4.93 -14.83 -42.08
C ASP D 65 -5.33 -16.16 -41.46
N VAL D 66 -4.35 -17.05 -41.23
CA VAL D 66 -4.64 -18.38 -40.69
C VAL D 66 -5.19 -18.28 -39.27
N TYR D 67 -4.46 -17.59 -38.39
CA TYR D 67 -4.86 -17.53 -36.99
C TYR D 67 -6.18 -16.79 -36.81
N ALA D 68 -6.34 -15.64 -37.48
CA ALA D 68 -7.60 -14.91 -37.35
C ALA D 68 -8.76 -15.70 -37.93
N SER D 69 -8.52 -16.47 -39.00
CA SER D 69 -9.60 -17.30 -39.54
C SER D 69 -10.01 -18.39 -38.57
N LEU D 70 -9.06 -18.94 -37.82
CA LEU D 70 -9.43 -19.88 -36.77
C LEU D 70 -10.34 -19.21 -35.74
N VAL D 71 -10.09 -17.93 -35.45
CA VAL D 71 -10.99 -17.20 -34.56
C VAL D 71 -12.36 -17.04 -35.20
N ASP D 72 -12.38 -16.66 -36.49
CA ASP D 72 -13.64 -16.57 -37.23
C ASP D 72 -14.47 -17.84 -37.06
N ASP D 73 -13.86 -19.00 -37.33
CA ASP D 73 -14.60 -20.26 -37.22
C ASP D 73 -15.05 -20.51 -35.79
N MET D 74 -14.19 -20.23 -34.82
CA MET D 74 -14.57 -20.42 -33.43
C MET D 74 -15.81 -19.59 -33.09
N LEU D 75 -15.85 -18.34 -33.53
CA LEU D 75 -17.01 -17.50 -33.27
C LEU D 75 -18.26 -18.04 -33.95
N ASP D 76 -18.11 -18.56 -35.18
CA ASP D 76 -19.24 -19.19 -35.87
C ASP D 76 -19.78 -20.34 -35.05
N GLN D 77 -18.88 -21.18 -34.54
CA GLN D 77 -19.28 -22.32 -33.73
C GLN D 77 -19.94 -21.89 -32.44
N ALA D 78 -19.47 -20.80 -31.84
CA ALA D 78 -20.07 -20.31 -30.61
C ALA D 78 -21.50 -19.86 -30.85
N LYS D 79 -21.73 -19.15 -31.96
CA LYS D 79 -23.07 -18.68 -32.27
C LYS D 79 -24.04 -19.83 -32.44
N GLU D 80 -23.64 -20.87 -33.18
CA GLU D 80 -24.52 -22.02 -33.40
C GLU D 80 -24.94 -22.66 -32.09
N ASN D 81 -24.06 -22.64 -31.08
CA ASN D 81 -24.35 -23.28 -29.80
C ASN D 81 -24.77 -22.29 -28.72
N ASP D 82 -25.15 -21.07 -29.10
CA ASP D 82 -25.61 -20.05 -28.14
C ASP D 82 -24.54 -19.77 -27.09
N ILE D 83 -23.30 -19.62 -27.54
CA ILE D 83 -22.18 -19.32 -26.66
C ILE D 83 -21.83 -17.84 -26.81
N LYS D 84 -21.74 -17.14 -25.69
CA LYS D 84 -21.27 -15.77 -25.63
C LYS D 84 -19.78 -15.79 -25.32
N VAL D 85 -18.99 -15.05 -26.10
CA VAL D 85 -17.53 -15.17 -26.08
C VAL D 85 -16.90 -13.85 -25.64
N ILE D 86 -16.01 -13.95 -24.65
CA ILE D 86 -15.10 -12.87 -24.25
C ILE D 86 -13.73 -13.15 -24.88
N LEU D 87 -13.31 -12.31 -25.81
CA LEU D 87 -11.97 -12.45 -26.39
C LEU D 87 -10.94 -11.90 -25.40
N ASP D 88 -9.91 -12.70 -25.12
CA ASP D 88 -8.91 -12.38 -24.11
C ASP D 88 -7.54 -12.29 -24.79
N VAL D 89 -6.93 -11.11 -24.75
CA VAL D 89 -5.57 -10.94 -25.25
C VAL D 89 -4.64 -11.39 -24.12
N HIS D 90 -4.12 -12.61 -24.21
CA HIS D 90 -3.51 -13.33 -23.09
C HIS D 90 -2.01 -13.08 -23.04
N ASN D 91 -1.61 -11.82 -22.80
CA ASN D 91 -0.23 -11.43 -23.10
C ASN D 91 0.52 -10.71 -21.98
N TYR D 92 -0.03 -10.59 -20.78
CA TYR D 92 0.71 -10.09 -19.62
C TYR D 92 1.30 -8.70 -19.87
N ALA D 93 0.60 -7.90 -20.68
CA ALA D 93 0.98 -6.52 -21.02
C ALA D 93 2.33 -6.45 -21.75
N ARG D 94 2.67 -7.50 -22.50
CA ARG D 94 3.94 -7.59 -23.21
C ARG D 94 3.73 -8.11 -24.63
N TYR D 95 4.62 -7.69 -25.53
CA TYR D 95 4.68 -8.21 -26.89
C TYR D 95 6.11 -8.66 -27.16
N ARG D 96 6.30 -9.94 -27.44
CA ARG D 96 7.63 -10.54 -27.53
C ARG D 96 8.48 -10.19 -26.31
N LYS D 97 7.88 -10.40 -25.13
CA LYS D 97 8.49 -10.26 -23.82
C LYS D 97 8.81 -8.81 -23.44
N LYS D 98 8.38 -7.83 -24.23
CA LYS D 98 8.66 -6.43 -23.93
C LYS D 98 7.38 -5.68 -23.55
N VAL D 99 7.50 -4.84 -22.52
CA VAL D 99 6.34 -4.18 -21.91
C VAL D 99 5.78 -3.11 -22.83
N ILE D 100 4.45 -3.01 -22.86
CA ILE D 100 3.77 -1.95 -23.62
C ILE D 100 4.09 -0.61 -22.97
N GLY D 101 4.52 0.35 -23.79
CA GLY D 101 4.93 1.65 -23.28
C GLY D 101 6.42 1.88 -23.28
N THR D 102 7.22 0.82 -23.43
CA THR D 102 8.65 0.95 -23.60
C THR D 102 8.95 1.39 -25.03
N GLU D 103 10.25 1.54 -25.33
CA GLU D 103 10.64 2.00 -26.65
C GLU D 103 10.23 1.01 -27.73
N ASP D 104 10.36 -0.28 -27.44
CA ASP D 104 10.11 -1.32 -28.45
C ASP D 104 8.63 -1.52 -28.71
N VAL D 105 7.78 -1.27 -27.73
CA VAL D 105 6.35 -1.52 -27.89
C VAL D 105 5.60 -0.26 -27.49
N PRO D 106 5.50 0.74 -28.37
CA PRO D 106 4.77 1.97 -28.02
C PRO D 106 3.28 1.68 -27.85
N VAL D 107 2.65 2.56 -27.06
CA VAL D 107 1.24 2.40 -26.72
C VAL D 107 0.35 2.40 -27.94
N SER D 108 0.75 3.11 -29.00
CA SER D 108 -0.05 3.16 -30.22
C SER D 108 -0.10 1.81 -30.92
N ALA D 109 0.96 1.01 -30.80
CA ALA D 109 0.94 -0.34 -31.36
C ALA D 109 -0.12 -1.20 -30.66
N TYR D 110 -0.25 -1.05 -29.34
CA TYR D 110 -1.29 -1.79 -28.64
C TYR D 110 -2.68 -1.30 -29.02
N GLN D 111 -2.85 0.04 -29.13
CA GLN D 111 -4.12 0.56 -29.61
C GLN D 111 -4.44 0.01 -31.00
N ASP D 112 -3.41 -0.17 -31.84
CA ASP D 112 -3.63 -0.72 -33.17
C ASP D 112 -4.17 -2.14 -33.11
N LEU D 113 -3.63 -2.97 -32.19
CA LEU D 113 -4.12 -4.33 -32.03
C LEU D 113 -5.60 -4.34 -31.70
N MET D 114 -6.01 -3.53 -30.73
CA MET D 114 -7.40 -3.54 -30.30
C MET D 114 -8.31 -2.98 -31.38
N GLU D 115 -7.82 -2.01 -32.17
CA GLU D 115 -8.60 -1.51 -33.30
C GLU D 115 -8.91 -2.65 -34.28
N ARG D 116 -7.89 -3.41 -34.68
CA ARG D 116 -8.10 -4.51 -35.62
C ARG D 116 -8.95 -5.62 -35.01
N ILE D 117 -8.80 -5.89 -33.70
CA ILE D 117 -9.62 -6.93 -33.07
C ILE D 117 -11.09 -6.54 -33.14
N ALA D 118 -11.40 -5.31 -32.71
CA ALA D 118 -12.78 -4.84 -32.75
C ALA D 118 -13.28 -4.69 -34.18
N LYS D 119 -12.43 -4.17 -35.08
CA LYS D 119 -12.86 -3.99 -36.47
C LYS D 119 -13.28 -5.30 -37.10
N ARG D 120 -12.52 -6.36 -36.87
CA ARG D 120 -12.82 -7.62 -37.55
C ARG D 120 -14.01 -8.35 -36.93
N TRP D 121 -14.22 -8.22 -35.63
CA TRP D 121 -15.18 -9.10 -34.99
C TRP D 121 -16.34 -8.35 -34.35
N GLN D 122 -16.41 -7.03 -34.55
CA GLN D 122 -17.53 -6.20 -34.10
C GLN D 122 -18.87 -6.77 -34.55
N GLY D 123 -18.91 -7.33 -35.75
CA GLY D 123 -20.17 -7.77 -36.34
C GLY D 123 -20.63 -9.15 -35.94
N HIS D 124 -19.82 -9.90 -35.21
CA HIS D 124 -20.18 -11.27 -34.88
C HIS D 124 -21.03 -11.33 -33.61
N ASP D 125 -22.20 -11.97 -33.73
CA ASP D 125 -23.15 -11.98 -32.63
C ASP D 125 -22.62 -12.75 -31.42
N ALA D 126 -21.74 -13.74 -31.63
CA ALA D 126 -21.22 -14.51 -30.51
C ALA D 126 -20.25 -13.71 -29.64
N LEU D 127 -19.67 -12.63 -30.18
CA LEU D 127 -18.75 -11.79 -29.40
C LEU D 127 -19.54 -11.05 -28.34
N PHE D 128 -19.14 -11.23 -27.08
CA PHE D 128 -19.80 -10.61 -25.93
C PHE D 128 -19.03 -9.44 -25.35
N ALA D 129 -17.72 -9.57 -25.18
CA ALA D 129 -16.92 -8.53 -24.54
C ALA D 129 -15.45 -8.70 -24.94
N TYR D 130 -14.65 -7.68 -24.61
CA TYR D 130 -13.21 -7.68 -24.85
C TYR D 130 -12.50 -7.61 -23.50
N ASP D 131 -11.78 -8.68 -23.17
CA ASP D 131 -10.84 -8.66 -22.05
C ASP D 131 -9.51 -8.20 -22.64
N ILE D 132 -9.21 -6.92 -22.50
CA ILE D 132 -8.21 -6.30 -23.39
C ILE D 132 -6.78 -6.75 -23.10
N MET D 133 -6.50 -7.30 -21.91
CA MET D 133 -5.16 -7.80 -21.60
C MET D 133 -5.20 -8.72 -20.38
N ASN D 134 -4.62 -9.90 -20.51
CA ASN D 134 -4.57 -10.82 -19.38
C ASN D 134 -3.35 -10.50 -18.52
N GLU D 135 -3.58 -10.16 -17.27
CA GLU D 135 -2.58 -10.14 -16.20
C GLU D 135 -1.30 -9.36 -16.49
N PRO D 136 -1.35 -8.04 -16.53
CA PRO D 136 -0.12 -7.26 -16.41
C PRO D 136 0.52 -7.52 -15.04
N TYR D 137 1.85 -7.59 -15.02
CA TYR D 137 2.59 -7.84 -13.79
C TYR D 137 4.00 -7.28 -13.91
N GLY D 138 4.67 -7.15 -12.76
CA GLY D 138 6.09 -6.83 -12.75
C GLY D 138 6.39 -5.47 -13.32
N SER D 139 7.40 -5.41 -14.20
CA SER D 139 7.80 -4.15 -14.80
C SER D 139 6.73 -3.54 -15.70
N ALA D 140 5.65 -4.26 -15.98
CA ALA D 140 4.52 -3.69 -16.71
C ALA D 140 3.57 -2.89 -15.82
N ASP D 141 3.69 -3.05 -14.49
CA ASP D 141 2.68 -2.51 -13.58
C ASP D 141 2.49 -1.01 -13.72
N LYS D 142 3.58 -0.24 -13.69
CA LYS D 142 3.45 1.21 -13.70
C LYS D 142 2.93 1.73 -15.04
N LEU D 143 3.27 1.05 -16.13
CA LEU D 143 2.85 1.48 -17.46
C LEU D 143 1.45 0.99 -17.84
N TRP D 144 0.86 0.07 -17.09
CA TRP D 144 -0.40 -0.54 -17.54
C TRP D 144 -1.55 0.46 -17.66
N PRO D 145 -1.81 1.36 -16.69
CA PRO D 145 -2.96 2.27 -16.85
C PRO D 145 -2.93 3.09 -18.13
N ALA D 146 -1.74 3.50 -18.56
CA ALA D 146 -1.66 4.25 -19.81
C ALA D 146 -1.92 3.34 -21.01
N ALA D 147 -1.41 2.10 -20.97
CA ALA D 147 -1.70 1.16 -22.04
C ALA D 147 -3.20 0.84 -22.10
N ALA D 148 -3.83 0.72 -20.94
CA ALA D 148 -5.26 0.39 -20.89
C ALA D 148 -6.11 1.44 -21.59
N GLN D 149 -5.80 2.73 -21.37
CA GLN D 149 -6.57 3.78 -22.02
C GLN D 149 -6.47 3.68 -23.54
N ALA D 150 -5.26 3.45 -24.07
CA ALA D 150 -5.12 3.26 -25.50
C ALA D 150 -5.88 2.03 -25.97
N GLY D 151 -5.82 0.95 -25.19
CA GLY D 151 -6.61 -0.24 -25.54
C GLY D 151 -8.09 0.06 -25.58
N ILE D 152 -8.58 0.83 -24.60
CA ILE D 152 -9.97 1.27 -24.62
C ILE D 152 -10.25 2.11 -25.87
N ASP D 153 -9.40 3.10 -26.14
CA ASP D 153 -9.59 3.94 -27.31
C ASP D 153 -9.57 3.11 -28.59
N GLY D 154 -8.66 2.14 -28.67
CA GLY D 154 -8.57 1.31 -29.86
C GLY D 154 -9.86 0.54 -30.13
N VAL D 155 -10.38 -0.14 -29.11
CA VAL D 155 -11.62 -0.88 -29.27
C VAL D 155 -12.77 0.06 -29.61
N ARG D 156 -12.88 1.17 -28.91
CA ARG D 156 -14.07 2.01 -29.03
C ARG D 156 -14.17 2.67 -30.41
N LYS D 157 -13.06 2.75 -31.14
CA LYS D 157 -13.06 3.34 -32.47
C LYS D 157 -13.99 2.57 -33.41
N TYR D 158 -14.18 1.28 -33.13
CA TYR D 158 -15.01 0.44 -33.95
C TYR D 158 -16.16 -0.23 -33.21
N ASP D 159 -16.13 -0.31 -31.88
CA ASP D 159 -17.21 -0.94 -31.12
C ASP D 159 -17.62 -0.04 -29.97
N LYS D 160 -18.75 0.65 -30.10
CA LYS D 160 -19.14 1.62 -29.07
C LYS D 160 -20.10 1.04 -28.03
N LYS D 161 -20.38 -0.26 -28.08
CA LYS D 161 -21.42 -0.83 -27.21
C LYS D 161 -20.90 -1.87 -26.22
N ARG D 162 -20.06 -2.80 -26.66
CA ARG D 162 -19.80 -3.99 -25.85
C ARG D 162 -18.97 -3.64 -24.62
N PRO D 163 -19.18 -4.36 -23.51
CA PRO D 163 -18.39 -4.07 -22.30
C PRO D 163 -16.91 -4.32 -22.51
N LEU D 164 -16.10 -3.55 -21.79
CA LEU D 164 -14.65 -3.71 -21.80
C LEU D 164 -14.21 -4.21 -20.43
N LEU D 165 -13.55 -5.36 -20.43
CA LEU D 165 -13.04 -5.96 -19.21
C LEU D 165 -11.61 -5.47 -18.98
N ILE D 166 -11.40 -4.73 -17.90
CA ILE D 166 -10.10 -4.10 -17.63
C ILE D 166 -9.45 -4.84 -16.47
N GLU D 167 -8.36 -5.54 -16.74
CA GLU D 167 -7.65 -6.20 -15.66
C GLU D 167 -6.69 -5.22 -14.99
N GLY D 168 -6.22 -5.59 -13.79
CA GLY D 168 -5.34 -4.74 -13.01
C GLY D 168 -3.90 -5.22 -13.02
N ALA D 169 -3.04 -4.41 -12.43
CA ALA D 169 -1.63 -4.76 -12.27
C ALA D 169 -1.49 -5.92 -11.29
N SER D 170 -0.29 -6.47 -11.22
CA SER D 170 0.05 -7.58 -10.33
C SER D 170 -0.82 -8.82 -10.60
N TRP D 171 -0.74 -9.28 -11.85
CA TRP D 171 -1.51 -10.43 -12.33
C TRP D 171 -3.00 -10.25 -12.05
N SER D 172 -3.44 -8.99 -12.03
CA SER D 172 -4.83 -8.60 -11.75
C SER D 172 -5.33 -9.29 -10.48
N SER D 173 -4.48 -9.32 -9.45
CA SER D 173 -4.84 -9.99 -8.20
C SER D 173 -6.04 -9.33 -7.54
N ALA D 174 -7.05 -10.14 -7.20
CA ALA D 174 -8.20 -9.66 -6.46
C ALA D 174 -7.83 -9.36 -5.00
N ALA D 175 -6.99 -10.20 -4.40
CA ALA D 175 -6.62 -10.03 -3.01
C ALA D 175 -5.84 -8.74 -2.80
N ARG D 176 -4.95 -8.41 -3.74
CA ARG D 176 -4.10 -7.23 -3.65
C ARG D 176 -4.68 -6.03 -4.41
N TRP D 177 -5.92 -6.15 -4.89
CA TRP D 177 -6.49 -5.15 -5.80
C TRP D 177 -6.40 -3.70 -5.29
N PRO D 178 -6.80 -3.37 -4.06
CA PRO D 178 -6.75 -1.95 -3.65
C PRO D 178 -5.36 -1.35 -3.65
N ARG D 179 -4.30 -2.16 -3.51
CA ARG D 179 -2.94 -1.62 -3.49
C ARG D 179 -2.37 -1.35 -4.88
N TYR D 180 -3.12 -1.61 -5.95
CA TYR D 180 -2.67 -1.30 -7.30
C TYR D 180 -3.69 -0.60 -8.18
N ALA D 181 -4.98 -0.57 -7.80
CA ALA D 181 -6.07 -0.25 -8.71
C ALA D 181 -6.41 1.23 -8.85
N ASP D 182 -5.93 2.12 -7.98
CA ASP D 182 -6.49 3.48 -7.98
C ASP D 182 -6.21 4.25 -9.26
N GLU D 183 -5.11 3.97 -9.95
CA GLU D 183 -4.91 4.70 -11.19
C GLU D 183 -5.84 4.25 -12.30
N LEU D 184 -6.55 3.13 -12.10
CA LEU D 184 -7.55 2.73 -13.07
C LEU D 184 -8.81 3.57 -12.98
N LEU D 185 -8.98 4.31 -11.87
CA LEU D 185 -10.11 5.22 -11.73
C LEU D 185 -10.05 6.37 -12.73
N LYS D 186 -8.85 6.69 -13.23
CA LYS D 186 -8.72 7.75 -14.21
C LYS D 186 -9.08 7.28 -15.62
N LEU D 187 -9.36 5.99 -15.79
CA LEU D 187 -9.74 5.48 -17.11
C LEU D 187 -11.13 6.00 -17.49
N LYS D 188 -11.28 6.36 -18.75
CA LYS D 188 -12.53 6.91 -19.26
C LYS D 188 -13.01 6.05 -20.42
N ASP D 189 -14.32 5.83 -20.48
CA ASP D 189 -14.92 5.06 -21.56
C ASP D 189 -16.08 5.87 -22.10
N PRO D 190 -16.01 6.35 -23.35
CA PRO D 190 -17.13 7.11 -23.92
C PRO D 190 -18.45 6.37 -23.84
N ALA D 191 -18.42 5.03 -23.82
CA ALA D 191 -19.61 4.21 -23.72
C ALA D 191 -20.01 3.89 -22.29
N ASP D 192 -19.19 4.25 -21.29
CA ASP D 192 -19.46 3.93 -19.88
C ASP D 192 -19.88 2.47 -19.72
N ASN D 193 -19.10 1.58 -20.34
CA ASN D 193 -19.32 0.13 -20.24
C ASN D 193 -17.98 -0.56 -19.98
N MET D 194 -17.33 -0.15 -18.88
CA MET D 194 -16.09 -0.75 -18.42
C MET D 194 -16.40 -1.66 -17.22
N VAL D 195 -15.82 -2.85 -17.22
CA VAL D 195 -15.94 -3.80 -16.11
C VAL D 195 -14.54 -4.22 -15.70
N PHE D 196 -14.25 -4.16 -14.41
CA PHE D 196 -12.96 -4.61 -13.91
C PHE D 196 -13.00 -6.11 -13.66
N SER D 197 -11.93 -6.79 -14.06
CA SER D 197 -11.85 -8.25 -13.98
C SER D 197 -10.60 -8.64 -13.20
N ALA D 198 -10.81 -9.23 -12.02
CA ALA D 198 -9.74 -9.72 -11.17
C ALA D 198 -9.66 -11.25 -11.24
N HIS D 199 -8.52 -11.79 -10.77
CA HIS D 199 -8.24 -13.21 -10.80
C HIS D 199 -7.94 -13.66 -9.38
N VAL D 200 -8.23 -14.93 -9.08
CA VAL D 200 -8.05 -15.44 -7.73
C VAL D 200 -7.84 -16.96 -7.80
N PHE D 201 -6.87 -17.44 -7.02
CA PHE D 201 -6.69 -18.86 -6.73
C PHE D 201 -6.59 -19.04 -5.22
N ILE D 202 -6.82 -20.27 -4.75
CA ILE D 202 -6.88 -20.43 -3.30
C ILE D 202 -5.81 -21.39 -2.78
N ASP D 203 -4.74 -21.61 -3.55
CA ASP D 203 -3.56 -22.24 -2.97
C ASP D 203 -2.81 -21.22 -2.12
N GLU D 204 -1.78 -21.69 -1.42
CA GLU D 204 -1.15 -20.84 -0.42
C GLU D 204 -0.53 -19.59 -1.06
N ASP D 205 0.15 -19.72 -2.20
CA ASP D 205 0.72 -18.55 -2.84
C ASP D 205 -0.20 -17.90 -3.88
N ALA D 206 -1.45 -18.38 -3.98
CA ALA D 206 -2.47 -17.80 -4.86
C ALA D 206 -2.06 -17.82 -6.33
N SER D 207 -1.07 -18.63 -6.69
CA SER D 207 -0.61 -18.71 -8.08
C SER D 207 -1.43 -19.66 -8.92
N GLY D 208 -2.27 -20.50 -8.31
CA GLY D 208 -2.97 -21.49 -9.08
C GLY D 208 -2.13 -22.67 -9.50
N SER D 209 -0.92 -22.84 -8.95
CA SER D 209 -0.16 -24.05 -9.26
C SER D 209 -0.50 -25.21 -8.34
N TYR D 210 -1.07 -24.94 -7.16
CA TYR D 210 -1.54 -25.96 -6.22
C TYR D 210 -0.44 -27.00 -5.97
N LYS D 211 0.68 -26.45 -5.49
CA LYS D 211 1.91 -27.16 -5.14
C LYS D 211 1.70 -28.04 -3.92
N LYS D 212 0.78 -27.66 -3.03
CA LYS D 212 0.41 -28.42 -1.85
C LYS D 212 -1.10 -28.62 -1.81
N GLY D 213 -1.55 -29.49 -0.91
CA GLY D 213 -2.96 -29.66 -0.65
C GLY D 213 -3.49 -28.51 0.19
N PRO D 214 -4.77 -28.59 0.60
CA PRO D 214 -5.34 -27.50 1.41
C PRO D 214 -4.58 -27.21 2.69
N GLY D 215 -4.08 -28.25 3.36
CA GLY D 215 -3.41 -28.11 4.63
C GLY D 215 -4.35 -28.43 5.80
N LYS D 216 -3.74 -28.72 6.95
CA LYS D 216 -4.55 -29.21 8.07
C LYS D 216 -5.54 -28.16 8.57
N ASP D 217 -5.12 -26.90 8.67
CA ASP D 217 -6.00 -25.86 9.18
C ASP D 217 -6.58 -24.99 8.07
N PHE D 218 -6.83 -25.59 6.89
CA PHE D 218 -7.44 -24.87 5.78
C PHE D 218 -8.75 -24.23 6.21
N GLU D 219 -9.00 -23.02 5.75
CA GLU D 219 -10.26 -22.38 6.07
C GLU D 219 -11.13 -22.25 4.82
N PRO D 220 -12.35 -22.76 4.85
CA PRO D 220 -13.18 -22.78 3.63
C PRO D 220 -13.50 -21.42 3.03
N MET D 221 -13.54 -20.34 3.82
CA MET D 221 -13.89 -19.06 3.25
CA MET D 221 -13.89 -19.04 3.25
C MET D 221 -12.69 -18.32 2.65
N ILE D 222 -11.55 -18.99 2.51
CA ILE D 222 -10.35 -18.39 1.93
C ILE D 222 -10.64 -17.75 0.58
N GLY D 223 -11.53 -18.35 -0.20
CA GLY D 223 -11.86 -17.77 -1.49
C GLY D 223 -12.59 -16.45 -1.37
N VAL D 224 -13.59 -16.40 -0.48
CA VAL D 224 -14.30 -15.15 -0.22
C VAL D 224 -13.36 -14.07 0.29
N LYS D 225 -12.54 -14.42 1.30
CA LYS D 225 -11.61 -13.45 1.88
C LYS D 225 -10.71 -12.82 0.84
N ARG D 226 -10.34 -13.57 -0.19
CA ARG D 226 -9.40 -13.06 -1.18
C ARG D 226 -10.07 -12.22 -2.26
N VAL D 227 -11.39 -12.27 -2.38
CA VAL D 227 -12.06 -11.39 -3.33
C VAL D 227 -12.73 -10.21 -2.63
N GLU D 228 -12.91 -10.27 -1.31
CA GLU D 228 -13.47 -9.14 -0.57
C GLU D 228 -12.74 -7.83 -0.84
N PRO D 229 -11.40 -7.77 -0.82
CA PRO D 229 -10.76 -6.48 -1.16
C PRO D 229 -11.17 -5.96 -2.52
N PHE D 230 -11.26 -6.84 -3.51
CA PHE D 230 -11.68 -6.42 -4.85
C PHE D 230 -13.11 -5.91 -4.84
N VAL D 231 -14.03 -6.69 -4.25
CA VAL D 231 -15.44 -6.32 -4.29
C VAL D 231 -15.70 -5.06 -3.46
N ASN D 232 -15.10 -4.96 -2.27
CA ASN D 232 -15.29 -3.79 -1.44
C ASN D 232 -14.75 -2.54 -2.13
N TRP D 233 -13.64 -2.68 -2.87
CA TRP D 233 -13.14 -1.59 -3.68
C TRP D 233 -14.16 -1.19 -4.77
N LEU D 234 -14.85 -2.19 -5.34
CA LEU D 234 -15.87 -1.89 -6.35
C LEU D 234 -17.03 -1.11 -5.75
N LYS D 235 -17.49 -1.51 -4.57
CA LYS D 235 -18.59 -0.80 -3.93
C LYS D 235 -18.18 0.61 -3.54
N GLU D 236 -16.97 0.77 -3.03
CA GLU D 236 -16.50 2.08 -2.56
C GLU D 236 -16.43 3.08 -3.71
N HIS D 237 -16.06 2.63 -4.90
CA HIS D 237 -15.90 3.54 -6.03
C HIS D 237 -17.02 3.44 -7.03
N GLY D 238 -18.10 2.72 -6.70
CA GLY D 238 -19.24 2.58 -7.61
C GLY D 238 -18.89 1.98 -8.96
N LYS D 239 -18.05 0.94 -8.97
CA LYS D 239 -17.62 0.30 -10.22
C LYS D 239 -18.18 -1.11 -10.32
N LYS D 240 -18.11 -1.66 -11.54
CA LYS D 240 -18.57 -3.01 -11.81
C LYS D 240 -17.39 -3.97 -11.94
N GLY D 241 -17.62 -5.22 -11.53
CA GLY D 241 -16.56 -6.20 -11.38
C GLY D 241 -16.89 -7.54 -12.03
N HIS D 242 -15.89 -8.42 -11.99
CA HIS D 242 -15.85 -9.64 -12.78
C HIS D 242 -14.64 -10.45 -12.33
N ILE D 243 -14.79 -11.77 -12.27
CA ILE D 243 -13.67 -12.66 -11.96
C ILE D 243 -13.36 -13.46 -13.21
N GLY D 244 -12.25 -13.10 -13.88
CA GLY D 244 -11.91 -13.73 -15.14
C GLY D 244 -11.17 -15.06 -15.02
N GLU D 245 -10.70 -15.42 -13.82
CA GLU D 245 -9.87 -16.60 -13.70
C GLU D 245 -9.94 -17.14 -12.28
N PHE D 246 -10.39 -18.39 -12.12
CA PHE D 246 -10.37 -19.09 -10.84
C PHE D 246 -10.50 -20.58 -11.11
N GLY D 247 -9.72 -21.39 -10.39
CA GLY D 247 -9.85 -22.82 -10.53
C GLY D 247 -9.29 -23.54 -9.33
N ILE D 248 -9.61 -24.83 -9.23
CA ILE D 248 -9.15 -25.70 -8.15
C ILE D 248 -8.93 -27.11 -8.69
N PRO D 249 -8.06 -27.88 -8.01
CA PRO D 249 -7.90 -29.29 -8.37
C PRO D 249 -9.14 -30.09 -8.02
N ASN D 250 -9.22 -31.30 -8.55
CA ASN D 250 -10.41 -32.12 -8.40
C ASN D 250 -10.26 -33.22 -7.35
N ASP D 251 -9.17 -33.21 -6.57
CA ASP D 251 -8.83 -34.36 -5.75
C ASP D 251 -9.01 -34.10 -4.25
N ASP D 252 -9.77 -33.07 -3.87
CA ASP D 252 -9.94 -32.78 -2.45
C ASP D 252 -11.24 -32.04 -2.21
N GLU D 253 -12.14 -32.64 -1.41
CA GLU D 253 -13.45 -32.05 -1.12
C GLU D 253 -13.33 -30.62 -0.58
N ARG D 254 -12.26 -30.32 0.14
CA ARG D 254 -12.12 -29.02 0.77
C ARG D 254 -12.02 -27.91 -0.28
N TRP D 255 -11.35 -28.18 -1.41
CA TRP D 255 -11.33 -27.21 -2.51
C TRP D 255 -12.75 -26.90 -2.98
N LEU D 256 -13.59 -27.93 -3.16
CA LEU D 256 -14.96 -27.68 -3.63
C LEU D 256 -15.74 -26.84 -2.63
N ASP D 257 -15.54 -27.09 -1.33
CA ASP D 257 -16.25 -26.32 -0.32
C ASP D 257 -15.87 -24.84 -0.41
N ALA D 258 -14.58 -24.56 -0.56
CA ALA D 258 -14.17 -23.18 -0.72
C ALA D 258 -14.73 -22.56 -2.00
N MET D 259 -14.74 -23.33 -3.09
CA MET D 259 -15.33 -22.84 -4.34
C MET D 259 -16.81 -22.56 -4.19
N ASP D 260 -17.54 -23.48 -3.54
CA ASP D 260 -18.98 -23.30 -3.33
C ASP D 260 -19.26 -22.01 -2.57
N LYS D 261 -18.51 -21.78 -1.48
CA LYS D 261 -18.66 -20.54 -0.71
C LYS D 261 -18.24 -19.31 -1.52
N LEU D 262 -17.22 -19.45 -2.38
CA LEU D 262 -16.84 -18.33 -3.24
C LEU D 262 -17.95 -17.99 -4.23
N LEU D 263 -18.53 -19.00 -4.89
CA LEU D 263 -19.59 -18.74 -5.86
C LEU D 263 -20.83 -18.13 -5.21
N ALA D 264 -21.17 -18.57 -3.99
CA ALA D 264 -22.29 -17.95 -3.28
C ALA D 264 -22.02 -16.46 -3.05
N TYR D 265 -20.82 -16.14 -2.59
CA TYR D 265 -20.47 -14.75 -2.35
C TYR D 265 -20.53 -13.93 -3.63
N LEU D 266 -20.09 -14.51 -4.75
CA LEU D 266 -20.14 -13.80 -6.03
C LEU D 266 -21.57 -13.63 -6.52
N ASN D 267 -22.42 -14.63 -6.29
CA ASN D 267 -23.82 -14.54 -6.71
C ASN D 267 -24.52 -13.39 -5.99
N GLU D 268 -24.30 -13.29 -4.67
CA GLU D 268 -24.89 -12.21 -3.88
C GLU D 268 -24.45 -10.83 -4.35
N ASN D 269 -23.31 -10.72 -5.01
CA ASN D 269 -22.83 -9.42 -5.48
C ASN D 269 -22.95 -9.27 -7.00
N CYS D 270 -23.56 -10.25 -7.68
CA CYS D 270 -23.79 -10.20 -9.13
C CYS D 270 -22.48 -10.10 -9.92
N ILE D 271 -21.45 -10.80 -9.45
CA ILE D 271 -20.14 -10.77 -10.09
C ILE D 271 -19.97 -12.06 -10.89
N PRO D 272 -19.90 -12.00 -12.22
CA PRO D 272 -19.69 -13.22 -13.01
C PRO D 272 -18.30 -13.80 -12.76
N ILE D 273 -18.17 -15.10 -13.09
CA ILE D 273 -16.92 -15.83 -12.95
C ILE D 273 -16.66 -16.59 -14.24
N ASN D 274 -15.39 -16.73 -14.60
CA ASN D 274 -14.93 -17.56 -15.70
C ASN D 274 -13.96 -18.58 -15.10
N TYR D 275 -14.41 -19.82 -14.99
CA TYR D 275 -13.59 -20.87 -14.41
C TYR D 275 -12.36 -21.15 -15.27
N TRP D 276 -11.22 -21.37 -14.62
CA TRP D 276 -9.97 -21.73 -15.29
C TRP D 276 -9.59 -23.18 -14.95
N ALA D 277 -9.67 -24.08 -15.92
CA ALA D 277 -10.06 -23.81 -17.32
C ALA D 277 -10.68 -25.04 -18.00
N ALA D 278 -11.38 -24.79 -19.11
CA ALA D 278 -11.72 -25.82 -20.09
C ALA D 278 -10.77 -25.66 -21.27
N GLY D 279 -10.90 -26.54 -22.25
CA GLY D 279 -10.08 -26.46 -23.45
C GLY D 279 -9.88 -27.79 -24.14
N PRO D 280 -9.61 -27.75 -25.44
CA PRO D 280 -9.59 -29.01 -26.23
C PRO D 280 -8.37 -29.88 -25.96
N SER D 281 -7.27 -29.35 -25.42
CA SER D 281 -6.03 -30.10 -25.34
C SER D 281 -5.27 -29.79 -24.03
N TRP D 282 -5.92 -30.06 -22.89
CA TRP D 282 -5.31 -29.83 -21.59
C TRP D 282 -4.62 -31.06 -21.03
N GLY D 283 -5.00 -32.25 -21.48
CA GLY D 283 -4.40 -33.46 -20.96
C GLY D 283 -4.67 -33.63 -19.48
N ASN D 284 -3.61 -33.92 -18.72
CA ASN D 284 -3.74 -34.20 -17.29
C ASN D 284 -3.64 -32.94 -16.42
N TYR D 285 -3.84 -31.76 -17.01
CA TYR D 285 -3.79 -30.50 -16.27
C TYR D 285 -4.69 -30.53 -15.04
N LYS D 286 -4.12 -30.21 -13.88
CA LYS D 286 -4.79 -30.47 -12.61
C LYS D 286 -6.04 -29.62 -12.41
N LEU D 287 -6.15 -28.46 -13.06
CA LEU D 287 -7.32 -27.60 -12.91
C LEU D 287 -8.36 -27.79 -14.01
N SER D 288 -8.08 -28.64 -15.00
CA SER D 288 -8.96 -28.78 -16.16
C SER D 288 -10.33 -29.30 -15.76
N ILE D 289 -11.37 -28.71 -16.37
CA ILE D 289 -12.72 -29.27 -16.28
C ILE D 289 -13.18 -29.85 -17.60
N GLU D 290 -12.29 -29.98 -18.58
CA GLU D 290 -12.64 -30.66 -19.82
C GLU D 290 -12.92 -32.14 -19.55
N PRO D 291 -13.93 -32.73 -20.19
CA PRO D 291 -14.16 -34.17 -20.03
C PRO D 291 -12.93 -34.95 -20.44
N LYS D 292 -12.56 -35.91 -19.59
CA LYS D 292 -11.44 -36.81 -19.84
C LYS D 292 -11.84 -38.17 -19.32
N ASP D 293 -11.75 -39.18 -20.18
CA ASP D 293 -12.21 -40.53 -19.83
C ASP D 293 -11.57 -40.98 -18.53
N GLY D 294 -12.41 -41.40 -17.58
CA GLY D 294 -11.90 -41.84 -16.30
C GLY D 294 -11.53 -40.73 -15.33
N GLU D 295 -11.92 -39.49 -15.62
CA GLU D 295 -11.62 -38.36 -14.75
C GLU D 295 -12.94 -37.73 -14.32
N LYS D 296 -13.08 -37.47 -13.03
CA LYS D 296 -14.27 -36.78 -12.54
C LYS D 296 -13.97 -35.29 -12.45
N ARG D 297 -14.95 -34.47 -12.85
CA ARG D 297 -14.87 -33.02 -12.78
C ARG D 297 -15.94 -32.52 -11.83
N PRO D 298 -15.72 -32.65 -10.51
CA PRO D 298 -16.74 -32.19 -9.55
C PRO D 298 -16.96 -30.69 -9.58
N GLN D 299 -15.99 -29.90 -10.07
CA GLN D 299 -16.20 -28.46 -10.23
C GLN D 299 -17.38 -28.17 -11.17
N VAL D 300 -17.60 -29.03 -12.16
CA VAL D 300 -18.66 -28.77 -13.14
C VAL D 300 -20.02 -28.82 -12.48
N ALA D 301 -20.22 -29.78 -11.56
CA ALA D 301 -21.47 -29.85 -10.82
C ALA D 301 -21.69 -28.58 -10.01
N LEU D 302 -20.62 -28.07 -9.38
CA LEU D 302 -20.75 -26.81 -8.65
C LEU D 302 -21.09 -25.67 -9.60
N LEU D 303 -20.40 -25.59 -10.74
CA LEU D 303 -20.69 -24.53 -11.71
C LEU D 303 -22.13 -24.61 -12.20
N LYS D 304 -22.62 -25.82 -12.46
CA LYS D 304 -23.97 -26.00 -12.96
C LYS D 304 -25.01 -25.57 -11.93
N LYS D 305 -24.78 -25.94 -10.66
CA LYS D 305 -25.70 -25.55 -9.59
C LYS D 305 -25.90 -24.04 -9.56
N TYR D 306 -24.82 -23.27 -9.67
CA TYR D 306 -24.94 -21.82 -9.63
C TYR D 306 -25.32 -21.24 -10.98
N ALA D 307 -25.06 -21.97 -12.08
CA ALA D 307 -25.56 -21.53 -13.38
C ALA D 307 -27.08 -21.51 -13.42
N ALA D 308 -27.74 -22.40 -12.67
CA ALA D 308 -29.20 -22.35 -12.65
C ALA D 308 -29.71 -21.12 -11.91
N LYS D 309 -28.91 -20.55 -11.01
CA LYS D 309 -29.23 -19.30 -10.33
C LYS D 309 -28.77 -18.11 -11.15
N ASP D 310 -29.63 -17.50 -11.95
CA ASP D 310 -29.15 -16.21 -12.45
C ASP D 310 -30.27 -15.19 -12.42
N ASN D 311 -30.27 -14.42 -11.33
CA ASN D 311 -31.16 -13.32 -11.07
C ASN D 311 -30.60 -11.95 -11.43
N CYS D 312 -29.30 -11.84 -11.74
CA CYS D 312 -28.72 -10.52 -11.96
C CYS D 312 -28.82 -10.08 -13.41
N SER D 313 -29.30 -8.85 -13.62
CA SER D 313 -29.48 -8.27 -14.95
C SER D 313 -28.21 -7.63 -15.51
N ASP D 314 -27.35 -7.10 -14.67
CA ASP D 314 -26.12 -6.43 -15.10
C ASP D 314 -24.97 -6.80 -14.18
N PHE D 315 -23.75 -6.38 -14.56
CA PHE D 315 -22.58 -6.56 -13.71
C PHE D 315 -22.78 -5.88 -12.37
N GLY D 316 -22.55 -6.63 -11.29
CA GLY D 316 -22.55 -6.08 -9.95
C GLY D 316 -21.20 -5.50 -9.57
N PRO D 317 -21.06 -5.08 -8.31
CA PRO D 317 -22.10 -5.04 -7.28
C PRO D 317 -22.90 -3.74 -7.35
N ALA D 318 -24.03 -3.67 -6.64
CA ALA D 318 -24.67 -2.39 -6.43
C ALA D 318 -23.88 -1.62 -5.37
N LYS D 319 -23.86 -0.29 -5.48
CA LYS D 319 -23.20 0.50 -4.43
C LYS D 319 -24.22 0.99 -3.41
N ALA D 320 -25.24 1.72 -3.87
CA ALA D 320 -26.32 2.19 -3.01
C ALA D 320 -27.54 2.58 -3.84
C1 GLC E . -0.12 -33.88 31.06
C2 GLC E . 0.19 -35.29 31.53
C3 GLC E . 0.95 -36.02 30.50
C4 GLC E . 0.20 -36.06 29.18
C5 GLC E . -0.07 -34.62 28.76
C6 GLC E . -0.78 -34.55 27.45
O2 GLC E . 0.92 -35.19 32.76
O3 GLC E . 1.20 -37.37 30.99
O4 GLC E . 0.96 -36.74 28.14
O5 GLC E . -0.88 -33.92 29.77
O6 GLC E . -1.98 -35.23 27.54
C2 BGC E . 0.67 -38.55 26.61
C3 BGC E . 0.66 -40.04 26.48
C4 BGC E . 1.77 -40.69 27.23
C5 BGC E . 1.76 -40.21 28.69
C6 BGC E . 2.96 -40.74 29.46
C1 BGC E . 0.71 -38.10 28.06
O2 BGC E . -0.49 -38.01 25.98
O3 BGC E . 0.74 -40.40 25.07
O4 BGC E . 1.57 -42.12 27.25
O5 BGC E . 1.85 -38.75 28.73
O6 BGC E . 3.11 -39.96 30.65
C2 BGC E . 2.47 -44.28 27.00
C3 BGC E . 3.51 -45.03 26.27
C4 BGC E . 3.30 -44.86 24.80
C5 BGC E . 3.40 -43.39 24.39
C6 BGC E . 3.05 -43.26 22.94
C1 BGC E . 2.58 -42.79 26.64
O2 BGC E . 2.60 -44.44 28.44
O3 BGC E . 3.49 -46.43 26.58
O4 BGC E . 4.29 -45.61 24.10
O5 BGC E . 2.46 -42.57 25.16
O6 BGC E . 3.12 -41.91 22.58
C1 GLC F . -5.03 33.59 -34.06
C2 GLC F . -4.75 35.08 -34.21
C3 GLC F . -5.56 35.83 -33.23
C4 GLC F . -7.04 35.56 -33.43
C5 GLC F . -7.33 34.07 -33.35
C6 GLC F . -8.76 33.82 -33.71
O2 GLC F . -3.36 35.35 -34.07
O3 GLC F . -5.24 37.25 -33.41
O4 GLC F . -7.88 36.17 -32.42
O5 GLC F . -6.48 33.32 -34.29
O6 GLC F . -9.00 34.29 -35.00
C2 BGC F . -9.70 37.70 -32.33
C3 BGC F . -10.10 39.13 -32.49
C4 BGC F . -9.12 40.09 -31.90
C5 BGC F . -7.70 39.75 -32.35
C6 BGC F . -6.67 40.65 -31.71
C1 BGC F . -8.26 37.46 -32.73
O2 BGC F . -10.54 36.88 -33.16
O3 BGC F . -11.40 39.34 -31.84
O4 BGC F . -9.45 41.43 -32.34
O5 BGC F . -7.37 38.37 -31.98
O6 BGC F . -5.37 40.18 -32.12
C2 BGC F . -9.95 43.62 -31.65
C3 BGC F . -10.46 44.43 -30.53
C4 BGC F . -11.82 43.96 -30.11
C5 BGC F . -11.83 42.46 -29.79
C6 BGC F . -13.24 42.01 -29.59
C1 BGC F . -9.90 42.15 -31.26
O2 BGC F . -8.62 44.03 -32.02
O3 BGC F . -10.54 45.80 -30.96
O4 BGC F . -12.25 44.68 -28.95
O5 BGC F . -11.26 41.66 -30.88
O6 BGC F . -13.27 40.61 -29.63
C1 GLC G . 6.90 17.58 15.80
C2 GLC G . 6.03 17.44 17.04
C3 GLC G . 5.11 18.60 17.11
C4 GLC G . 5.90 19.87 17.26
C5 GLC G . 6.91 20.03 16.11
C6 GLC G . 7.87 21.12 16.44
O2 GLC G . 5.32 16.21 16.96
O3 GLC G . 4.18 18.42 18.21
O4 GLC G . 5.03 21.04 17.24
O5 GLC G . 7.71 18.82 15.88
O6 GLC G . 7.17 22.27 16.79
C2 BGC G . 4.54 22.94 18.61
C3 BGC G . 3.91 23.38 19.88
C4 BGC G . 2.58 22.76 20.15
C5 BGC G . 2.64 21.25 19.98
C6 BGC G . 1.27 20.62 20.08
C1 BGC G . 4.57 21.42 18.50
O2 BGC G . 5.90 23.42 18.55
O3 BGC G . 3.74 24.83 19.80
O4 BGC G . 2.17 23.06 21.51
O5 BGC G . 3.20 20.92 18.66
O6 BGC G . 1.35 19.24 19.73
C2 BGC G . 0.48 23.83 22.99
C3 BGC G . -0.79 24.59 23.03
C4 BGC G . -0.62 26.00 22.53
C5 BGC G . 0.00 26.04 21.13
C6 BGC G . 0.41 27.47 20.87
C1 BGC G . 0.99 23.77 21.55
O2 BGC G . 0.20 22.52 23.49
O3 BGC G . -1.25 24.60 24.40
O4 BGC G . -1.92 26.60 22.42
O5 BGC G . 1.18 25.16 20.97
O6 BGC G . 1.48 27.52 19.98
C1 GLC H . -3.87 -17.37 -14.78
C2 GLC H . -3.19 -17.33 -16.15
C3 GLC H . -3.13 -18.68 -16.76
C4 GLC H . -2.52 -19.71 -15.84
C5 GLC H . -3.31 -19.69 -14.53
C6 GLC H . -2.84 -20.76 -13.58
O2 GLC H . -3.91 -16.43 -16.99
O3 GLC H . -2.40 -18.60 -18.03
O4 GLC H . -2.62 -21.06 -16.36
O5 GLC H . -3.19 -18.37 -13.90
O6 GLC H . -1.52 -20.50 -13.26
C2 BGC H . -1.19 -22.88 -16.90
C3 BGC H . -0.19 -23.37 -17.91
C4 BGC H . -0.60 -23.14 -19.33
C5 BGC H . -1.07 -21.70 -19.53
C6 BGC H . -1.70 -21.50 -20.88
C1 BGC H . -1.56 -21.44 -17.16
O2 BGC H . -0.66 -23.01 -15.56
O3 BGC H . 0.03 -24.81 -17.70
O4 BGC H . 0.53 -23.34 -20.23
O5 BGC H . -2.09 -21.35 -18.54
O6 BGC H . -2.24 -20.18 -20.89
C2 BGC H . 1.31 -24.32 -22.25
C3 BGC H . 1.20 -25.47 -23.17
C4 BGC H . 1.10 -26.81 -22.48
C5 BGC H . 0.16 -26.80 -21.27
C6 BGC H . 0.35 -28.06 -20.47
C1 BGC H . 0.28 -24.37 -21.11
O2 BGC H . 1.17 -23.09 -22.99
O3 BGC H . 2.39 -25.47 -24.00
O4 BGC H . 0.61 -27.77 -23.42
O5 BGC H . 0.40 -25.67 -20.37
O6 BGC H . -0.85 -28.35 -19.82
C TRS I . -5.22 -34.44 30.32
C1 TRS I . -6.11 -34.90 29.17
C2 TRS I . -4.20 -33.43 29.78
C3 TRS I . -4.53 -35.66 30.93
N TRS I . -6.08 -33.77 31.30
O1 TRS I . -6.50 -36.24 29.37
O2 TRS I . -3.91 -32.41 30.72
O3 TRS I . -3.44 -35.28 31.75
#